data_4BC1
#
_entry.id   4BC1
#
_cell.length_a   135.540
_cell.length_b   173.250
_cell.length_c   224.940
_cell.angle_alpha   90.00
_cell.angle_beta   90.00
_cell.angle_gamma   90.00
#
_symmetry.space_group_name_H-M   'P 21 21 21'
#
loop_
_entity.id
_entity.type
_entity.pdbx_description
1 polymer ACETYLCHOLINESTERASE
2 non-polymer 'O-CRESYL-SALIGENIN PHOSPHATE'
3 non-polymer 2-acetamido-2-deoxy-beta-D-glucopyranose
4 non-polymer 'CHLORIDE ION'
5 non-polymer 'SULFATE ION'
6 water water
#
_entity_poly.entity_id   1
_entity_poly.type   'polypeptide(L)'
_entity_poly.pdbx_seq_one_letter_code
;EGREDPQLLVRVRGGQLRGIRLKAPGGPVSAFLGIPFAEPPVGSRRFMPPEPKRPWSGVLDATTFQNVCYQYVDTLYPGF
EGTEMWNPNRELSEDCLYLNVWTPYPRPASPTPVLIWIYGGGFYSGAASLDVYDGRFLAQVEGAVLVSMNYRVGTFGFLA
LPGSREAPGNVGLLDQRLALQWVQENIAAFGGDPMSVTLFGESAGAASVGMHILSLPSRSLFHRAVLQSGTPNGPWATVS
AGEARRRATLLARLVGCPPGGAGGNDTELIACLRTRPAQDLVDHEWHVLPQESIFRFSFVPVVDGDFLSDTPEALINTGD
FQDLQVLVGVVKDEGSYFLVYGVPGFSKDNESLISRAQFLAGVRIGVPQASDLAAEAVVLHYTDWLHPEDPTHLRDAMSA
VVGDHNVVCPVAQLAGRLAAQGARVYAYIFEHRASTLTWPLWMGVPHGYEIEFIFGLPLDPSLNYTTEERIFAQRLMKYW
TNFARTGDPNDPRDSKSPQWPPYTTAAQQYVSLNLKPLEVRRGLRAQTCAFWNRFLPKLLSAT
;
_entity_poly.pdbx_strand_id   A,B,C,D
#
loop_
_chem_comp.id
_chem_comp.type
_chem_comp.name
_chem_comp.formula
CL non-polymer 'CHLORIDE ION' 'Cl -1'
NAG D-saccharide, beta linking 2-acetamido-2-deoxy-beta-D-glucopyranose 'C8 H15 N O6'
SO4 non-polymer 'SULFATE ION' 'O4 S -2'
TQV non-polymer 'O-CRESYL-SALIGENIN PHOSPHATE' 'C14 H15 O5 P'
#
# COMPACT_ATOMS: atom_id res chain seq x y z
N GLU A 4 15.44 77.48 -6.49
CA GLU A 4 15.12 76.25 -5.76
C GLU A 4 13.61 76.09 -5.57
N ASP A 5 13.08 74.90 -5.84
CA ASP A 5 11.64 74.70 -5.77
C ASP A 5 11.29 74.08 -4.42
N PRO A 6 10.58 74.86 -3.57
CA PRO A 6 10.31 74.44 -2.19
C PRO A 6 9.63 73.09 -2.16
N GLN A 7 8.90 72.75 -3.21
CA GLN A 7 8.17 71.49 -3.24
C GLN A 7 9.06 70.33 -3.65
N LEU A 8 10.20 70.62 -4.24
CA LEU A 8 11.07 69.58 -4.75
C LEU A 8 12.32 69.37 -3.91
N LEU A 9 12.49 70.22 -2.89
CA LEU A 9 13.55 70.03 -1.93
C LEU A 9 12.96 69.35 -0.71
N VAL A 10 13.48 68.18 -0.36
CA VAL A 10 13.15 67.60 0.94
C VAL A 10 14.39 67.33 1.78
N ARG A 11 14.21 67.35 3.09
CA ARG A 11 15.28 66.99 3.98
C ARG A 11 14.76 65.86 4.83
N VAL A 12 15.28 64.67 4.53
CA VAL A 12 15.05 63.48 5.30
C VAL A 12 16.18 63.32 6.32
N ARG A 13 16.15 62.23 7.08
CA ARG A 13 17.10 62.09 8.18
C ARG A 13 18.54 62.03 7.68
N GLY A 14 18.74 61.39 6.54
CA GLY A 14 20.07 61.27 5.96
C GLY A 14 20.61 62.58 5.45
N GLY A 15 19.71 63.44 5.00
CA GLY A 15 20.12 64.74 4.49
C GLY A 15 19.08 65.28 3.52
N GLN A 16 19.52 66.19 2.65
CA GLN A 16 18.66 66.81 1.69
C GLN A 16 18.71 66.11 0.33
N LEU A 17 17.57 66.12 -0.36
CA LEU A 17 17.42 65.54 -1.69
C LEU A 17 16.51 66.40 -2.56
N ARG A 18 16.73 66.36 -3.87
CA ARG A 18 16.01 67.19 -4.83
C ARG A 18 15.20 66.35 -5.80
N GLY A 19 13.91 66.63 -5.89
CA GLY A 19 13.04 65.89 -6.78
C GLY A 19 12.82 66.54 -8.15
N ILE A 20 11.79 66.07 -8.84
CA ILE A 20 11.53 66.48 -10.21
C ILE A 20 10.03 66.64 -10.42
N ARG A 21 9.65 67.70 -11.12
CA ARG A 21 8.24 67.93 -11.39
C ARG A 21 7.83 67.24 -12.69
N LEU A 22 6.94 66.27 -12.58
CA LEU A 22 6.51 65.49 -13.73
C LEU A 22 5.16 65.89 -14.26
N LYS A 23 4.95 65.65 -15.55
CA LYS A 23 3.65 65.84 -16.15
C LYS A 23 2.89 64.52 -16.14
N ALA A 24 1.85 64.46 -15.32
CA ALA A 24 0.85 63.41 -15.45
C ALA A 24 -0.24 64.00 -16.34
N PRO A 25 -1.14 63.15 -16.89
CA PRO A 25 -2.17 63.63 -17.82
C PRO A 25 -2.90 64.86 -17.31
N GLY A 26 -3.35 64.79 -16.06
CA GLY A 26 -4.26 65.79 -15.54
C GLY A 26 -3.61 66.89 -14.74
N GLY A 27 -2.28 66.91 -14.72
CA GLY A 27 -1.57 67.91 -13.95
C GLY A 27 -0.19 67.48 -13.54
N PRO A 28 0.51 68.32 -12.78
CA PRO A 28 1.87 67.98 -12.35
C PRO A 28 1.91 67.14 -11.08
N VAL A 29 2.93 66.33 -10.96
CA VAL A 29 3.13 65.63 -9.70
C VAL A 29 4.57 65.82 -9.29
N SER A 30 4.88 65.49 -8.05
CA SER A 30 6.26 65.53 -7.56
C SER A 30 6.84 64.12 -7.53
N ALA A 31 8.01 63.95 -8.10
CA ALA A 31 8.67 62.65 -8.06
C ALA A 31 10.05 62.76 -7.46
N PHE A 32 10.31 61.98 -6.42
CA PHE A 32 11.62 61.94 -5.80
C PHE A 32 12.05 60.52 -6.01
N LEU A 33 12.89 60.32 -7.03
CA LEU A 33 13.29 58.97 -7.45
C LEU A 33 14.74 58.63 -7.10
N GLY A 34 14.97 57.38 -6.67
CA GLY A 34 16.33 56.91 -6.47
C GLY A 34 16.94 57.38 -5.15
N ILE A 35 16.14 57.33 -4.10
CA ILE A 35 16.57 57.75 -2.78
C ILE A 35 17.20 56.54 -2.09
N PRO A 36 18.43 56.69 -1.58
CA PRO A 36 19.11 55.51 -1.03
C PRO A 36 18.60 55.21 0.37
N PHE A 37 18.22 53.97 0.65
CA PHE A 37 17.71 53.63 1.97
C PHE A 37 18.62 52.69 2.72
N ALA A 38 19.65 52.22 2.05
CA ALA A 38 20.59 51.34 2.69
C ALA A 38 21.95 51.60 2.10
N GLU A 39 22.99 51.23 2.83
CA GLU A 39 24.34 51.17 2.28
C GLU A 39 24.33 50.05 1.27
N PRO A 40 24.93 50.30 0.10
CA PRO A 40 25.03 49.31 -0.98
C PRO A 40 25.61 47.97 -0.53
N PRO A 41 24.80 46.91 -0.67
CA PRO A 41 25.16 45.57 -0.22
C PRO A 41 26.12 44.95 -1.19
N VAL A 42 27.24 45.61 -1.45
CA VAL A 42 28.21 45.08 -2.41
C VAL A 42 29.45 44.53 -1.71
N GLY A 43 30.22 43.73 -2.45
CA GLY A 43 31.42 43.13 -1.91
C GLY A 43 31.13 42.26 -0.69
N SER A 44 31.65 42.65 0.46
CA SER A 44 31.57 41.81 1.65
C SER A 44 30.19 41.90 2.31
N ARG A 45 29.34 42.74 1.76
CA ARG A 45 28.00 42.87 2.29
C ARG A 45 27.05 42.01 1.48
N ARG A 46 27.63 41.18 0.62
CA ARG A 46 26.84 40.30 -0.23
C ARG A 46 26.20 39.20 0.59
N PHE A 47 24.92 38.94 0.33
CA PHE A 47 24.10 37.93 1.02
C PHE A 47 23.74 38.33 2.45
N MET A 48 24.13 39.54 2.86
CA MET A 48 23.96 39.96 4.25
C MET A 48 22.87 41.02 4.39
N PRO A 49 22.24 41.11 5.57
CA PRO A 49 21.16 42.05 5.73
C PRO A 49 21.61 43.47 5.39
N PRO A 50 20.66 44.33 4.99
CA PRO A 50 20.98 45.72 4.64
C PRO A 50 21.40 46.49 5.88
N GLU A 51 22.30 47.45 5.69
CA GLU A 51 22.64 48.43 6.70
C GLU A 51 22.01 49.75 6.29
N PRO A 52 21.40 50.46 7.24
CA PRO A 52 20.89 51.82 7.09
C PRO A 52 21.83 52.74 6.34
N LYS A 53 21.31 53.57 5.44
CA LYS A 53 22.15 54.45 4.65
C LYS A 53 22.81 55.52 5.50
N ARG A 54 24.14 55.51 5.51
CA ARG A 54 24.92 56.52 6.25
C ARG A 54 24.62 57.88 5.64
N PRO A 55 24.30 58.87 6.48
CA PRO A 55 23.98 60.26 6.15
C PRO A 55 24.93 60.87 5.13
N TRP A 56 24.40 61.75 4.30
CA TRP A 56 25.18 62.39 3.26
C TRP A 56 25.11 63.88 3.44
N SER A 57 25.97 64.58 2.71
CA SER A 57 25.99 66.03 2.73
C SER A 57 25.64 66.54 1.36
N GLY A 58 25.28 67.80 1.28
CA GLY A 58 24.86 68.38 0.01
C GLY A 58 23.49 67.86 -0.35
N VAL A 59 22.93 68.36 -1.46
CA VAL A 59 21.60 67.89 -1.86
C VAL A 59 21.72 66.71 -2.82
N LEU A 60 21.16 65.57 -2.43
CA LEU A 60 21.22 64.38 -3.26
C LEU A 60 20.27 64.49 -4.46
N ASP A 61 20.77 64.16 -5.64
CA ASP A 61 19.95 64.26 -6.85
C ASP A 61 18.94 63.11 -6.96
N ALA A 62 17.68 63.42 -6.73
CA ALA A 62 16.64 62.40 -6.72
C ALA A 62 15.60 62.60 -7.83
N THR A 63 16.08 62.66 -9.07
CA THR A 63 15.25 63.06 -10.20
C THR A 63 15.11 61.96 -11.25
N THR A 64 15.83 60.85 -11.03
CA THR A 64 15.93 59.76 -11.97
C THR A 64 15.84 58.45 -11.23
N PHE A 65 15.49 57.39 -11.94
CA PHE A 65 15.41 56.06 -11.34
C PHE A 65 16.81 55.53 -11.11
N GLN A 66 16.97 54.73 -10.07
CA GLN A 66 18.26 54.15 -9.75
C GLN A 66 18.45 52.78 -10.41
N ASN A 67 19.59 52.14 -10.21
CA ASN A 67 19.81 50.83 -10.82
C ASN A 67 18.79 49.77 -10.39
N VAL A 68 18.43 48.91 -11.35
CA VAL A 68 17.72 47.65 -11.12
C VAL A 68 18.69 46.61 -10.50
N CYS A 69 18.20 45.86 -9.51
CA CYS A 69 19.01 44.90 -8.78
C CYS A 69 19.41 43.76 -9.69
N TYR A 70 20.64 43.30 -9.52
CA TYR A 70 21.24 42.33 -10.43
C TYR A 70 20.36 41.12 -10.46
N GLN A 71 20.09 40.60 -11.65
CA GLN A 71 19.01 39.64 -11.82
C GLN A 71 19.04 38.96 -13.19
N TYR A 72 18.42 37.78 -13.27
CA TYR A 72 18.20 37.08 -14.54
C TYR A 72 17.33 37.89 -15.49
N VAL A 73 17.68 37.89 -16.77
CA VAL A 73 16.85 38.57 -17.76
C VAL A 73 16.15 37.63 -18.76
N ASP A 74 14.85 37.86 -18.91
CA ASP A 74 13.96 37.03 -19.71
C ASP A 74 14.17 37.10 -21.24
N THR A 75 14.33 35.94 -21.85
CA THR A 75 14.78 35.82 -23.23
C THR A 75 13.87 34.91 -24.07
N LEU A 76 12.81 34.42 -23.44
CA LEU A 76 11.85 33.54 -24.09
C LEU A 76 11.37 34.05 -25.44
N TYR A 77 10.68 35.18 -25.42
CA TYR A 77 10.18 35.80 -26.63
C TYR A 77 10.79 37.19 -26.77
N PRO A 78 12.03 37.26 -27.27
CA PRO A 78 12.76 38.54 -27.40
C PRO A 78 12.17 39.50 -28.44
N GLY A 79 12.05 40.77 -28.05
CA GLY A 79 11.43 41.77 -28.90
C GLY A 79 9.97 41.94 -28.57
N PHE A 80 9.39 40.88 -28.02
CA PHE A 80 7.96 40.81 -27.72
C PHE A 80 7.63 41.58 -26.46
N GLU A 81 6.74 42.56 -26.57
CA GLU A 81 6.39 43.44 -25.47
C GLU A 81 5.95 42.66 -24.25
N GLY A 82 5.13 41.65 -24.47
CA GLY A 82 4.52 40.87 -23.40
C GLY A 82 5.46 40.24 -22.39
N THR A 83 6.69 39.94 -22.80
CA THR A 83 7.70 39.53 -21.83
C THR A 83 8.57 40.73 -21.42
N GLU A 84 8.95 41.53 -22.39
CA GLU A 84 9.95 42.56 -22.15
C GLU A 84 9.53 43.65 -21.17
N MET A 85 8.21 43.84 -21.04
CA MET A 85 7.68 44.86 -20.14
C MET A 85 8.17 44.62 -18.70
N TRP A 86 8.32 43.35 -18.35
CA TRP A 86 8.79 42.96 -17.02
C TRP A 86 10.31 43.00 -16.88
N ASN A 87 11.03 43.03 -18.01
CA ASN A 87 12.49 43.10 -17.99
C ASN A 87 13.07 44.40 -17.41
N PRO A 88 14.33 44.36 -16.93
CA PRO A 88 14.96 45.53 -16.31
C PRO A 88 15.06 46.67 -17.28
N ASN A 89 14.79 47.89 -16.82
CA ASN A 89 14.81 49.04 -17.72
C ASN A 89 15.85 50.07 -17.34
N ARG A 90 16.62 49.78 -16.28
CA ARG A 90 17.87 50.51 -16.04
C ARG A 90 19.05 49.52 -15.88
N GLU A 91 20.25 50.01 -15.63
CA GLU A 91 21.41 49.12 -15.54
C GLU A 91 21.38 48.15 -14.34
N LEU A 92 22.05 47.01 -14.49
CA LEU A 92 22.21 46.05 -13.40
C LEU A 92 23.39 46.40 -12.50
N SER A 93 23.22 46.13 -11.22
CA SER A 93 24.19 46.48 -10.18
C SER A 93 23.75 45.92 -8.84
N GLU A 94 24.71 45.48 -8.03
CA GLU A 94 24.41 45.03 -6.69
C GLU A 94 24.20 46.26 -5.82
N ASP A 95 24.61 47.42 -6.32
CA ASP A 95 24.28 48.69 -5.69
C ASP A 95 22.91 49.10 -6.19
N CYS A 96 21.87 48.73 -5.46
CA CYS A 96 20.58 48.81 -6.08
C CYS A 96 19.46 49.12 -5.11
N LEU A 97 19.79 49.24 -3.82
CA LEU A 97 18.80 49.52 -2.78
C LEU A 97 18.54 50.99 -2.72
N TYR A 98 17.66 51.41 -3.63
CA TYR A 98 17.11 52.75 -3.69
C TYR A 98 15.60 52.64 -3.70
N LEU A 99 14.91 53.72 -3.34
CA LEU A 99 13.45 53.77 -3.42
C LEU A 99 12.95 55.07 -4.05
N ASN A 100 11.65 55.10 -4.29
CA ASN A 100 10.98 56.22 -4.96
C ASN A 100 9.69 56.64 -4.28
N VAL A 101 9.45 57.95 -4.32
CA VAL A 101 8.21 58.52 -3.81
C VAL A 101 7.56 59.44 -4.83
N TRP A 102 6.30 59.18 -5.16
CA TRP A 102 5.49 60.14 -5.90
C TRP A 102 4.55 60.81 -4.92
N THR A 103 4.39 62.12 -5.03
CA THR A 103 3.35 62.86 -4.28
C THR A 103 2.64 63.86 -5.19
N PRO A 104 1.54 64.48 -4.73
CA PRO A 104 0.96 65.49 -5.61
C PRO A 104 1.83 66.72 -5.65
N TYR A 105 1.61 67.60 -6.62
CA TYR A 105 2.30 68.88 -6.71
C TYR A 105 1.30 70.07 -6.63
N PRO A 106 1.50 70.96 -5.67
CA PRO A 106 2.53 70.98 -4.63
C PRO A 106 2.36 69.82 -3.68
N ARG A 107 3.48 69.40 -3.10
CA ARG A 107 3.49 68.46 -2.00
C ARG A 107 2.28 68.74 -1.08
N PRO A 108 1.52 67.68 -0.71
CA PRO A 108 0.20 67.81 -0.04
C PRO A 108 0.22 68.44 1.36
N ALA A 109 -0.81 69.21 1.69
CA ALA A 109 -0.83 69.99 2.92
C ALA A 109 -1.08 69.16 4.16
N SER A 110 -2.01 68.22 4.05
CA SER A 110 -2.38 67.36 5.16
C SER A 110 -1.82 65.97 4.95
N PRO A 111 -1.43 65.31 6.06
CA PRO A 111 -0.93 63.93 6.13
C PRO A 111 -1.72 63.01 5.20
N THR A 112 -1.03 62.40 4.25
CA THR A 112 -1.72 61.68 3.19
C THR A 112 -1.48 60.18 3.29
N PRO A 113 -2.55 59.38 3.23
CA PRO A 113 -2.39 57.93 3.35
C PRO A 113 -1.42 57.41 2.31
N VAL A 114 -0.43 56.68 2.80
CA VAL A 114 0.72 56.22 2.01
C VAL A 114 0.45 54.84 1.43
N LEU A 115 0.73 54.67 0.15
CA LEU A 115 0.71 53.37 -0.49
C LEU A 115 2.14 52.87 -0.72
N ILE A 116 2.47 51.66 -0.26
CA ILE A 116 3.81 51.14 -0.55
C ILE A 116 3.70 49.95 -1.47
N TRP A 117 4.50 49.96 -2.53
CA TRP A 117 4.38 48.95 -3.56
C TRP A 117 5.57 48.02 -3.54
N ILE A 118 5.28 46.74 -3.40
CA ILE A 118 6.31 45.72 -3.50
C ILE A 118 6.08 44.96 -4.78
N TYR A 119 7.07 44.98 -5.67
CA TYR A 119 6.96 44.31 -6.96
C TYR A 119 7.13 42.81 -6.84
N GLY A 120 6.81 42.08 -7.90
CA GLY A 120 6.99 40.63 -7.93
C GLY A 120 7.98 40.16 -9.01
N GLY A 121 7.83 38.93 -9.45
CA GLY A 121 8.77 38.41 -10.42
C GLY A 121 9.68 37.34 -9.84
N GLY A 122 9.07 36.35 -9.18
CA GLY A 122 9.72 35.11 -8.80
C GLY A 122 10.73 35.16 -7.68
N PHE A 123 10.86 36.33 -7.06
CA PHE A 123 12.00 36.58 -6.18
C PHE A 123 13.30 36.45 -6.98
N TYR A 124 13.17 36.55 -8.31
CA TYR A 124 14.31 36.51 -9.20
C TYR A 124 14.36 37.74 -10.11
N SER A 125 13.25 38.14 -10.70
CA SER A 125 13.28 39.32 -11.55
C SER A 125 12.78 40.47 -10.72
N GLY A 126 12.97 41.69 -11.20
CA GLY A 126 12.32 42.81 -10.55
C GLY A 126 12.89 44.20 -10.54
N ALA A 127 12.01 45.18 -10.67
CA ALA A 127 12.39 46.58 -10.48
C ALA A 127 11.20 47.48 -10.25
N ALA A 128 11.43 48.52 -9.46
CA ALA A 128 10.40 49.38 -8.98
C ALA A 128 10.18 50.48 -10.00
N SER A 129 11.05 50.46 -11.01
CA SER A 129 11.12 51.47 -12.07
C SER A 129 10.46 51.08 -13.40
N LEU A 130 9.83 49.91 -13.45
CA LEU A 130 9.12 49.47 -14.65
C LEU A 130 7.94 50.40 -14.96
N ASP A 131 7.56 50.52 -16.23
CA ASP A 131 6.51 51.47 -16.60
C ASP A 131 5.20 51.15 -15.92
N VAL A 132 4.94 49.86 -15.72
CA VAL A 132 3.67 49.42 -15.14
C VAL A 132 3.50 49.73 -13.65
N TYR A 133 4.58 50.10 -12.97
CA TYR A 133 4.49 50.36 -11.56
C TYR A 133 4.75 51.86 -11.33
N ASP A 134 4.23 52.69 -12.22
CA ASP A 134 4.46 54.15 -12.21
C ASP A 134 3.42 54.86 -11.36
N GLY A 135 3.86 55.39 -10.21
CA GLY A 135 2.97 55.99 -9.24
C GLY A 135 2.38 57.32 -9.65
N ARG A 136 2.85 57.88 -10.76
CA ARG A 136 2.46 59.25 -11.11
C ARG A 136 0.93 59.47 -11.25
N PHE A 137 0.22 58.44 -11.70
CA PHE A 137 -1.21 58.57 -11.95
C PHE A 137 -1.99 58.58 -10.64
N LEU A 138 -1.57 57.72 -9.72
CA LEU A 138 -2.26 57.60 -8.44
C LEU A 138 -2.03 58.89 -7.67
N ALA A 139 -0.81 59.40 -7.78
CA ALA A 139 -0.46 60.65 -7.14
C ALA A 139 -1.32 61.79 -7.69
N GLN A 140 -1.33 61.97 -9.01
CA GLN A 140 -2.05 63.09 -9.60
C GLN A 140 -3.53 63.01 -9.31
N VAL A 141 -4.09 61.83 -9.58
CA VAL A 141 -5.53 61.64 -9.66
C VAL A 141 -6.20 61.40 -8.32
N GLU A 142 -5.66 60.47 -7.54
CA GLU A 142 -6.26 60.15 -6.24
C GLU A 142 -5.59 60.87 -5.09
N GLY A 143 -4.56 61.65 -5.41
CA GLY A 143 -3.88 62.49 -4.44
C GLY A 143 -2.89 61.75 -3.58
N ALA A 144 -2.56 60.53 -3.95
CA ALA A 144 -1.82 59.65 -3.05
C ALA A 144 -0.33 59.94 -2.94
N VAL A 145 0.26 59.46 -1.84
CA VAL A 145 1.70 59.40 -1.71
C VAL A 145 2.12 57.95 -1.94
N LEU A 146 2.80 57.71 -3.05
CA LEU A 146 3.14 56.34 -3.40
C LEU A 146 4.65 56.05 -3.32
N VAL A 147 4.98 55.01 -2.57
CA VAL A 147 6.37 54.63 -2.40
C VAL A 147 6.59 53.25 -2.98
N SER A 148 7.68 53.08 -3.72
CA SER A 148 8.09 51.73 -4.13
C SER A 148 9.58 51.63 -3.98
N MET A 149 10.07 50.51 -3.47
CA MET A 149 11.50 50.33 -3.32
C MET A 149 11.95 49.25 -4.23
N ASN A 150 13.25 49.26 -4.52
CA ASN A 150 13.92 48.08 -5.04
C ASN A 150 14.24 47.19 -3.86
N TYR A 151 14.19 45.89 -4.06
CA TYR A 151 14.72 44.95 -3.08
C TYR A 151 15.55 43.94 -3.82
N ARG A 152 16.42 43.22 -3.11
CA ARG A 152 17.30 42.26 -3.77
C ARG A 152 16.55 41.01 -4.15
N VAL A 153 16.70 40.62 -5.40
CA VAL A 153 16.13 39.37 -5.89
C VAL A 153 17.29 38.40 -6.15
N GLY A 154 16.94 37.17 -6.53
CA GLY A 154 17.93 36.18 -6.94
C GLY A 154 18.79 35.66 -5.79
N THR A 155 19.98 35.13 -6.08
CA THR A 155 20.85 34.67 -5.00
C THR A 155 21.21 35.82 -4.09
N PHE A 156 21.32 37.02 -4.66
CA PHE A 156 21.82 38.15 -3.87
C PHE A 156 20.88 38.40 -2.73
N GLY A 157 19.59 38.29 -3.03
CA GLY A 157 18.54 38.52 -2.06
C GLY A 157 18.18 37.30 -1.24
N PHE A 158 18.35 36.10 -1.78
CA PHE A 158 17.84 34.91 -1.09
C PHE A 158 18.69 33.65 -0.94
N LEU A 159 19.98 33.68 -1.30
CA LEU A 159 20.85 32.52 -1.05
C LEU A 159 21.04 32.37 0.44
N ALA A 160 20.70 31.20 0.97
CA ALA A 160 20.71 31.01 2.42
C ALA A 160 21.43 29.75 2.88
N LEU A 161 22.38 29.93 3.79
CA LEU A 161 22.88 28.84 4.59
C LEU A 161 22.35 29.10 5.98
N PRO A 162 21.12 28.62 6.25
CA PRO A 162 20.28 28.88 7.42
C PRO A 162 21.03 28.69 8.71
N GLY A 163 21.27 29.78 9.44
CA GLY A 163 21.91 29.68 10.73
C GLY A 163 23.28 30.31 10.73
N SER A 164 23.85 30.49 9.55
CA SER A 164 25.12 31.17 9.47
C SER A 164 24.91 32.66 9.66
N ARG A 165 26.02 33.37 9.84
CA ARG A 165 25.98 34.81 10.01
C ARG A 165 26.12 35.46 8.63
N GLU A 166 26.92 34.83 7.77
CA GLU A 166 27.34 35.44 6.50
C GLU A 166 26.30 35.34 5.39
N ALA A 167 25.43 34.33 5.47
CA ALA A 167 24.28 34.22 4.56
C ALA A 167 22.99 33.75 5.28
N PRO A 168 22.41 34.60 6.13
CA PRO A 168 21.33 34.18 7.02
C PRO A 168 20.02 33.86 6.32
N GLY A 169 19.81 34.42 5.13
CA GLY A 169 18.55 34.21 4.43
C GLY A 169 17.49 35.28 4.63
N ASN A 170 16.70 35.49 3.59
CA ASN A 170 15.59 36.44 3.54
C ASN A 170 16.05 37.88 3.53
N VAL A 171 17.30 38.11 3.17
CA VAL A 171 17.79 39.50 3.11
C VAL A 171 17.00 40.41 2.15
N GLY A 172 16.33 39.86 1.14
CA GLY A 172 15.49 40.69 0.28
C GLY A 172 14.29 41.28 1.02
N LEU A 173 13.73 40.43 1.88
CA LEU A 173 12.64 40.81 2.75
C LEU A 173 13.10 41.88 3.73
N LEU A 174 14.31 41.72 4.23
CA LEU A 174 14.89 42.71 5.12
C LEU A 174 15.12 44.03 4.40
N ASP A 175 15.44 43.97 3.10
CA ASP A 175 15.54 45.19 2.29
C ASP A 175 14.18 45.90 2.29
N GLN A 176 13.15 45.16 1.90
CA GLN A 176 11.79 45.67 1.93
C GLN A 176 11.42 46.30 3.28
N ARG A 177 11.83 45.64 4.36
CA ARG A 177 11.49 46.08 5.69
C ARG A 177 12.19 47.39 5.97
N LEU A 178 13.45 47.48 5.60
CA LEU A 178 14.22 48.70 5.81
C LEU A 178 13.52 49.84 5.08
N ALA A 179 13.07 49.58 3.86
CA ALA A 179 12.31 50.58 3.14
C ALA A 179 11.05 51.00 3.93
N LEU A 180 10.39 50.02 4.55
CA LEU A 180 9.23 50.33 5.38
C LEU A 180 9.58 51.24 6.56
N GLN A 181 10.72 50.99 7.17
CA GLN A 181 11.22 51.82 8.26
C GLN A 181 11.51 53.23 7.77
N TRP A 182 12.12 53.34 6.58
CA TRP A 182 12.42 54.64 5.99
C TRP A 182 11.12 55.40 5.83
N VAL A 183 10.10 54.74 5.28
CA VAL A 183 8.80 55.37 5.18
C VAL A 183 8.27 55.83 6.54
N GLN A 184 8.36 54.99 7.56
CA GLN A 184 7.84 55.36 8.88
C GLN A 184 8.55 56.59 9.43
N GLU A 185 9.86 56.67 9.15
CA GLU A 185 10.72 57.72 9.67
C GLU A 185 10.74 59.03 8.87
N ASN A 186 10.33 58.99 7.60
CA ASN A 186 10.56 60.11 6.69
C ASN A 186 9.37 60.51 5.80
N ILE A 187 8.33 59.69 5.72
CA ILE A 187 7.31 59.98 4.72
C ILE A 187 6.53 61.25 5.07
N ALA A 188 6.60 61.66 6.33
CA ALA A 188 5.91 62.86 6.79
C ALA A 188 6.45 64.09 6.09
N ALA A 189 7.74 64.04 5.76
CA ALA A 189 8.45 65.17 5.15
C ALA A 189 7.89 65.48 3.77
N PHE A 190 7.41 64.43 3.11
CA PHE A 190 6.82 64.55 1.79
C PHE A 190 5.31 64.78 1.86
N GLY A 191 4.73 64.73 3.05
CA GLY A 191 3.30 64.93 3.19
C GLY A 191 2.55 63.66 3.45
N GLY A 192 3.24 62.52 3.35
CA GLY A 192 2.68 61.24 3.70
C GLY A 192 2.31 61.20 5.17
N ASP A 193 1.67 60.13 5.60
CA ASP A 193 1.15 60.02 6.96
C ASP A 193 1.55 58.67 7.52
N PRO A 194 2.57 58.65 8.38
CA PRO A 194 3.07 57.37 8.91
C PRO A 194 1.99 56.58 9.65
N MET A 195 0.92 57.25 10.08
CA MET A 195 -0.15 56.62 10.83
C MET A 195 -1.10 55.78 9.97
N SER A 196 -0.95 55.88 8.66
CA SER A 196 -1.78 55.11 7.74
C SER A 196 -0.98 54.62 6.53
N VAL A 197 -0.39 53.45 6.68
CA VAL A 197 0.40 52.86 5.61
C VAL A 197 -0.19 51.55 5.11
N THR A 198 -0.44 51.51 3.81
CA THR A 198 -0.89 50.30 3.14
C THR A 198 0.22 49.71 2.27
N LEU A 199 0.45 48.41 2.42
CA LEU A 199 1.34 47.72 1.52
C LEU A 199 0.47 47.06 0.45
N PHE A 200 0.80 47.23 -0.82
CA PHE A 200 0.18 46.41 -1.84
C PHE A 200 1.23 45.77 -2.73
N GLY A 201 1.01 44.51 -3.10
CA GLY A 201 1.95 43.81 -3.95
C GLY A 201 1.31 42.80 -4.87
N GLU A 202 2.14 42.17 -5.71
CA GLU A 202 1.65 41.21 -6.72
C GLU A 202 2.59 40.03 -6.93
N SER A 203 2.05 38.83 -7.17
CA SER A 203 2.87 37.62 -7.40
C SER A 203 3.80 37.55 -6.17
N ALA A 204 5.09 37.36 -6.38
CA ALA A 204 6.06 37.38 -5.30
C ALA A 204 5.90 38.59 -4.37
N GLY A 205 5.66 39.75 -4.96
CA GLY A 205 5.34 40.95 -4.20
C GLY A 205 4.27 40.72 -3.15
N ALA A 206 3.14 40.15 -3.56
CA ALA A 206 2.07 39.83 -2.62
C ALA A 206 2.57 38.88 -1.55
N ALA A 207 3.35 37.89 -1.96
CA ALA A 207 3.92 36.95 -0.99
C ALA A 207 4.72 37.74 0.01
N SER A 208 5.52 38.70 -0.48
CA SER A 208 6.29 39.52 0.41
C SER A 208 5.39 40.24 1.39
N VAL A 209 4.30 40.85 0.87
CA VAL A 209 3.32 41.55 1.71
C VAL A 209 2.79 40.57 2.73
N GLY A 210 2.48 39.37 2.28
CA GLY A 210 2.02 38.34 3.20
C GLY A 210 3.02 38.13 4.31
N MET A 211 4.29 37.95 3.94
CA MET A 211 5.29 37.74 4.94
C MET A 211 5.38 38.89 5.92
N HIS A 212 5.26 40.12 5.44
CA HIS A 212 5.38 41.21 6.40
C HIS A 212 4.19 41.23 7.37
N ILE A 213 3.04 40.72 6.93
CA ILE A 213 1.91 40.55 7.83
C ILE A 213 2.32 39.58 8.93
N LEU A 214 2.93 38.48 8.52
CA LEU A 214 3.25 37.37 9.41
C LEU A 214 4.49 37.55 10.30
N SER A 215 5.31 38.55 10.05
CA SER A 215 6.55 38.70 10.82
C SER A 215 6.51 39.94 11.65
N LEU A 216 6.40 39.77 12.97
CA LEU A 216 6.10 40.89 13.89
C LEU A 216 6.76 42.26 13.65
N PRO A 217 8.11 42.31 13.61
CA PRO A 217 8.75 43.62 13.44
C PRO A 217 8.39 44.35 12.15
N SER A 218 7.91 43.66 11.11
CA SER A 218 7.39 44.33 9.93
C SER A 218 5.98 44.77 10.24
N ARG A 219 5.23 43.90 10.91
CA ARG A 219 3.81 44.14 11.19
C ARG A 219 3.61 45.45 11.94
N SER A 220 4.59 45.76 12.79
CA SER A 220 4.53 47.00 13.54
C SER A 220 4.62 48.28 12.66
N LEU A 221 5.04 48.13 11.40
CA LEU A 221 5.29 49.28 10.50
C LEU A 221 4.20 49.66 9.47
N PHE A 222 3.02 49.06 9.54
CA PHE A 222 1.96 49.40 8.59
C PHE A 222 0.64 48.90 9.11
N HIS A 223 -0.42 49.14 8.36
CA HIS A 223 -1.76 48.97 8.91
C HIS A 223 -2.72 48.14 8.04
N ARG A 224 -2.54 48.21 6.74
CA ARG A 224 -3.41 47.53 5.80
C ARG A 224 -2.63 46.85 4.69
N ALA A 225 -3.12 45.70 4.24
CA ALA A 225 -2.44 45.02 3.13
C ALA A 225 -3.35 44.75 1.95
N VAL A 226 -2.76 44.68 0.77
CA VAL A 226 -3.44 44.23 -0.43
C VAL A 226 -2.53 43.21 -1.10
N LEU A 227 -3.04 41.99 -1.21
CA LEU A 227 -2.36 40.90 -1.90
C LEU A 227 -3.02 40.54 -3.25
N GLN A 228 -2.35 40.93 -4.33
CA GLN A 228 -2.83 40.64 -5.67
C GLN A 228 -2.16 39.41 -6.30
N SER A 229 -2.92 38.35 -6.53
CA SER A 229 -2.40 37.16 -7.20
C SER A 229 -1.13 36.61 -6.55
N GLY A 230 -1.14 36.46 -5.23
CA GLY A 230 -0.02 35.83 -4.54
C GLY A 230 -0.25 35.75 -3.05
N THR A 231 0.34 34.76 -2.40
CA THR A 231 0.19 34.59 -0.95
C THR A 231 1.51 34.16 -0.29
N PRO A 232 1.62 34.35 1.04
CA PRO A 232 2.82 33.88 1.72
C PRO A 232 2.79 32.37 1.90
N ASN A 233 1.60 31.77 1.96
CA ASN A 233 1.46 30.32 1.97
C ASN A 233 1.48 29.81 0.54
N GLY A 234 1.24 28.52 0.32
CA GLY A 234 1.33 28.00 -1.03
C GLY A 234 2.65 27.33 -1.43
N PRO A 235 2.69 26.71 -2.61
CA PRO A 235 3.81 25.84 -2.96
C PRO A 235 5.12 26.52 -3.35
N TRP A 236 5.10 27.80 -3.73
CA TRP A 236 6.26 28.39 -4.40
C TRP A 236 6.98 29.49 -3.66
N ALA A 237 6.34 30.05 -2.64
CA ALA A 237 6.78 31.28 -2.01
C ALA A 237 7.81 31.10 -0.90
N THR A 238 8.00 29.86 -0.44
CA THR A 238 8.98 29.58 0.62
C THR A 238 9.80 28.30 0.42
N VAL A 239 10.80 28.09 1.26
CA VAL A 239 11.55 26.84 1.26
C VAL A 239 11.94 26.47 2.67
N SER A 240 11.91 25.18 2.98
CA SER A 240 12.52 24.72 4.23
C SER A 240 14.00 25.07 4.27
N ALA A 241 14.52 25.26 5.48
CA ALA A 241 15.92 25.56 5.66
C ALA A 241 16.80 24.45 5.08
N GLY A 242 16.28 23.22 5.12
CA GLY A 242 17.00 22.10 4.56
C GLY A 242 17.23 22.32 3.07
N GLU A 243 16.14 22.47 2.35
CA GLU A 243 16.21 22.72 0.92
C GLU A 243 17.04 23.95 0.59
N ALA A 244 16.80 25.08 1.26
CA ALA A 244 17.63 26.26 1.02
C ALA A 244 19.12 25.90 1.13
N ARG A 245 19.49 25.22 2.21
CA ARG A 245 20.89 24.87 2.44
C ARG A 245 21.46 24.01 1.29
N ARG A 246 20.72 22.94 0.96
CA ARG A 246 20.97 22.15 -0.23
C ARG A 246 21.23 23.03 -1.46
N ARG A 247 20.24 23.84 -1.85
CA ARG A 247 20.32 24.70 -3.03
C ARG A 247 21.55 25.63 -3.06
N ALA A 248 21.86 26.28 -1.94
CA ALA A 248 23.00 27.19 -1.87
C ALA A 248 24.28 26.42 -2.04
N THR A 249 24.39 25.36 -1.24
CA THR A 249 25.55 24.47 -1.35
C THR A 249 25.77 24.07 -2.82
N LEU A 250 24.73 23.56 -3.46
CA LEU A 250 24.80 23.12 -4.85
C LEU A 250 25.20 24.24 -5.80
N LEU A 251 24.61 25.41 -5.64
CA LEU A 251 24.98 26.56 -6.46
C LEU A 251 26.47 26.83 -6.37
N ALA A 252 26.97 26.87 -5.14
CA ALA A 252 28.39 27.05 -4.90
C ALA A 252 29.18 26.00 -5.65
N ARG A 253 28.78 24.75 -5.52
CA ARG A 253 29.46 23.66 -6.22
C ARG A 253 29.52 23.98 -7.72
N LEU A 254 28.40 24.44 -8.27
CA LEU A 254 28.28 24.72 -9.69
C LEU A 254 29.18 25.87 -10.14
N VAL A 255 29.42 26.87 -9.29
CA VAL A 255 30.36 27.92 -9.69
C VAL A 255 31.77 27.69 -9.17
N GLY A 256 32.14 26.43 -9.03
CA GLY A 256 33.50 26.07 -8.66
C GLY A 256 33.84 26.41 -7.23
N CYS A 257 32.81 26.71 -6.45
CA CYS A 257 33.00 27.11 -5.06
C CYS A 257 32.81 25.99 -4.04
N PRO A 258 33.41 24.82 -4.28
CA PRO A 258 33.55 24.21 -2.96
C PRO A 258 34.60 24.93 -2.08
N PRO A 259 35.82 25.25 -2.60
CA PRO A 259 36.47 25.14 -3.92
C PRO A 259 36.97 23.74 -4.35
N GLY A 260 37.66 23.01 -3.47
CA GLY A 260 38.17 21.69 -3.79
C GLY A 260 37.15 20.55 -3.72
N GLY A 261 36.29 20.59 -2.71
CA GLY A 261 35.23 19.60 -2.56
C GLY A 261 34.38 19.80 -1.31
N ALA A 262 34.68 20.84 -0.53
CA ALA A 262 34.03 21.08 0.75
C ALA A 262 32.65 21.75 0.65
N GLY A 263 32.37 22.62 1.61
CA GLY A 263 31.08 23.28 1.75
C GLY A 263 30.58 23.25 3.18
N GLY A 264 31.34 22.55 4.03
CA GLY A 264 30.98 22.35 5.43
C GLY A 264 31.18 23.58 6.31
N ASN A 265 32.34 24.20 6.21
CA ASN A 265 32.56 25.50 6.82
C ASN A 265 31.78 26.53 6.01
N ASP A 266 30.67 27.01 6.56
CA ASP A 266 29.79 27.92 5.83
C ASP A 266 30.52 29.20 5.49
N THR A 267 31.27 29.68 6.47
CA THR A 267 31.92 30.97 6.35
C THR A 267 32.82 30.96 5.13
N GLU A 268 33.66 29.94 5.02
CA GLU A 268 34.61 29.79 3.92
C GLU A 268 33.97 29.45 2.59
N LEU A 269 32.66 29.22 2.60
CA LEU A 269 31.88 28.93 1.39
C LEU A 269 31.31 30.21 0.85
N ILE A 270 30.56 30.90 1.72
CA ILE A 270 29.97 32.18 1.37
C ILE A 270 31.07 33.14 0.96
N ALA A 271 32.22 32.97 1.62
CA ALA A 271 33.41 33.73 1.29
C ALA A 271 33.81 33.53 -0.16
N CYS A 272 33.91 32.26 -0.58
CA CYS A 272 34.26 31.97 -1.96
C CYS A 272 33.23 32.58 -2.90
N LEU A 273 31.95 32.40 -2.55
CA LEU A 273 30.84 32.92 -3.36
C LEU A 273 30.96 34.41 -3.59
N ARG A 274 31.31 35.13 -2.54
CA ARG A 274 31.50 36.58 -2.64
C ARG A 274 32.64 36.98 -3.58
N THR A 275 33.56 36.05 -3.84
CA THR A 275 34.60 36.29 -4.83
C THR A 275 34.14 36.00 -6.25
N ARG A 276 32.83 35.87 -6.47
CA ARG A 276 32.34 35.50 -7.80
C ARG A 276 31.62 36.64 -8.46
N PRO A 277 31.90 36.86 -9.74
CA PRO A 277 31.14 37.83 -10.53
C PRO A 277 29.64 37.56 -10.43
N ALA A 278 28.85 38.62 -10.43
CA ALA A 278 27.41 38.52 -10.22
C ALA A 278 26.73 37.73 -11.34
N GLN A 279 27.18 37.91 -12.58
CA GLN A 279 26.58 37.15 -13.65
C GLN A 279 26.93 35.66 -13.59
N ASP A 280 27.99 35.28 -12.88
CA ASP A 280 28.29 33.87 -12.67
C ASP A 280 27.11 33.27 -11.89
N LEU A 281 26.81 33.92 -10.77
CA LEU A 281 25.67 33.56 -9.93
C LEU A 281 24.34 33.59 -10.69
N VAL A 282 24.13 34.60 -11.52
CA VAL A 282 22.89 34.58 -12.26
C VAL A 282 22.88 33.38 -13.20
N ASP A 283 23.74 33.42 -14.21
CA ASP A 283 23.87 32.32 -15.16
C ASP A 283 23.84 30.91 -14.56
N HIS A 284 24.07 30.80 -13.26
CA HIS A 284 23.92 29.49 -12.61
C HIS A 284 22.72 29.28 -11.66
N GLU A 285 21.99 30.32 -11.29
CA GLU A 285 20.96 30.19 -10.25
C GLU A 285 19.82 29.19 -10.49
N TRP A 286 19.36 29.06 -11.73
CA TRP A 286 18.20 28.21 -12.01
C TRP A 286 18.54 26.73 -11.98
N HIS A 287 19.83 26.44 -11.98
CA HIS A 287 20.30 25.08 -12.18
C HIS A 287 20.05 24.20 -10.96
N VAL A 288 19.80 24.82 -9.81
CA VAL A 288 19.65 24.05 -8.59
C VAL A 288 18.22 23.52 -8.33
N LEU A 289 17.23 23.98 -9.08
CA LEU A 289 15.88 23.45 -8.94
C LEU A 289 15.88 21.94 -9.03
N PRO A 290 15.26 21.26 -8.05
CA PRO A 290 15.27 19.80 -7.89
C PRO A 290 14.48 19.03 -8.93
N GLN A 291 13.36 19.60 -9.39
CA GLN A 291 12.51 18.91 -10.36
C GLN A 291 12.19 19.76 -11.57
N GLU A 292 11.75 19.10 -12.63
CA GLU A 292 11.29 19.76 -13.83
C GLU A 292 9.93 20.46 -13.58
N SER A 293 9.91 21.78 -13.62
CA SER A 293 8.79 22.50 -13.06
C SER A 293 8.57 23.83 -13.73
N ILE A 294 7.40 24.41 -13.46
CA ILE A 294 7.15 25.83 -13.72
C ILE A 294 6.64 26.42 -12.43
N PHE A 295 6.66 27.75 -12.34
CA PHE A 295 6.15 28.47 -11.18
C PHE A 295 6.91 28.06 -9.91
N ARG A 296 8.23 27.94 -10.06
CA ARG A 296 9.12 27.60 -8.96
C ARG A 296 10.47 28.23 -9.22
N PHE A 297 10.98 29.03 -8.28
N PHE A 297 11.04 28.86 -8.19
CA PHE A 297 12.32 29.57 -8.47
CA PHE A 297 12.25 29.64 -8.36
C PHE A 297 13.25 29.14 -7.36
C PHE A 297 13.28 29.24 -7.30
N SER A 298 14.52 29.02 -7.73
CA SER A 298 15.57 28.54 -6.86
C SER A 298 15.69 29.20 -5.49
N PHE A 299 15.58 30.53 -5.45
CA PHE A 299 15.83 31.25 -4.21
C PHE A 299 14.68 32.15 -3.79
N VAL A 300 14.00 31.77 -2.71
CA VAL A 300 12.80 32.45 -2.26
C VAL A 300 12.90 32.68 -0.76
N PRO A 301 11.90 33.33 -0.14
CA PRO A 301 11.96 33.35 1.32
C PRO A 301 12.16 31.96 1.94
N VAL A 302 12.93 31.91 3.02
CA VAL A 302 13.23 30.66 3.67
C VAL A 302 12.56 30.64 5.01
N VAL A 303 12.33 29.46 5.55
CA VAL A 303 11.71 29.35 6.84
C VAL A 303 12.81 29.14 7.88
N ASP A 304 13.39 30.25 8.30
CA ASP A 304 14.53 30.30 9.22
C ASP A 304 14.19 30.29 10.72
N GLY A 305 12.91 30.39 11.06
CA GLY A 305 12.52 30.56 12.44
C GLY A 305 13.04 31.88 12.99
N ASP A 306 13.22 32.85 12.12
CA ASP A 306 13.58 34.20 12.53
C ASP A 306 12.60 35.19 11.88
N PHE A 307 12.77 35.46 10.59
CA PHE A 307 11.82 36.31 9.92
C PHE A 307 10.48 35.64 9.97
N LEU A 308 10.46 34.38 9.55
CA LEU A 308 9.26 33.57 9.68
C LEU A 308 9.49 32.61 10.83
N SER A 309 8.74 32.82 11.91
CA SER A 309 8.92 32.04 13.12
C SER A 309 8.47 30.58 12.92
N ASP A 310 7.53 30.37 12.00
CA ASP A 310 7.19 29.02 11.56
C ASP A 310 6.84 29.09 10.07
N THR A 311 6.33 28.00 9.51
CA THR A 311 5.85 28.02 8.13
C THR A 311 4.76 29.06 8.04
N PRO A 312 4.56 29.65 6.86
CA PRO A 312 3.49 30.64 6.76
C PRO A 312 2.20 29.96 7.12
N GLU A 313 1.99 28.75 6.62
CA GLU A 313 0.69 28.10 6.77
C GLU A 313 0.29 27.99 8.25
N ALA A 314 1.28 27.67 9.08
CA ALA A 314 1.13 27.62 10.53
C ALA A 314 0.65 28.97 11.07
N LEU A 315 1.40 30.02 10.73
CA LEU A 315 1.14 31.36 11.20
C LEU A 315 -0.24 31.86 10.82
N ILE A 316 -0.63 31.65 9.57
CA ILE A 316 -1.94 32.09 9.11
C ILE A 316 -3.00 31.25 9.81
N ASN A 317 -2.61 30.04 10.20
CA ASN A 317 -3.57 29.21 10.90
C ASN A 317 -3.83 29.67 12.33
N THR A 318 -2.78 30.12 12.99
CA THR A 318 -2.79 30.28 14.44
C THR A 318 -2.54 31.72 14.88
N GLY A 319 -2.64 32.66 13.95
CA GLY A 319 -2.40 34.05 14.28
C GLY A 319 -3.62 34.70 14.90
N ASP A 320 -3.50 35.99 15.23
CA ASP A 320 -4.66 36.81 15.60
C ASP A 320 -4.64 38.08 14.78
N PHE A 321 -5.61 38.23 13.90
CA PHE A 321 -5.56 39.32 12.95
C PHE A 321 -6.72 40.33 13.08
N GLN A 322 -7.23 40.52 14.30
CA GLN A 322 -8.32 41.47 14.52
C GLN A 322 -7.91 42.87 14.06
N ASP A 323 -6.63 43.17 14.24
CA ASP A 323 -6.06 44.49 14.03
C ASP A 323 -5.96 44.88 12.55
N LEU A 324 -6.43 44.02 11.66
CA LEU A 324 -5.94 44.02 10.29
C LEU A 324 -7.00 43.95 9.19
N GLN A 325 -6.79 44.75 8.15
CA GLN A 325 -7.63 44.70 6.96
C GLN A 325 -6.79 44.34 5.76
N VAL A 326 -7.30 43.37 5.00
CA VAL A 326 -6.64 42.87 3.79
C VAL A 326 -7.57 42.86 2.61
N LEU A 327 -7.03 43.21 1.45
CA LEU A 327 -7.71 43.07 0.19
C LEU A 327 -6.96 42.03 -0.66
N VAL A 328 -7.56 40.86 -0.89
CA VAL A 328 -6.97 39.80 -1.68
C VAL A 328 -7.70 39.61 -2.99
N GLY A 329 -6.98 39.16 -4.01
CA GLY A 329 -7.67 38.83 -5.25
C GLY A 329 -6.87 38.11 -6.32
N VAL A 330 -7.55 37.55 -7.30
CA VAL A 330 -6.86 36.91 -8.42
C VAL A 330 -7.34 37.41 -9.78
N VAL A 331 -6.51 37.26 -10.82
CA VAL A 331 -6.99 37.50 -12.18
C VAL A 331 -7.70 36.25 -12.68
N LYS A 332 -8.38 36.35 -13.82
CA LYS A 332 -9.28 35.28 -14.26
C LYS A 332 -8.55 34.07 -14.79
N ASP A 333 -7.33 34.28 -15.27
CA ASP A 333 -6.59 33.19 -15.87
C ASP A 333 -5.17 33.12 -15.32
N GLU A 334 -5.08 32.89 -14.03
CA GLU A 334 -3.80 32.86 -13.34
C GLU A 334 -2.75 31.98 -14.01
N GLY A 335 -3.17 30.83 -14.52
CA GLY A 335 -2.21 29.82 -14.91
C GLY A 335 -1.58 30.04 -16.27
N SER A 336 -2.32 30.64 -17.19
CA SER A 336 -1.94 30.59 -18.59
C SER A 336 -0.52 31.07 -18.89
N TYR A 337 -0.12 32.21 -18.32
CA TYR A 337 1.17 32.83 -18.64
C TYR A 337 2.31 31.84 -18.47
N PHE A 338 2.21 30.98 -17.46
CA PHE A 338 3.32 30.12 -17.08
C PHE A 338 3.52 28.94 -18.01
N LEU A 339 2.47 28.58 -18.74
CA LEU A 339 2.52 27.38 -19.57
C LEU A 339 3.54 27.49 -20.70
N VAL A 340 3.78 28.72 -21.17
CA VAL A 340 4.68 28.87 -22.30
C VAL A 340 6.13 28.78 -21.83
N TYR A 341 6.30 28.70 -20.52
CA TYR A 341 7.61 28.66 -19.90
C TYR A 341 8.07 27.26 -19.51
N GLY A 342 7.47 26.22 -20.08
CA GLY A 342 7.87 24.89 -19.69
C GLY A 342 6.98 23.75 -20.11
N VAL A 343 5.67 23.97 -20.11
CA VAL A 343 4.73 22.92 -20.49
C VAL A 343 4.63 22.81 -22.02
N PRO A 344 5.14 21.70 -22.58
CA PRO A 344 5.26 21.52 -24.02
C PRO A 344 3.90 21.50 -24.71
N GLY A 345 3.76 22.27 -25.77
CA GLY A 345 2.56 22.30 -26.58
C GLY A 345 1.90 23.65 -26.48
N PHE A 346 2.45 24.50 -25.63
CA PHE A 346 1.90 25.83 -25.35
C PHE A 346 2.80 26.95 -25.87
N SER A 347 2.24 27.83 -26.68
CA SER A 347 2.99 28.93 -27.26
C SER A 347 2.13 30.18 -27.37
N LYS A 348 2.77 31.34 -27.44
CA LYS A 348 2.04 32.59 -27.63
C LYS A 348 1.60 32.74 -29.08
N ASP A 349 2.11 31.84 -29.92
CA ASP A 349 2.04 32.01 -31.36
C ASP A 349 0.88 31.27 -32.00
N ASN A 350 0.16 30.48 -31.23
CA ASN A 350 -1.01 29.77 -31.76
C ASN A 350 -2.01 29.39 -30.68
N GLU A 351 -3.10 28.74 -31.05
CA GLU A 351 -4.16 28.40 -30.09
C GLU A 351 -3.74 27.40 -29.01
N SER A 352 -2.52 26.86 -29.12
CA SER A 352 -1.98 25.94 -28.14
C SER A 352 -2.97 24.84 -27.77
N LEU A 353 -3.40 24.09 -28.76
CA LEU A 353 -4.32 22.98 -28.53
C LEU A 353 -3.49 21.72 -28.28
N ILE A 354 -3.81 20.98 -27.22
CA ILE A 354 -2.93 19.91 -26.80
C ILE A 354 -3.56 18.54 -26.78
N SER A 355 -2.69 17.53 -26.92
CA SER A 355 -3.13 16.14 -26.84
C SER A 355 -3.29 15.79 -25.38
N ARG A 356 -3.97 14.68 -25.12
CA ARG A 356 -4.16 14.26 -23.75
C ARG A 356 -2.82 13.92 -23.11
N ALA A 357 -1.95 13.29 -23.89
CA ALA A 357 -0.62 12.94 -23.41
C ALA A 357 0.13 14.17 -22.89
N GLN A 358 0.21 15.20 -23.73
CA GLN A 358 0.82 16.46 -23.34
C GLN A 358 0.17 17.05 -22.09
N PHE A 359 -1.14 16.85 -21.96
CA PHE A 359 -1.82 17.28 -20.74
C PHE A 359 -1.29 16.53 -19.50
N LEU A 360 -1.20 15.21 -19.58
CA LEU A 360 -0.73 14.47 -18.41
C LEU A 360 0.71 14.88 -18.04
N ALA A 361 1.58 14.92 -19.05
CA ALA A 361 2.97 15.31 -18.82
C ALA A 361 3.04 16.72 -18.23
N GLY A 362 2.09 17.53 -18.68
CA GLY A 362 2.00 18.92 -18.27
C GLY A 362 1.57 19.00 -16.82
N VAL A 363 0.78 18.04 -16.36
CA VAL A 363 0.36 18.06 -14.97
C VAL A 363 1.56 17.73 -14.15
N ARG A 364 2.30 16.70 -14.57
CA ARG A 364 3.55 16.36 -13.85
C ARG A 364 4.49 17.57 -13.73
N ILE A 365 4.64 18.35 -14.81
CA ILE A 365 5.45 19.58 -14.76
C ILE A 365 4.87 20.69 -13.88
N GLY A 366 3.57 20.94 -14.01
CA GLY A 366 2.89 21.99 -13.29
C GLY A 366 2.74 21.72 -11.79
N VAL A 367 2.37 20.49 -11.42
CA VAL A 367 2.33 20.12 -10.00
C VAL A 367 3.54 19.25 -9.66
N PRO A 368 4.74 19.86 -9.64
CA PRO A 368 6.04 19.20 -9.71
C PRO A 368 6.28 18.22 -8.57
N GLN A 369 5.83 18.61 -7.39
CA GLN A 369 6.02 17.84 -6.19
CA GLN A 369 6.05 17.80 -6.20
C GLN A 369 4.87 16.86 -5.91
N ALA A 370 4.09 16.55 -6.94
CA ALA A 370 3.03 15.56 -6.78
C ALA A 370 3.60 14.15 -6.80
N SER A 371 2.97 13.26 -6.03
CA SER A 371 3.21 11.83 -6.17
C SER A 371 2.43 11.38 -7.40
N ASP A 372 2.73 10.19 -7.90
CA ASP A 372 1.98 9.66 -9.03
C ASP A 372 0.48 9.69 -8.72
N LEU A 373 0.13 9.31 -7.48
CA LEU A 373 -1.28 9.26 -7.09
C LEU A 373 -1.92 10.67 -7.01
N ALA A 374 -1.16 11.62 -6.51
CA ALA A 374 -1.61 13.00 -6.47
C ALA A 374 -1.91 13.46 -7.89
N ALA A 375 -0.97 13.21 -8.80
CA ALA A 375 -1.13 13.57 -10.19
C ALA A 375 -2.36 12.91 -10.79
N GLU A 376 -2.58 11.66 -10.42
CA GLU A 376 -3.74 10.94 -10.90
C GLU A 376 -5.01 11.63 -10.43
N ALA A 377 -5.04 12.07 -9.17
CA ALA A 377 -6.22 12.75 -8.65
C ALA A 377 -6.45 14.05 -9.38
N VAL A 378 -5.36 14.73 -9.69
CA VAL A 378 -5.46 15.99 -10.38
C VAL A 378 -6.09 15.77 -11.74
N VAL A 379 -5.51 14.85 -12.51
CA VAL A 379 -5.98 14.54 -13.86
C VAL A 379 -7.44 14.15 -13.82
N LEU A 380 -7.79 13.30 -12.85
CA LEU A 380 -9.18 12.88 -12.69
C LEU A 380 -10.11 14.09 -12.46
N HIS A 381 -9.76 14.98 -11.56
CA HIS A 381 -10.61 16.13 -11.25
C HIS A 381 -10.75 17.09 -12.41
N TYR A 382 -9.68 17.22 -13.20
CA TYR A 382 -9.64 18.27 -14.21
C TYR A 382 -10.11 17.84 -15.59
N THR A 383 -10.28 16.54 -15.78
CA THR A 383 -10.75 16.02 -17.05
C THR A 383 -12.26 16.18 -17.12
N ASP A 384 -12.75 16.53 -18.32
CA ASP A 384 -14.16 16.38 -18.63
C ASP A 384 -14.29 14.97 -19.20
N TRP A 385 -14.89 14.07 -18.42
CA TRP A 385 -14.90 12.66 -18.76
C TRP A 385 -15.87 12.32 -19.89
N LEU A 386 -16.61 13.33 -20.33
CA LEU A 386 -17.53 13.18 -21.44
C LEU A 386 -16.79 13.41 -22.75
N HIS A 387 -15.82 14.32 -22.71
CA HIS A 387 -14.96 14.61 -23.85
C HIS A 387 -13.50 14.74 -23.37
N PRO A 388 -12.89 13.61 -23.00
CA PRO A 388 -11.56 13.54 -22.38
C PRO A 388 -10.46 13.88 -23.36
N GLU A 389 -10.80 13.83 -24.64
CA GLU A 389 -9.82 13.99 -25.71
C GLU A 389 -9.78 15.41 -26.27
N ASP A 390 -10.87 16.15 -26.08
CA ASP A 390 -11.01 17.53 -26.55
C ASP A 390 -9.81 18.40 -26.16
N PRO A 391 -9.07 18.89 -27.17
CA PRO A 391 -7.91 19.74 -26.97
C PRO A 391 -8.26 21.03 -26.29
N THR A 392 -9.39 21.65 -26.62
CA THR A 392 -9.69 22.95 -26.05
C THR A 392 -9.92 22.86 -24.53
N HIS A 393 -10.76 21.90 -24.13
CA HIS A 393 -10.99 21.69 -22.70
CA HIS A 393 -11.02 21.62 -22.73
C HIS A 393 -9.69 21.34 -22.02
N LEU A 394 -8.86 20.52 -22.67
CA LEU A 394 -7.56 20.16 -22.10
C LEU A 394 -6.68 21.38 -21.83
N ARG A 395 -6.42 22.16 -22.86
CA ARG A 395 -5.67 23.41 -22.77
C ARG A 395 -6.13 24.26 -21.59
N ASP A 396 -7.43 24.64 -21.64
CA ASP A 396 -8.01 25.44 -20.55
C ASP A 396 -7.86 24.81 -19.17
N ALA A 397 -7.93 23.47 -19.14
CA ALA A 397 -7.72 22.71 -17.92
C ALA A 397 -6.31 22.85 -17.41
N MET A 398 -5.32 22.80 -18.28
CA MET A 398 -3.94 22.87 -17.84
C MET A 398 -3.70 24.26 -17.23
N SER A 399 -4.18 25.28 -17.96
CA SER A 399 -4.19 26.66 -17.42
C SER A 399 -4.80 26.69 -16.00
N ALA A 400 -5.96 26.05 -15.87
CA ALA A 400 -6.62 25.99 -14.58
C ALA A 400 -5.81 25.28 -13.49
N VAL A 401 -5.32 24.07 -13.74
CA VAL A 401 -4.45 23.37 -12.79
C VAL A 401 -3.39 24.31 -12.29
N VAL A 402 -2.59 24.86 -13.19
CA VAL A 402 -1.50 25.72 -12.71
C VAL A 402 -1.98 26.94 -11.89
N GLY A 403 -3.07 27.55 -12.34
CA GLY A 403 -3.60 28.72 -11.65
C GLY A 403 -4.15 28.42 -10.27
N ASP A 404 -4.98 27.41 -10.19
CA ASP A 404 -5.56 26.93 -8.96
C ASP A 404 -4.52 26.51 -7.96
N HIS A 405 -3.55 25.73 -8.42
CA HIS A 405 -2.52 25.19 -7.56
C HIS A 405 -1.67 26.29 -6.99
N ASN A 406 -1.19 27.18 -7.87
CA ASN A 406 -0.20 28.16 -7.42
C ASN A 406 -0.76 29.45 -6.84
N VAL A 407 -1.86 29.93 -7.39
CA VAL A 407 -2.38 31.20 -6.97
C VAL A 407 -3.75 31.09 -6.33
N VAL A 408 -4.74 30.61 -7.09
CA VAL A 408 -6.14 30.77 -6.69
C VAL A 408 -6.50 30.17 -5.35
N CYS A 409 -6.26 28.87 -5.20
CA CYS A 409 -6.56 28.20 -3.94
C CYS A 409 -5.68 28.60 -2.75
N PRO A 410 -4.44 29.03 -3.00
CA PRO A 410 -3.82 29.66 -1.83
C PRO A 410 -4.52 30.97 -1.43
N VAL A 411 -4.93 31.79 -2.38
CA VAL A 411 -5.72 32.98 -2.04
C VAL A 411 -7.04 32.65 -1.33
N ALA A 412 -7.71 31.62 -1.80
CA ALA A 412 -8.80 31.03 -1.06
C ALA A 412 -8.39 30.75 0.39
N GLN A 413 -7.50 29.79 0.58
CA GLN A 413 -7.00 29.41 1.90
C GLN A 413 -6.68 30.58 2.85
N LEU A 414 -5.81 31.47 2.38
CA LEU A 414 -5.47 32.71 3.07
C LEU A 414 -6.68 33.60 3.40
N ALA A 415 -7.57 33.85 2.44
CA ALA A 415 -8.74 34.65 2.80
C ALA A 415 -9.58 33.97 3.89
N GLY A 416 -9.75 32.66 3.76
CA GLY A 416 -10.56 31.90 4.69
C GLY A 416 -10.00 32.00 6.09
N ARG A 417 -8.70 31.78 6.20
CA ARG A 417 -8.06 31.77 7.49
C ARG A 417 -8.05 33.18 8.08
N LEU A 418 -7.58 34.16 7.32
CA LEU A 418 -7.53 35.53 7.83
C LEU A 418 -8.91 35.99 8.31
N ALA A 419 -9.95 35.70 7.52
CA ALA A 419 -11.30 36.08 7.90
C ALA A 419 -11.65 35.37 9.20
N ALA A 420 -11.30 34.10 9.25
CA ALA A 420 -11.60 33.25 10.40
C ALA A 420 -10.87 33.67 11.66
N GLN A 421 -9.85 34.49 11.50
CA GLN A 421 -8.89 34.72 12.56
C GLN A 421 -8.97 36.17 13.01
N GLY A 422 -10.08 36.83 12.67
CA GLY A 422 -10.31 38.20 13.09
C GLY A 422 -10.19 39.31 12.04
N ALA A 423 -9.47 39.04 10.97
CA ALA A 423 -9.19 40.09 9.99
C ALA A 423 -10.43 40.45 9.21
N ARG A 424 -10.47 41.68 8.70
CA ARG A 424 -11.49 42.06 7.74
C ARG A 424 -10.91 41.95 6.35
N VAL A 425 -11.46 41.02 5.58
CA VAL A 425 -10.97 40.68 4.25
C VAL A 425 -11.96 41.18 3.18
N TYR A 426 -11.43 41.67 2.06
CA TYR A 426 -12.24 41.90 0.87
C TYR A 426 -11.62 41.11 -0.29
N ALA A 427 -12.44 40.48 -1.13
CA ALA A 427 -11.88 39.64 -2.18
C ALA A 427 -12.36 40.02 -3.57
N TYR A 428 -11.48 39.87 -4.55
CA TYR A 428 -11.85 40.20 -5.93
C TYR A 428 -11.38 39.20 -6.97
N ILE A 429 -12.07 39.21 -8.09
CA ILE A 429 -11.56 38.56 -9.28
C ILE A 429 -11.48 39.55 -10.44
N PHE A 430 -10.27 39.80 -10.93
CA PHE A 430 -10.07 40.74 -12.03
C PHE A 430 -10.30 40.08 -13.38
N GLU A 431 -11.38 40.45 -14.07
CA GLU A 431 -11.76 39.75 -15.32
C GLU A 431 -11.63 40.53 -16.63
N HIS A 432 -10.79 41.56 -16.68
CA HIS A 432 -10.68 42.36 -17.89
C HIS A 432 -9.42 42.16 -18.72
N ARG A 433 -9.61 41.67 -19.93
CA ARG A 433 -8.52 41.61 -20.87
C ARG A 433 -8.28 43.01 -21.45
N ALA A 434 -7.11 43.58 -21.16
CA ALA A 434 -6.71 44.87 -21.71
C ALA A 434 -6.76 44.90 -23.23
N SER A 435 -7.44 45.91 -23.77
CA SER A 435 -7.58 46.05 -25.22
C SER A 435 -6.22 45.97 -25.90
N THR A 436 -5.19 46.39 -25.19
CA THR A 436 -3.84 46.47 -25.73
C THR A 436 -2.96 45.23 -25.49
N LEU A 437 -3.55 44.17 -24.92
CA LEU A 437 -2.80 42.95 -24.60
C LEU A 437 -2.13 42.36 -25.83
N THR A 438 -0.85 42.01 -25.69
CA THR A 438 -0.07 41.45 -26.79
C THR A 438 0.00 39.92 -26.75
N TRP A 439 -0.40 39.33 -25.63
CA TRP A 439 -0.49 37.88 -25.48
C TRP A 439 -1.71 37.34 -26.21
N PRO A 440 -1.62 36.10 -26.73
CA PRO A 440 -2.70 35.57 -27.59
C PRO A 440 -4.04 35.45 -26.87
N LEU A 441 -5.09 35.17 -27.63
CA LEU A 441 -6.44 35.12 -27.09
C LEU A 441 -6.66 33.98 -26.10
N TRP A 442 -5.97 32.86 -26.31
CA TRP A 442 -6.24 31.67 -25.51
C TRP A 442 -5.81 31.85 -24.04
N MET A 443 -5.01 32.88 -23.78
CA MET A 443 -4.48 33.13 -22.43
C MET A 443 -5.39 34.00 -21.55
N GLY A 444 -6.55 34.43 -22.06
CA GLY A 444 -7.55 35.13 -21.27
C GLY A 444 -7.06 36.40 -20.60
N VAL A 445 -7.18 36.48 -19.27
CA VAL A 445 -6.69 37.62 -18.52
C VAL A 445 -5.57 37.15 -17.64
N PRO A 446 -4.33 37.14 -18.17
CA PRO A 446 -3.17 36.51 -17.54
C PRO A 446 -2.69 37.17 -16.25
N HIS A 447 -1.90 36.38 -15.53
CA HIS A 447 -1.29 36.76 -14.28
C HIS A 447 -0.42 37.98 -14.50
N GLY A 448 -0.78 39.08 -13.85
CA GLY A 448 -0.01 40.30 -13.91
C GLY A 448 -0.68 41.43 -14.65
N TYR A 449 -1.72 41.14 -15.41
CA TYR A 449 -2.25 42.13 -16.33
C TYR A 449 -3.43 42.91 -15.79
N GLU A 450 -3.39 43.13 -14.47
CA GLU A 450 -4.35 43.98 -13.81
C GLU A 450 -3.58 45.16 -13.24
N ILE A 451 -2.27 45.02 -13.20
CA ILE A 451 -1.43 46.01 -12.56
C ILE A 451 -1.57 47.35 -13.27
N GLU A 452 -1.42 47.33 -14.59
CA GLU A 452 -1.49 48.55 -15.39
C GLU A 452 -2.81 49.31 -15.21
N PHE A 453 -3.82 48.60 -14.76
CA PHE A 453 -5.08 49.24 -14.46
C PHE A 453 -5.08 49.86 -13.06
N ILE A 454 -4.62 49.11 -12.06
CA ILE A 454 -4.56 49.60 -10.68
C ILE A 454 -3.71 50.88 -10.61
N PHE A 455 -2.59 50.90 -11.32
CA PHE A 455 -1.72 52.07 -11.36
C PHE A 455 -2.25 53.17 -12.25
N GLY A 456 -3.29 52.86 -13.02
CA GLY A 456 -3.98 53.86 -13.81
C GLY A 456 -3.30 54.28 -15.10
N LEU A 457 -2.51 53.41 -15.68
CA LEU A 457 -1.91 53.69 -16.98
C LEU A 457 -2.89 54.04 -18.12
N PRO A 458 -4.14 53.52 -18.11
CA PRO A 458 -4.99 53.94 -19.22
C PRO A 458 -5.40 55.42 -19.21
N LEU A 459 -5.02 56.15 -18.15
CA LEU A 459 -5.30 57.57 -18.08
C LEU A 459 -4.34 58.37 -18.95
N ASP A 460 -3.33 57.68 -19.48
CA ASP A 460 -2.36 58.28 -20.37
C ASP A 460 -2.83 58.04 -21.80
N PRO A 461 -3.44 59.06 -22.41
CA PRO A 461 -4.05 58.92 -23.74
C PRO A 461 -3.07 58.39 -24.80
N SER A 462 -1.80 58.74 -24.68
CA SER A 462 -0.80 58.18 -25.59
C SER A 462 -0.74 56.65 -25.56
N LEU A 463 -1.34 56.03 -24.54
CA LEU A 463 -1.17 54.59 -24.37
C LEU A 463 -2.26 53.75 -25.02
N ASN A 464 -3.18 54.43 -25.73
CA ASN A 464 -4.10 53.75 -26.64
C ASN A 464 -5.07 52.74 -26.02
N TYR A 465 -5.44 52.93 -24.74
CA TYR A 465 -6.53 52.14 -24.17
C TYR A 465 -7.82 52.75 -24.67
N THR A 466 -8.95 52.11 -24.37
CA THR A 466 -10.26 52.62 -24.74
C THR A 466 -10.79 53.51 -23.63
N THR A 467 -11.83 54.28 -23.92
CA THR A 467 -12.41 55.17 -22.92
C THR A 467 -13.03 54.38 -21.76
N GLU A 468 -13.68 53.28 -22.13
CA GLU A 468 -14.13 52.27 -21.18
C GLU A 468 -13.01 51.94 -20.21
N GLU A 469 -11.82 51.68 -20.75
CA GLU A 469 -10.70 51.30 -19.93
C GLU A 469 -10.18 52.43 -19.06
N ARG A 470 -10.31 53.67 -19.53
CA ARG A 470 -9.90 54.83 -18.75
C ARG A 470 -10.78 54.92 -17.51
N ILE A 471 -12.09 54.95 -17.75
CA ILE A 471 -13.06 54.91 -16.67
C ILE A 471 -12.83 53.77 -15.68
N PHE A 472 -12.67 52.56 -16.22
CA PHE A 472 -12.44 51.38 -15.40
C PHE A 472 -11.20 51.57 -14.52
N ALA A 473 -10.14 52.10 -15.12
CA ALA A 473 -8.90 52.39 -14.41
C ALA A 473 -9.18 53.30 -13.22
N GLN A 474 -9.89 54.40 -13.47
CA GLN A 474 -10.27 55.31 -12.40
C GLN A 474 -11.08 54.62 -11.30
N ARG A 475 -11.96 53.71 -11.70
CA ARG A 475 -12.76 52.97 -10.72
C ARG A 475 -11.87 52.14 -9.79
N LEU A 476 -10.96 51.37 -10.40
CA LEU A 476 -10.01 50.58 -9.60
C LEU A 476 -9.17 51.46 -8.69
N MET A 477 -8.65 52.56 -9.23
CA MET A 477 -7.86 53.48 -8.43
C MET A 477 -8.64 53.96 -7.22
N LYS A 478 -9.92 54.29 -7.42
CA LYS A 478 -10.78 54.71 -6.31
C LYS A 478 -10.91 53.60 -5.30
N TYR A 479 -11.17 52.38 -5.77
CA TYR A 479 -11.27 51.22 -4.89
C TYR A 479 -10.05 51.08 -3.99
N TRP A 480 -8.90 50.94 -4.65
CA TRP A 480 -7.62 50.74 -3.94
C TRP A 480 -7.30 51.88 -2.98
N THR A 481 -7.47 53.13 -3.39
CA THR A 481 -7.13 54.22 -2.49
C THR A 481 -8.10 54.34 -1.33
N ASN A 482 -9.36 53.97 -1.58
CA ASN A 482 -10.36 53.98 -0.51
C ASN A 482 -9.97 52.97 0.52
N PHE A 483 -9.54 51.81 0.03
CA PHE A 483 -9.12 50.80 0.96
C PHE A 483 -7.95 51.34 1.76
N ALA A 484 -6.94 51.78 1.03
CA ALA A 484 -5.69 52.29 1.58
C ALA A 484 -5.92 53.31 2.68
N ARG A 485 -6.97 54.12 2.47
CA ARG A 485 -7.30 55.24 3.32
C ARG A 485 -8.03 54.76 4.54
N THR A 486 -8.88 53.74 4.37
CA THR A 486 -9.89 53.40 5.39
C THR A 486 -10.27 51.94 5.57
N GLY A 487 -9.40 50.99 5.21
CA GLY A 487 -9.70 49.56 5.32
C GLY A 487 -11.00 49.06 4.68
N ASP A 488 -11.53 49.85 3.76
CA ASP A 488 -12.73 49.51 3.03
C ASP A 488 -12.52 50.13 1.66
N PRO A 489 -12.75 49.35 0.59
CA PRO A 489 -12.75 49.88 -0.79
C PRO A 489 -14.04 50.63 -1.21
N ASN A 490 -15.12 50.56 -0.43
CA ASN A 490 -16.38 51.21 -0.82
C ASN A 490 -16.32 52.72 -0.86
N ASP A 491 -17.27 53.31 -1.56
CA ASP A 491 -17.40 54.76 -1.63
C ASP A 491 -18.30 55.23 -0.51
N PRO A 492 -17.71 55.91 0.48
CA PRO A 492 -18.43 56.33 1.69
C PRO A 492 -19.60 57.22 1.29
N ARG A 493 -19.27 58.26 0.53
CA ARG A 493 -20.27 59.19 0.01
C ARG A 493 -21.05 58.55 -1.14
N ASP A 494 -21.66 57.39 -0.87
CA ASP A 494 -22.44 56.68 -1.87
C ASP A 494 -23.17 55.48 -1.29
N SER A 495 -24.02 54.89 -2.13
CA SER A 495 -24.66 53.60 -1.86
C SER A 495 -24.81 52.89 -3.20
N LYS A 496 -24.55 53.63 -4.28
CA LYS A 496 -24.71 53.13 -5.65
C LYS A 496 -23.38 52.66 -6.27
N SER A 497 -23.12 51.36 -6.14
CA SER A 497 -21.92 50.75 -6.72
C SER A 497 -22.14 49.37 -7.38
N PRO A 498 -22.86 48.42 -6.72
CA PRO A 498 -23.34 48.37 -5.33
C PRO A 498 -22.21 47.96 -4.38
N GLN A 499 -22.49 47.94 -3.08
CA GLN A 499 -21.44 47.68 -2.10
C GLN A 499 -20.66 46.40 -2.35
N TRP A 500 -19.36 46.46 -2.04
CA TRP A 500 -18.42 45.35 -2.12
C TRP A 500 -18.33 44.77 -0.70
N PRO A 501 -18.93 43.60 -0.48
CA PRO A 501 -19.04 43.02 0.86
C PRO A 501 -17.79 42.27 1.30
N PRO A 502 -17.53 42.23 2.62
CA PRO A 502 -16.37 41.55 3.18
C PRO A 502 -16.43 40.04 2.96
N TYR A 503 -15.28 39.42 2.65
CA TYR A 503 -15.19 37.96 2.52
C TYR A 503 -15.29 37.33 3.90
N THR A 504 -16.16 36.33 4.02
CA THR A 504 -16.42 35.68 5.30
C THR A 504 -16.53 34.19 5.11
N THR A 505 -16.23 33.44 6.16
CA THR A 505 -16.17 32.00 6.02
C THR A 505 -17.59 31.50 5.79
N ALA A 506 -18.52 32.14 6.48
CA ALA A 506 -19.95 31.92 6.29
C ALA A 506 -20.35 32.06 4.82
N ALA A 507 -20.33 33.30 4.34
CA ALA A 507 -20.94 33.67 3.06
C ALA A 507 -20.01 33.58 1.84
N GLN A 508 -18.71 33.73 2.08
CA GLN A 508 -17.69 33.55 1.05
C GLN A 508 -17.90 34.46 -0.17
N GLN A 509 -18.17 35.73 0.07
CA GLN A 509 -18.48 36.67 -1.02
C GLN A 509 -17.29 37.45 -1.56
N TYR A 510 -17.20 37.50 -2.88
CA TYR A 510 -16.19 38.30 -3.57
C TYR A 510 -16.87 39.02 -4.71
N VAL A 511 -16.19 39.98 -5.32
CA VAL A 511 -16.78 40.70 -6.44
C VAL A 511 -15.94 40.50 -7.70
N SER A 512 -16.61 40.64 -8.85
CA SER A 512 -15.94 40.64 -10.12
C SER A 512 -15.65 42.07 -10.47
N LEU A 513 -14.39 42.34 -10.70
CA LEU A 513 -13.97 43.63 -11.23
C LEU A 513 -13.80 43.48 -12.73
N ASN A 514 -14.72 44.07 -13.47
CA ASN A 514 -14.62 44.12 -14.91
C ASN A 514 -15.24 45.44 -15.37
N LEU A 515 -15.61 45.53 -16.65
CA LEU A 515 -16.17 46.77 -17.18
C LEU A 515 -17.59 46.99 -16.66
N LYS A 516 -18.34 45.91 -16.50
CA LYS A 516 -19.69 45.99 -15.93
C LYS A 516 -19.58 46.39 -14.47
N PRO A 517 -20.66 46.98 -13.91
CA PRO A 517 -20.73 47.35 -12.49
C PRO A 517 -20.44 46.17 -11.57
N LEU A 518 -20.14 46.41 -10.30
CA LEU A 518 -19.84 45.31 -9.38
C LEU A 518 -20.93 44.25 -9.38
N GLU A 519 -20.50 42.99 -9.30
CA GLU A 519 -21.40 41.86 -9.23
C GLU A 519 -20.82 40.98 -8.13
N VAL A 520 -21.65 40.56 -7.19
CA VAL A 520 -21.15 39.73 -6.09
C VAL A 520 -21.39 38.25 -6.31
N ARG A 521 -20.30 37.52 -6.16
CA ARG A 521 -20.28 36.09 -6.35
C ARG A 521 -19.91 35.46 -5.03
N ARG A 522 -20.42 34.25 -4.81
CA ARG A 522 -20.15 33.52 -3.61
C ARG A 522 -19.32 32.28 -3.98
N GLY A 523 -18.46 31.85 -3.08
CA GLY A 523 -17.61 30.70 -3.33
C GLY A 523 -16.49 30.98 -4.32
N LEU A 524 -15.27 31.08 -3.80
CA LEU A 524 -14.09 31.28 -4.63
C LEU A 524 -13.47 29.93 -5.00
N ARG A 525 -13.83 29.39 -6.16
CA ARG A 525 -13.45 28.04 -6.58
C ARG A 525 -13.56 27.05 -5.41
N ALA A 526 -14.73 27.04 -4.78
CA ALA A 526 -14.92 26.38 -3.50
C ALA A 526 -14.57 24.90 -3.51
N GLN A 527 -15.19 24.16 -4.42
CA GLN A 527 -15.00 22.71 -4.46
C GLN A 527 -13.57 22.36 -4.87
N THR A 528 -13.14 22.91 -6.00
CA THR A 528 -11.79 22.67 -6.49
C THR A 528 -10.76 23.01 -5.40
N CYS A 529 -10.98 24.11 -4.70
CA CYS A 529 -10.06 24.50 -3.64
C CYS A 529 -10.16 23.62 -2.41
N ALA A 530 -11.30 22.96 -2.21
CA ALA A 530 -11.40 21.98 -1.13
C ALA A 530 -10.51 20.83 -1.50
N PHE A 531 -10.51 20.48 -2.78
CA PHE A 531 -9.62 19.45 -3.32
C PHE A 531 -8.17 19.80 -3.07
N TRP A 532 -7.79 21.02 -3.47
CA TRP A 532 -6.40 21.46 -3.39
C TRP A 532 -5.89 21.62 -1.97
N ASN A 533 -6.76 22.10 -1.08
CA ASN A 533 -6.34 22.54 0.24
C ASN A 533 -6.65 21.59 1.38
N ARG A 534 -7.62 20.71 1.19
CA ARG A 534 -8.02 19.81 2.26
C ARG A 534 -7.61 18.36 2.00
N PHE A 535 -7.77 17.91 0.76
CA PHE A 535 -7.50 16.51 0.42
C PHE A 535 -6.06 16.29 -0.04
N LEU A 536 -5.67 17.00 -1.09
CA LEU A 536 -4.34 16.82 -1.70
C LEU A 536 -3.21 16.64 -0.67
N PRO A 537 -3.16 17.48 0.39
CA PRO A 537 -2.13 17.25 1.41
C PRO A 537 -2.28 15.91 2.17
N LYS A 538 -3.50 15.52 2.53
CA LYS A 538 -3.73 14.16 3.07
C LYS A 538 -3.28 13.09 2.07
N LEU A 539 -3.18 13.43 0.80
CA LEU A 539 -2.87 12.40 -0.18
C LEU A 539 -1.39 12.24 -0.52
N LEU A 540 -0.74 13.30 -0.98
CA LEU A 540 0.65 13.17 -1.44
C LEU A 540 1.62 12.99 -0.26
N SER A 541 1.14 13.34 0.94
CA SER A 541 1.76 12.92 2.20
C SER A 541 0.94 11.72 2.68
N ALA A 542 1.54 10.86 3.50
CA ALA A 542 1.03 9.50 3.74
C ALA A 542 0.97 8.70 2.43
N THR A 543 1.93 9.01 1.54
CA THR A 543 2.19 8.27 0.30
C THR A 543 3.62 7.70 0.35
N ASP B 5 -61.07 -27.60 -20.93
CA ASP B 5 -60.34 -26.73 -21.86
C ASP B 5 -59.11 -27.42 -22.43
N PRO B 6 -58.96 -27.40 -23.76
CA PRO B 6 -57.89 -28.17 -24.42
C PRO B 6 -56.50 -27.66 -24.09
N GLN B 7 -56.36 -26.35 -23.95
CA GLN B 7 -55.03 -25.76 -23.82
C GLN B 7 -54.74 -25.22 -22.43
N LEU B 8 -55.49 -25.69 -21.44
CA LEU B 8 -55.08 -25.51 -20.06
C LEU B 8 -54.28 -26.74 -19.66
N LEU B 9 -54.44 -27.83 -20.42
CA LEU B 9 -53.69 -29.06 -20.18
C LEU B 9 -52.51 -29.19 -21.13
N VAL B 10 -51.29 -29.10 -20.58
CA VAL B 10 -50.07 -29.11 -21.38
C VAL B 10 -49.12 -30.19 -20.90
N ARG B 11 -48.49 -30.93 -21.81
CA ARG B 11 -47.52 -31.95 -21.40
C ARG B 11 -46.06 -31.53 -21.59
N VAL B 12 -45.30 -31.54 -20.49
CA VAL B 12 -43.87 -31.26 -20.53
C VAL B 12 -43.11 -32.58 -20.34
N ARG B 13 -41.79 -32.52 -20.46
CA ARG B 13 -40.94 -33.72 -20.43
C ARG B 13 -41.21 -34.63 -19.23
N GLY B 14 -41.45 -34.02 -18.06
CA GLY B 14 -41.77 -34.78 -16.87
C GLY B 14 -43.13 -35.43 -16.94
N GLY B 15 -44.16 -34.66 -17.28
CA GLY B 15 -45.52 -35.18 -17.32
C GLY B 15 -46.51 -34.11 -17.72
N GLN B 16 -47.75 -34.27 -17.28
CA GLN B 16 -48.84 -33.38 -17.68
C GLN B 16 -49.18 -32.33 -16.64
N LEU B 17 -49.62 -31.17 -17.10
CA LEU B 17 -49.85 -30.01 -16.25
C LEU B 17 -51.23 -29.41 -16.53
N ARG B 18 -51.91 -29.01 -15.46
CA ARG B 18 -53.18 -28.31 -15.57
C ARG B 18 -53.02 -26.86 -15.14
N GLY B 19 -53.22 -25.94 -16.07
CA GLY B 19 -53.07 -24.52 -15.80
C GLY B 19 -54.34 -23.85 -15.29
N ILE B 20 -54.47 -22.56 -15.55
CA ILE B 20 -55.64 -21.80 -15.13
C ILE B 20 -55.86 -20.60 -16.06
N ARG B 21 -57.12 -20.30 -16.39
CA ARG B 21 -57.46 -19.08 -17.13
C ARG B 21 -57.55 -17.91 -16.14
N LEU B 22 -57.00 -16.77 -16.53
CA LEU B 22 -56.94 -15.59 -15.66
C LEU B 22 -57.45 -14.35 -16.37
N LYS B 23 -58.31 -13.60 -15.68
CA LYS B 23 -58.92 -12.40 -16.20
C LYS B 23 -57.96 -11.22 -16.15
N ALA B 24 -57.61 -10.69 -17.32
CA ALA B 24 -56.84 -9.46 -17.44
C ALA B 24 -57.77 -8.37 -17.97
N PRO B 25 -57.44 -7.09 -17.69
CA PRO B 25 -58.21 -5.97 -18.22
C PRO B 25 -58.45 -6.10 -19.72
N GLY B 26 -57.40 -6.47 -20.45
CA GLY B 26 -57.53 -6.73 -21.87
C GLY B 26 -58.44 -7.90 -22.19
N GLY B 27 -57.87 -9.10 -22.20
CA GLY B 27 -58.62 -10.30 -22.53
C GLY B 27 -58.52 -11.41 -21.50
N PRO B 28 -58.23 -12.64 -21.99
CA PRO B 28 -57.95 -13.80 -21.13
C PRO B 28 -56.45 -14.14 -21.13
N VAL B 29 -55.98 -14.87 -20.13
CA VAL B 29 -54.60 -15.36 -20.15
C VAL B 29 -54.46 -16.80 -19.63
N SER B 30 -53.58 -17.58 -20.25
CA SER B 30 -53.22 -18.92 -19.77
C SER B 30 -52.08 -18.84 -18.77
N ALA B 31 -52.24 -19.46 -17.61
CA ALA B 31 -51.25 -19.36 -16.53
C ALA B 31 -50.92 -20.74 -15.99
N PHE B 32 -49.65 -20.97 -15.70
CA PHE B 32 -49.22 -22.26 -15.13
C PHE B 32 -48.29 -22.00 -13.95
N LEU B 33 -48.85 -21.99 -12.76
CA LEU B 33 -48.17 -21.48 -11.58
C LEU B 33 -47.74 -22.59 -10.62
N GLY B 34 -46.44 -22.84 -10.53
CA GLY B 34 -45.98 -23.81 -9.55
C GLY B 34 -45.53 -25.08 -10.21
N ILE B 35 -45.13 -24.99 -11.47
CA ILE B 35 -44.52 -26.11 -12.14
C ILE B 35 -43.21 -26.44 -11.45
N PRO B 36 -43.09 -27.66 -10.91
CA PRO B 36 -41.83 -28.03 -10.27
C PRO B 36 -40.75 -28.22 -11.32
N PHE B 37 -39.54 -27.73 -11.05
CA PHE B 37 -38.50 -27.85 -12.06
C PHE B 37 -37.27 -28.52 -11.52
N ALA B 38 -37.27 -28.77 -10.22
CA ALA B 38 -36.18 -29.48 -9.57
C ALA B 38 -36.75 -30.27 -8.42
N GLU B 39 -36.08 -31.34 -8.04
CA GLU B 39 -36.48 -32.07 -6.86
C GLU B 39 -36.30 -31.13 -5.68
N PRO B 40 -37.19 -31.20 -4.67
CA PRO B 40 -37.07 -30.41 -3.46
C PRO B 40 -35.68 -30.51 -2.85
N PRO B 41 -34.93 -29.39 -2.80
CA PRO B 41 -33.52 -29.35 -2.39
C PRO B 41 -33.40 -29.40 -0.86
N VAL B 42 -34.01 -30.41 -0.26
CA VAL B 42 -34.15 -30.46 1.18
C VAL B 42 -33.34 -31.58 1.82
N GLY B 43 -33.41 -31.64 3.15
CA GLY B 43 -32.73 -32.67 3.91
C GLY B 43 -31.25 -32.68 3.62
N SER B 44 -30.79 -33.79 3.05
CA SER B 44 -29.37 -34.03 2.81
C SER B 44 -29.00 -33.38 1.50
N ARG B 45 -30.01 -32.86 0.81
CA ARG B 45 -29.81 -32.13 -0.43
C ARG B 45 -29.57 -30.62 -0.21
N ARG B 46 -29.72 -30.15 1.04
CA ARG B 46 -29.53 -28.72 1.35
C ARG B 46 -28.12 -28.30 0.99
N PHE B 47 -27.98 -27.07 0.46
CA PHE B 47 -26.71 -26.48 0.01
C PHE B 47 -26.14 -27.09 -1.28
N MET B 48 -26.82 -28.10 -1.83
CA MET B 48 -26.29 -28.80 -3.00
C MET B 48 -26.96 -28.31 -4.29
N PRO B 49 -26.24 -28.42 -5.41
CA PRO B 49 -26.79 -28.05 -6.72
C PRO B 49 -28.13 -28.70 -6.95
N PRO B 50 -29.06 -28.00 -7.62
CA PRO B 50 -30.41 -28.56 -7.81
C PRO B 50 -30.36 -29.78 -8.71
N GLU B 51 -31.28 -30.71 -8.49
CA GLU B 51 -31.36 -31.89 -9.34
C GLU B 51 -32.68 -31.85 -10.08
N PRO B 52 -32.67 -32.34 -11.33
CA PRO B 52 -33.86 -32.23 -12.18
C PRO B 52 -35.05 -32.98 -11.59
N LYS B 53 -36.22 -32.37 -11.71
CA LYS B 53 -37.46 -32.94 -11.20
C LYS B 53 -37.70 -34.28 -11.85
N ARG B 54 -37.80 -35.33 -11.02
CA ARG B 54 -38.06 -36.67 -11.54
C ARG B 54 -39.50 -36.65 -12.02
N PRO B 55 -39.77 -37.33 -13.15
CA PRO B 55 -41.07 -37.33 -13.83
C PRO B 55 -42.25 -37.70 -12.93
N TRP B 56 -43.45 -37.23 -13.27
CA TRP B 56 -44.62 -37.55 -12.46
C TRP B 56 -45.78 -38.16 -13.25
N SER B 57 -46.72 -38.75 -12.52
CA SER B 57 -47.90 -39.32 -13.13
C SER B 57 -49.12 -38.44 -12.86
N GLY B 58 -50.01 -38.37 -13.83
CA GLY B 58 -51.27 -37.68 -13.69
C GLY B 58 -51.28 -36.22 -14.09
N VAL B 59 -52.37 -35.55 -13.72
CA VAL B 59 -52.47 -34.10 -13.83
C VAL B 59 -51.77 -33.52 -12.61
N LEU B 60 -50.90 -32.55 -12.85
CA LEU B 60 -50.28 -31.81 -11.78
C LEU B 60 -51.00 -30.46 -11.69
N ASP B 61 -51.39 -30.07 -10.49
CA ASP B 61 -52.13 -28.83 -10.34
C ASP B 61 -51.20 -27.62 -10.40
N ALA B 62 -51.33 -26.86 -11.49
CA ALA B 62 -50.53 -25.66 -11.69
C ALA B 62 -51.43 -24.45 -11.73
N THR B 63 -52.29 -24.33 -10.72
CA THR B 63 -53.33 -23.30 -10.71
C THR B 63 -53.09 -22.25 -9.64
N THR B 64 -52.12 -22.53 -8.77
CA THR B 64 -51.80 -21.62 -7.67
C THR B 64 -50.30 -21.54 -7.39
N PHE B 65 -49.84 -20.34 -7.03
CA PHE B 65 -48.44 -20.09 -6.68
C PHE B 65 -47.95 -21.05 -5.60
N GLN B 66 -46.67 -21.39 -5.69
CA GLN B 66 -46.05 -22.29 -4.72
C GLN B 66 -45.36 -21.53 -3.61
N ASN B 67 -44.74 -22.28 -2.70
CA ASN B 67 -44.04 -21.69 -1.57
C ASN B 67 -42.91 -20.77 -1.95
N VAL B 68 -42.77 -19.69 -1.17
CA VAL B 68 -41.63 -18.82 -1.25
C VAL B 68 -40.45 -19.56 -0.63
N CYS B 69 -39.31 -19.54 -1.32
CA CYS B 69 -38.07 -20.06 -0.75
C CYS B 69 -37.81 -19.46 0.62
N TYR B 70 -37.24 -20.26 1.53
CA TYR B 70 -37.06 -19.83 2.91
C TYR B 70 -36.17 -18.62 2.99
N GLN B 71 -36.56 -17.64 3.82
CA GLN B 71 -35.86 -16.37 3.82
C GLN B 71 -36.23 -15.51 5.02
N TYR B 72 -35.45 -14.47 5.24
CA TYR B 72 -35.66 -13.50 6.30
C TYR B 72 -36.91 -12.71 5.96
N VAL B 73 -37.62 -12.22 6.98
CA VAL B 73 -38.80 -11.40 6.73
C VAL B 73 -38.66 -9.99 7.30
N ASP B 74 -38.90 -8.98 6.46
CA ASP B 74 -38.71 -7.57 6.84
C ASP B 74 -39.66 -7.13 7.97
N THR B 75 -39.10 -6.91 9.15
CA THR B 75 -39.86 -6.53 10.33
C THR B 75 -39.81 -5.02 10.56
N LEU B 76 -38.95 -4.33 9.80
CA LEU B 76 -38.70 -2.89 9.98
C LEU B 76 -39.94 -1.98 10.09
N TYR B 77 -40.78 -1.93 9.05
CA TYR B 77 -41.97 -1.07 9.12
C TYR B 77 -43.24 -1.91 8.98
N PRO B 78 -43.69 -2.52 10.09
CA PRO B 78 -44.78 -3.51 10.17
C PRO B 78 -46.13 -2.99 9.69
N GLY B 79 -46.66 -3.60 8.64
CA GLY B 79 -47.91 -3.18 8.04
C GLY B 79 -47.74 -2.26 6.83
N PHE B 80 -46.83 -1.30 6.97
CA PHE B 80 -46.47 -0.34 5.92
C PHE B 80 -46.24 -0.99 4.55
N GLU B 81 -47.02 -0.53 3.56
CA GLU B 81 -47.01 -1.09 2.21
C GLU B 81 -45.62 -1.09 1.57
N GLY B 82 -44.92 0.02 1.68
CA GLY B 82 -43.61 0.20 1.08
C GLY B 82 -42.60 -0.94 1.26
N THR B 83 -42.61 -1.59 2.41
CA THR B 83 -41.74 -2.76 2.58
C THR B 83 -42.54 -4.07 2.47
N GLU B 84 -43.79 -4.03 2.90
CA GLU B 84 -44.64 -5.21 2.91
C GLU B 84 -44.80 -5.79 1.50
N MET B 85 -44.81 -4.93 0.50
CA MET B 85 -44.96 -5.35 -0.90
C MET B 85 -43.87 -6.33 -1.36
N TRP B 86 -42.74 -6.31 -0.65
CA TRP B 86 -41.59 -7.13 -1.00
C TRP B 86 -41.56 -8.43 -0.22
N ASN B 87 -42.24 -8.43 0.92
CA ASN B 87 -42.26 -9.60 1.81
C ASN B 87 -42.92 -10.80 1.15
N PRO B 88 -42.67 -12.01 1.68
CA PRO B 88 -43.33 -13.18 1.08
C PRO B 88 -44.83 -13.16 1.29
N ASN B 89 -45.59 -13.55 0.25
CA ASN B 89 -47.04 -13.58 0.30
C ASN B 89 -47.59 -15.01 0.38
N ARG B 90 -46.79 -15.98 -0.04
CA ARG B 90 -47.11 -17.36 0.20
C ARG B 90 -46.47 -17.84 1.49
N GLU B 91 -46.42 -19.15 1.66
CA GLU B 91 -45.86 -19.76 2.85
C GLU B 91 -44.36 -19.95 2.65
N LEU B 92 -43.60 -19.95 3.74
CA LEU B 92 -42.18 -20.23 3.62
C LEU B 92 -41.90 -21.73 3.70
N SER B 93 -41.01 -22.19 2.83
CA SER B 93 -40.56 -23.58 2.87
C SER B 93 -39.27 -23.77 2.10
N GLU B 94 -38.52 -24.82 2.39
CA GLU B 94 -37.33 -25.09 1.63
C GLU B 94 -37.69 -25.74 0.32
N ASP B 95 -38.87 -26.36 0.29
CA ASP B 95 -39.42 -26.91 -0.95
C ASP B 95 -40.13 -25.81 -1.73
N CYS B 96 -39.44 -25.27 -2.73
CA CYS B 96 -39.87 -24.05 -3.39
C CYS B 96 -39.30 -23.91 -4.79
N LEU B 97 -38.59 -24.94 -5.27
CA LEU B 97 -38.05 -24.85 -6.63
C LEU B 97 -39.13 -25.06 -7.69
N TYR B 98 -39.99 -24.04 -7.82
CA TYR B 98 -41.10 -24.05 -8.76
C TYR B 98 -41.09 -22.77 -9.59
N LEU B 99 -41.41 -22.89 -10.87
CA LEU B 99 -41.51 -21.73 -11.73
C LEU B 99 -42.96 -21.47 -12.17
N ASN B 100 -43.13 -20.36 -12.87
CA ASN B 100 -44.43 -19.96 -13.37
C ASN B 100 -44.29 -19.61 -14.84
N VAL B 101 -45.29 -19.99 -15.63
CA VAL B 101 -45.34 -19.60 -17.04
C VAL B 101 -46.64 -18.83 -17.34
N TRP B 102 -46.54 -17.80 -18.17
CA TRP B 102 -47.73 -17.12 -18.70
C TRP B 102 -47.71 -17.16 -20.22
N THR B 103 -48.80 -17.63 -20.83
CA THR B 103 -49.03 -17.45 -22.28
C THR B 103 -50.35 -16.74 -22.53
N PRO B 104 -50.52 -16.13 -23.71
CA PRO B 104 -51.84 -15.55 -23.97
C PRO B 104 -52.88 -16.64 -24.23
N TYR B 105 -54.15 -16.30 -24.11
CA TYR B 105 -55.24 -17.23 -24.41
C TYR B 105 -55.95 -16.79 -25.70
N PRO B 106 -55.84 -17.60 -26.76
CA PRO B 106 -55.21 -18.92 -26.81
C PRO B 106 -53.71 -18.82 -27.04
N ARG B 107 -53.02 -19.96 -27.03
CA ARG B 107 -51.61 -20.00 -27.37
C ARG B 107 -51.35 -19.24 -28.68
N PRO B 108 -50.24 -18.50 -28.74
CA PRO B 108 -49.92 -17.78 -29.97
C PRO B 108 -49.66 -18.78 -31.11
N ALA B 109 -49.98 -18.39 -32.34
CA ALA B 109 -49.84 -19.29 -33.48
C ALA B 109 -48.42 -19.84 -33.66
N SER B 110 -47.51 -19.01 -34.17
CA SER B 110 -46.11 -19.39 -34.33
C SER B 110 -45.33 -19.18 -33.02
N PRO B 111 -44.17 -19.84 -32.88
CA PRO B 111 -43.35 -19.68 -31.67
C PRO B 111 -42.92 -18.22 -31.44
N THR B 112 -43.21 -17.70 -30.25
CA THR B 112 -42.90 -16.31 -29.91
C THR B 112 -41.73 -16.19 -28.93
N PRO B 113 -41.04 -15.03 -28.96
CA PRO B 113 -40.04 -14.67 -27.96
C PRO B 113 -40.52 -14.82 -26.51
N VAL B 114 -39.63 -15.26 -25.64
CA VAL B 114 -39.97 -15.47 -24.24
C VAL B 114 -39.12 -14.62 -23.27
N LEU B 115 -39.78 -14.07 -22.25
CA LEU B 115 -39.13 -13.27 -21.22
C LEU B 115 -39.02 -14.05 -19.92
N ILE B 116 -37.80 -14.31 -19.46
CA ILE B 116 -37.59 -14.99 -18.20
C ILE B 116 -37.13 -14.00 -17.12
N TRP B 117 -37.84 -14.00 -16.00
CA TRP B 117 -37.63 -13.00 -14.96
C TRP B 117 -36.90 -13.56 -13.73
N ILE B 118 -35.93 -12.80 -13.24
CA ILE B 118 -35.20 -13.14 -12.03
C ILE B 118 -35.38 -12.02 -11.01
N TYR B 119 -36.04 -12.31 -9.88
CA TYR B 119 -36.34 -11.27 -8.89
C TYR B 119 -35.13 -10.77 -8.09
N GLY B 120 -35.28 -9.58 -7.50
CA GLY B 120 -34.25 -9.02 -6.64
C GLY B 120 -34.25 -9.64 -5.24
N GLY B 121 -33.76 -8.91 -4.25
CA GLY B 121 -33.82 -9.38 -2.87
C GLY B 121 -32.47 -9.51 -2.22
N GLY B 122 -31.44 -8.99 -2.88
CA GLY B 122 -30.08 -9.01 -2.34
C GLY B 122 -29.56 -10.39 -2.10
N PHE B 123 -30.18 -11.36 -2.78
CA PHE B 123 -29.91 -12.77 -2.57
C PHE B 123 -30.31 -13.26 -1.18
N TYR B 124 -31.05 -12.46 -0.41
CA TYR B 124 -31.49 -12.93 0.90
C TYR B 124 -32.98 -13.10 0.99
N SER B 125 -33.68 -12.78 -0.08
CA SER B 125 -35.14 -12.68 -0.05
C SER B 125 -35.73 -12.70 -1.44
N GLY B 126 -37.06 -12.73 -1.50
CA GLY B 126 -37.78 -12.60 -2.75
C GLY B 126 -38.49 -13.84 -3.26
N ALA B 127 -39.50 -13.61 -4.10
CA ALA B 127 -40.24 -14.69 -4.74
C ALA B 127 -40.82 -14.23 -6.06
N ALA B 128 -41.11 -15.18 -6.95
CA ALA B 128 -41.80 -14.89 -8.20
C ALA B 128 -43.31 -14.75 -7.98
N SER B 129 -43.78 -15.04 -6.77
CA SER B 129 -45.19 -14.96 -6.43
C SER B 129 -45.64 -13.54 -6.04
N LEU B 130 -44.69 -12.62 -5.96
CA LEU B 130 -45.00 -11.24 -5.59
C LEU B 130 -45.90 -10.54 -6.59
N ASP B 131 -46.60 -9.53 -6.09
CA ASP B 131 -47.59 -8.79 -6.86
C ASP B 131 -47.01 -8.04 -8.06
N VAL B 132 -45.97 -7.24 -7.83
CA VAL B 132 -45.36 -6.46 -8.90
C VAL B 132 -44.78 -7.32 -10.04
N TYR B 133 -44.56 -8.61 -9.77
CA TYR B 133 -44.07 -9.53 -10.78
C TYR B 133 -45.20 -10.36 -11.34
N ASP B 134 -46.36 -9.73 -11.58
CA ASP B 134 -47.50 -10.40 -12.18
C ASP B 134 -47.32 -10.36 -13.70
N GLY B 135 -46.84 -11.46 -14.28
CA GLY B 135 -46.49 -11.46 -15.68
C GLY B 135 -47.67 -11.60 -16.63
N ARG B 136 -48.86 -11.32 -16.13
CA ARG B 136 -50.10 -11.53 -16.88
C ARG B 136 -50.40 -10.42 -17.89
N PHE B 137 -49.89 -9.21 -17.67
CA PHE B 137 -50.14 -8.11 -18.60
C PHE B 137 -49.24 -8.24 -19.82
N LEU B 138 -47.93 -8.41 -19.60
CA LEU B 138 -46.96 -8.65 -20.67
C LEU B 138 -47.35 -9.84 -21.52
N ALA B 139 -47.98 -10.82 -20.90
CA ALA B 139 -48.54 -11.93 -21.64
C ALA B 139 -49.75 -11.44 -22.44
N GLN B 140 -50.77 -10.92 -21.75
CA GLN B 140 -52.05 -10.57 -22.37
C GLN B 140 -51.91 -9.53 -23.49
N VAL B 141 -51.67 -8.27 -23.14
CA VAL B 141 -51.31 -7.27 -24.14
C VAL B 141 -49.86 -7.55 -24.49
N GLU B 142 -49.48 -7.37 -25.75
CA GLU B 142 -48.13 -7.70 -26.22
C GLU B 142 -47.84 -9.20 -26.36
N GLY B 143 -48.79 -10.05 -26.01
CA GLY B 143 -48.76 -11.46 -26.38
C GLY B 143 -47.47 -12.23 -26.13
N ALA B 144 -46.85 -12.01 -24.98
CA ALA B 144 -45.55 -12.62 -24.75
C ALA B 144 -45.66 -13.83 -23.84
N VAL B 145 -44.74 -14.77 -24.01
CA VAL B 145 -44.59 -15.86 -23.05
C VAL B 145 -43.68 -15.34 -21.95
N LEU B 146 -44.14 -15.39 -20.72
CA LEU B 146 -43.35 -14.86 -19.61
C LEU B 146 -43.16 -15.88 -18.47
N VAL B 147 -41.91 -16.30 -18.28
CA VAL B 147 -41.55 -17.28 -17.26
C VAL B 147 -40.85 -16.60 -16.08
N SER B 148 -41.26 -16.93 -14.86
CA SER B 148 -40.53 -16.45 -13.69
C SER B 148 -40.36 -17.58 -12.67
N MET B 149 -39.13 -17.79 -12.22
CA MET B 149 -38.82 -18.93 -11.36
C MET B 149 -38.48 -18.51 -9.93
N ASN B 150 -38.43 -19.50 -9.04
CA ASN B 150 -37.90 -19.33 -7.71
C ASN B 150 -36.49 -19.92 -7.66
N TYR B 151 -35.62 -19.30 -6.88
CA TYR B 151 -34.28 -19.84 -6.64
C TYR B 151 -33.95 -19.62 -5.18
N ARG B 152 -33.09 -20.47 -4.64
CA ARG B 152 -32.76 -20.40 -3.22
C ARG B 152 -32.01 -19.10 -2.87
N VAL B 153 -32.37 -18.51 -1.74
CA VAL B 153 -31.68 -17.32 -1.27
C VAL B 153 -31.09 -17.59 0.10
N GLY B 154 -30.44 -16.59 0.69
CA GLY B 154 -29.76 -16.78 1.95
C GLY B 154 -28.71 -17.87 1.90
N THR B 155 -28.50 -18.51 3.05
CA THR B 155 -27.54 -19.61 3.20
C THR B 155 -27.92 -20.79 2.32
N PHE B 156 -29.23 -20.96 2.12
CA PHE B 156 -29.75 -22.07 1.35
C PHE B 156 -29.26 -22.02 -0.09
N GLY B 157 -29.10 -20.82 -0.62
CA GLY B 157 -28.68 -20.65 -2.00
C GLY B 157 -27.21 -20.27 -2.17
N PHE B 158 -26.62 -19.62 -1.17
CA PHE B 158 -25.24 -19.20 -1.37
C PHE B 158 -24.35 -19.31 -0.17
N LEU B 159 -24.70 -20.10 0.84
CA LEU B 159 -23.68 -20.43 1.83
C LEU B 159 -22.71 -21.35 1.14
N ALA B 160 -21.43 -21.10 1.31
CA ALA B 160 -20.47 -21.85 0.57
C ALA B 160 -19.24 -22.12 1.39
N LEU B 161 -18.75 -23.36 1.32
CA LEU B 161 -17.42 -23.68 1.78
C LEU B 161 -16.64 -24.10 0.55
N PRO B 162 -16.01 -23.13 -0.14
CA PRO B 162 -15.44 -23.35 -1.48
C PRO B 162 -14.50 -24.54 -1.56
N GLY B 163 -14.76 -25.41 -2.53
CA GLY B 163 -14.01 -26.63 -2.70
C GLY B 163 -14.74 -27.84 -2.17
N SER B 164 -15.62 -27.64 -1.20
CA SER B 164 -16.38 -28.74 -0.63
C SER B 164 -17.34 -29.26 -1.67
N ARG B 165 -17.77 -30.51 -1.50
CA ARG B 165 -18.74 -31.11 -2.40
C ARG B 165 -20.17 -30.74 -1.99
N GLU B 166 -20.40 -30.62 -0.68
CA GLU B 166 -21.75 -30.44 -0.15
C GLU B 166 -22.22 -29.01 0.03
N ALA B 167 -21.31 -28.06 -0.12
CA ALA B 167 -21.71 -26.66 -0.22
C ALA B 167 -20.71 -25.87 -1.05
N PRO B 168 -20.82 -25.98 -2.38
CA PRO B 168 -19.88 -25.39 -3.33
C PRO B 168 -20.24 -23.94 -3.60
N GLY B 169 -21.49 -23.60 -3.29
CA GLY B 169 -21.97 -22.26 -3.46
C GLY B 169 -22.55 -21.98 -4.82
N ASN B 170 -23.19 -20.82 -4.91
CA ASN B 170 -23.88 -20.39 -6.13
C ASN B 170 -25.06 -21.29 -6.50
N VAL B 171 -25.49 -22.13 -5.58
CA VAL B 171 -26.58 -23.05 -5.89
C VAL B 171 -27.91 -22.31 -6.23
N GLY B 172 -28.03 -21.05 -5.87
CA GLY B 172 -29.17 -20.25 -6.30
C GLY B 172 -29.05 -19.94 -7.79
N LEU B 173 -27.83 -19.63 -8.21
CA LEU B 173 -27.54 -19.39 -9.61
C LEU B 173 -27.76 -20.67 -10.40
N LEU B 174 -27.38 -21.78 -9.79
CA LEU B 174 -27.65 -23.07 -10.38
C LEU B 174 -29.15 -23.31 -10.51
N ASP B 175 -29.92 -22.91 -9.51
CA ASP B 175 -31.37 -23.01 -9.59
C ASP B 175 -31.91 -22.23 -10.80
N GLN B 176 -31.48 -20.97 -10.92
CA GLN B 176 -31.93 -20.18 -12.07
C GLN B 176 -31.50 -20.83 -13.38
N ARG B 177 -30.32 -21.42 -13.40
CA ARG B 177 -29.84 -22.07 -14.60
C ARG B 177 -30.75 -23.22 -14.97
N LEU B 178 -31.06 -24.06 -13.99
CA LEU B 178 -31.92 -25.23 -14.24
C LEU B 178 -33.27 -24.78 -14.73
N ALA B 179 -33.81 -23.73 -14.13
CA ALA B 179 -35.03 -23.11 -14.63
C ALA B 179 -34.88 -22.76 -16.11
N LEU B 180 -33.75 -22.16 -16.47
CA LEU B 180 -33.50 -21.80 -17.87
C LEU B 180 -33.51 -23.02 -18.78
N GLN B 181 -32.82 -24.09 -18.38
CA GLN B 181 -32.78 -25.31 -19.16
C GLN B 181 -34.17 -25.88 -19.32
N TRP B 182 -34.99 -25.70 -18.29
CA TRP B 182 -36.36 -26.16 -18.33
C TRP B 182 -37.13 -25.35 -19.36
N VAL B 183 -36.85 -24.06 -19.45
CA VAL B 183 -37.45 -23.27 -20.53
C VAL B 183 -37.00 -23.82 -21.88
N GLN B 184 -35.72 -24.15 -22.00
CA GLN B 184 -35.20 -24.71 -23.25
C GLN B 184 -35.92 -25.98 -23.68
N GLU B 185 -36.12 -26.90 -22.73
CA GLU B 185 -36.80 -28.16 -23.05
C GLU B 185 -38.28 -27.97 -23.33
N ASN B 186 -38.98 -27.23 -22.48
CA ASN B 186 -40.43 -27.30 -22.49
C ASN B 186 -41.21 -26.05 -22.85
N ILE B 187 -40.53 -24.95 -23.19
CA ILE B 187 -41.26 -23.70 -23.33
C ILE B 187 -42.11 -23.71 -24.61
N ALA B 188 -41.64 -24.46 -25.60
CA ALA B 188 -42.31 -24.55 -26.88
C ALA B 188 -43.76 -24.96 -26.70
N ALA B 189 -44.00 -25.96 -25.87
CA ALA B 189 -45.34 -26.49 -25.63
C ALA B 189 -46.30 -25.43 -25.09
N PHE B 190 -45.75 -24.28 -24.70
CA PHE B 190 -46.58 -23.20 -24.19
C PHE B 190 -46.82 -22.18 -25.28
N GLY B 191 -45.94 -22.18 -26.27
CA GLY B 191 -46.06 -21.25 -27.38
C GLY B 191 -44.84 -20.36 -27.38
N GLY B 192 -43.74 -20.91 -26.85
CA GLY B 192 -42.51 -20.16 -26.68
C GLY B 192 -41.40 -20.56 -27.62
N ASP B 193 -40.50 -19.61 -27.86
CA ASP B 193 -39.39 -19.79 -28.76
C ASP B 193 -38.11 -20.02 -27.97
N PRO B 194 -37.63 -21.27 -27.93
CA PRO B 194 -36.35 -21.65 -27.32
C PRO B 194 -35.14 -20.90 -27.92
N MET B 195 -35.36 -20.19 -29.02
CA MET B 195 -34.28 -19.48 -29.68
C MET B 195 -34.41 -17.96 -29.50
N SER B 196 -35.46 -17.55 -28.78
CA SER B 196 -35.63 -16.14 -28.39
C SER B 196 -35.94 -15.99 -26.89
N VAL B 197 -34.94 -16.29 -26.06
CA VAL B 197 -35.01 -16.14 -24.60
C VAL B 197 -34.33 -14.84 -24.18
N THR B 198 -35.10 -13.94 -23.60
CA THR B 198 -34.52 -12.71 -23.05
C THR B 198 -34.66 -12.71 -21.53
N LEU B 199 -33.54 -12.68 -20.81
CA LEU B 199 -33.58 -12.65 -19.34
C LEU B 199 -33.73 -11.23 -18.87
N PHE B 200 -34.53 -11.00 -17.85
CA PHE B 200 -34.51 -9.68 -17.21
C PHE B 200 -34.63 -9.73 -15.70
N GLY B 201 -33.97 -8.80 -15.02
CA GLY B 201 -34.07 -8.73 -13.57
C GLY B 201 -33.78 -7.36 -12.98
N GLU B 202 -34.16 -7.16 -11.72
CA GLU B 202 -33.84 -5.93 -11.04
C GLU B 202 -32.96 -6.22 -9.81
N SER B 203 -32.15 -5.24 -9.39
CA SER B 203 -31.33 -5.34 -8.17
C SER B 203 -30.56 -6.64 -8.27
N ALA B 204 -30.76 -7.56 -7.32
CA ALA B 204 -30.00 -8.80 -7.31
C ALA B 204 -30.33 -9.70 -8.48
N GLY B 205 -31.56 -9.57 -8.99
CA GLY B 205 -31.95 -10.27 -10.18
C GLY B 205 -31.21 -9.79 -11.42
N ALA B 206 -31.00 -8.48 -11.50
CA ALA B 206 -30.16 -7.90 -12.54
C ALA B 206 -28.76 -8.51 -12.44
N ALA B 207 -28.20 -8.48 -11.24
CA ALA B 207 -26.90 -9.08 -11.00
C ALA B 207 -26.86 -10.54 -11.48
N SER B 208 -27.95 -11.25 -11.27
CA SER B 208 -28.01 -12.65 -11.68
C SER B 208 -28.00 -12.76 -13.20
N VAL B 209 -28.80 -11.93 -13.85
CA VAL B 209 -28.81 -11.89 -15.29
C VAL B 209 -27.37 -11.76 -15.78
N GLY B 210 -26.68 -10.79 -15.20
CA GLY B 210 -25.31 -10.50 -15.57
C GLY B 210 -24.39 -11.68 -15.35
N MET B 211 -24.63 -12.39 -14.25
CA MET B 211 -23.75 -13.50 -13.91
C MET B 211 -24.00 -14.66 -14.83
N HIS B 212 -25.19 -14.72 -15.40
CA HIS B 212 -25.47 -15.68 -16.46
C HIS B 212 -24.68 -15.29 -17.70
N ILE B 213 -24.79 -14.02 -18.08
CA ILE B 213 -23.98 -13.49 -19.19
C ILE B 213 -22.50 -13.87 -19.05
N LEU B 214 -21.99 -13.85 -17.81
CA LEU B 214 -20.57 -14.08 -17.54
C LEU B 214 -20.20 -15.56 -17.26
N SER B 215 -21.22 -16.39 -17.07
CA SER B 215 -20.97 -17.81 -16.85
C SER B 215 -21.17 -18.50 -18.17
N LEU B 216 -20.14 -19.24 -18.58
CA LEU B 216 -20.12 -19.88 -19.90
C LEU B 216 -21.33 -20.81 -20.14
N PRO B 217 -21.54 -21.84 -19.30
CA PRO B 217 -22.63 -22.78 -19.57
C PRO B 217 -24.02 -22.14 -19.57
N SER B 218 -24.17 -20.99 -18.96
CA SER B 218 -25.47 -20.34 -18.95
C SER B 218 -25.70 -19.63 -20.28
N ARG B 219 -24.62 -19.34 -21.00
CA ARG B 219 -24.67 -18.51 -22.20
C ARG B 219 -25.43 -19.14 -23.36
N SER B 220 -25.45 -20.46 -23.39
CA SER B 220 -26.15 -21.16 -24.47
C SER B 220 -27.66 -21.30 -24.20
N LEU B 221 -28.15 -20.63 -23.16
CA LEU B 221 -29.52 -20.88 -22.70
C LEU B 221 -30.41 -19.66 -22.88
N PHE B 222 -29.83 -18.58 -23.40
CA PHE B 222 -30.56 -17.35 -23.64
C PHE B 222 -29.85 -16.53 -24.71
N HIS B 223 -30.44 -15.40 -25.10
CA HIS B 223 -29.92 -14.62 -26.23
C HIS B 223 -29.82 -13.10 -25.97
N ARG B 224 -30.74 -12.56 -25.16
CA ARG B 224 -30.74 -11.12 -24.83
C ARG B 224 -30.93 -10.85 -23.34
N ALA B 225 -30.64 -9.63 -22.89
CA ALA B 225 -30.64 -9.33 -21.45
C ALA B 225 -31.13 -7.94 -21.04
N VAL B 226 -31.84 -7.86 -19.91
CA VAL B 226 -32.17 -6.58 -19.29
C VAL B 226 -31.73 -6.56 -17.83
N LEU B 227 -30.82 -5.63 -17.53
CA LEU B 227 -30.34 -5.44 -16.18
C LEU B 227 -30.87 -4.13 -15.64
N GLN B 228 -31.68 -4.26 -14.62
CA GLN B 228 -32.40 -3.12 -14.10
C GLN B 228 -31.90 -2.73 -12.73
N SER B 229 -31.09 -1.67 -12.70
CA SER B 229 -30.44 -1.14 -11.50
C SER B 229 -29.77 -2.22 -10.65
N GLY B 230 -28.87 -2.97 -11.29
CA GLY B 230 -28.03 -3.93 -10.61
C GLY B 230 -27.04 -4.54 -11.58
N THR B 231 -25.86 -4.90 -11.11
CA THR B 231 -24.85 -5.44 -12.02
C THR B 231 -24.19 -6.64 -11.39
N PRO B 232 -23.55 -7.49 -12.21
CA PRO B 232 -22.78 -8.61 -11.67
C PRO B 232 -21.52 -8.06 -11.07
N ASN B 233 -21.15 -6.86 -11.50
CA ASN B 233 -19.99 -6.20 -10.95
C ASN B 233 -20.39 -5.34 -9.76
N GLY B 234 -19.59 -4.33 -9.44
CA GLY B 234 -19.80 -3.59 -8.20
C GLY B 234 -19.36 -4.30 -6.94
N PRO B 235 -19.60 -3.66 -5.78
CA PRO B 235 -19.08 -4.09 -4.48
C PRO B 235 -19.92 -5.14 -3.74
N TRP B 236 -21.24 -5.10 -3.88
CA TRP B 236 -22.14 -5.95 -3.06
C TRP B 236 -22.47 -7.34 -3.61
N ALA B 237 -22.41 -7.50 -4.93
CA ALA B 237 -23.00 -8.65 -5.60
C ALA B 237 -22.25 -9.98 -5.48
N THR B 238 -20.96 -9.93 -5.16
CA THR B 238 -20.17 -11.16 -5.04
C THR B 238 -19.26 -11.07 -3.82
N VAL B 239 -18.73 -12.21 -3.39
CA VAL B 239 -17.68 -12.22 -2.37
C VAL B 239 -16.58 -13.16 -2.80
N SER B 240 -15.39 -13.00 -2.20
CA SER B 240 -14.27 -13.89 -2.47
C SER B 240 -14.51 -15.29 -1.89
N ALA B 241 -13.66 -16.24 -2.27
CA ALA B 241 -13.76 -17.59 -1.71
C ALA B 241 -13.44 -17.54 -0.23
N GLY B 242 -12.33 -16.91 0.09
CA GLY B 242 -11.90 -16.77 1.48
C GLY B 242 -12.97 -16.15 2.36
N GLU B 243 -13.63 -15.12 1.84
CA GLU B 243 -14.64 -14.43 2.62
C GLU B 243 -15.94 -15.24 2.77
N ALA B 244 -16.33 -15.93 1.70
CA ALA B 244 -17.52 -16.79 1.77
C ALA B 244 -17.26 -17.87 2.79
N ARG B 245 -16.06 -18.41 2.76
CA ARG B 245 -15.72 -19.50 3.67
C ARG B 245 -15.68 -18.96 5.08
N ARG B 246 -15.25 -17.72 5.23
CA ARG B 246 -15.20 -17.08 6.54
C ARG B 246 -16.62 -16.96 7.12
N ARG B 247 -17.56 -16.53 6.29
CA ARG B 247 -18.92 -16.32 6.78
C ARG B 247 -19.65 -17.62 7.00
N ALA B 248 -19.25 -18.64 6.24
CA ALA B 248 -19.90 -19.92 6.34
C ALA B 248 -19.47 -20.50 7.67
N THR B 249 -18.17 -20.51 7.89
CA THR B 249 -17.59 -21.03 9.11
C THR B 249 -18.14 -20.32 10.34
N LEU B 250 -18.26 -18.99 10.26
CA LEU B 250 -18.75 -18.23 11.41
C LEU B 250 -20.24 -18.45 11.66
N LEU B 251 -21.05 -18.48 10.61
CA LEU B 251 -22.47 -18.72 10.81
C LEU B 251 -22.63 -20.09 11.43
N ALA B 252 -21.83 -21.04 10.96
CA ALA B 252 -21.93 -22.40 11.43
C ALA B 252 -21.63 -22.39 12.89
N ARG B 253 -20.56 -21.75 13.27
CA ARG B 253 -20.23 -21.74 14.68
C ARG B 253 -21.27 -20.95 15.55
N LEU B 254 -22.00 -20.03 14.95
CA LEU B 254 -23.04 -19.31 15.71
C LEU B 254 -24.25 -20.20 16.07
N VAL B 255 -24.59 -21.11 15.17
CA VAL B 255 -25.43 -22.24 15.51
C VAL B 255 -24.48 -23.31 16.07
N GLY B 256 -24.91 -24.55 16.22
CA GLY B 256 -24.05 -25.45 16.99
C GLY B 256 -22.76 -25.98 16.38
N CYS B 257 -22.30 -25.43 15.24
CA CYS B 257 -21.46 -26.20 14.29
C CYS B 257 -19.99 -25.81 14.08
N PRO B 258 -19.07 -26.66 14.57
CA PRO B 258 -19.40 -27.86 15.33
C PRO B 258 -19.44 -27.45 16.79
N PRO B 259 -19.78 -28.36 17.71
CA PRO B 259 -19.69 -27.86 19.09
C PRO B 259 -18.33 -28.20 19.71
N GLY B 260 -17.66 -27.21 20.27
CA GLY B 260 -16.43 -27.44 21.00
C GLY B 260 -15.16 -27.60 20.18
N GLY B 261 -15.24 -27.27 18.90
CA GLY B 261 -14.10 -27.44 18.01
C GLY B 261 -13.82 -28.85 17.53
N ALA B 262 -13.70 -28.97 16.21
CA ALA B 262 -13.36 -30.23 15.56
C ALA B 262 -12.79 -29.89 14.19
N GLY B 263 -13.43 -28.95 13.51
CA GLY B 263 -12.96 -28.42 12.25
C GLY B 263 -12.73 -29.46 11.17
N GLY B 264 -11.46 -29.76 10.93
CA GLY B 264 -10.99 -30.71 9.93
C GLY B 264 -11.93 -30.93 8.77
N ASN B 265 -13.00 -31.66 9.06
CA ASN B 265 -13.97 -32.04 8.05
C ASN B 265 -14.92 -30.90 7.72
N ASP B 266 -14.95 -30.53 6.45
CA ASP B 266 -15.94 -29.59 5.96
C ASP B 266 -17.24 -30.35 5.77
N THR B 267 -17.12 -31.59 5.31
CA THR B 267 -18.31 -32.40 5.10
C THR B 267 -19.04 -32.57 6.43
N GLU B 268 -18.28 -32.67 7.52
CA GLU B 268 -18.88 -32.78 8.85
C GLU B 268 -19.56 -31.47 9.22
N LEU B 269 -18.90 -30.35 8.93
CA LEU B 269 -19.44 -29.05 9.27
C LEU B 269 -20.80 -28.86 8.60
N ILE B 270 -20.84 -29.16 7.32
CA ILE B 270 -22.05 -29.02 6.55
C ILE B 270 -23.13 -30.01 7.00
N ALA B 271 -22.74 -31.24 7.27
CA ALA B 271 -23.72 -32.21 7.74
C ALA B 271 -24.33 -31.78 9.08
N CYS B 272 -23.56 -31.06 9.88
CA CYS B 272 -24.08 -30.48 11.11
C CYS B 272 -25.06 -29.38 10.75
N LEU B 273 -24.68 -28.55 9.78
CA LEU B 273 -25.52 -27.44 9.37
C LEU B 273 -26.90 -27.93 8.92
N ARG B 274 -26.90 -29.04 8.21
CA ARG B 274 -28.10 -29.51 7.56
C ARG B 274 -29.14 -29.97 8.56
N THR B 275 -28.72 -30.20 9.81
CA THR B 275 -29.64 -30.64 10.85
C THR B 275 -30.00 -29.51 11.80
N ARG B 276 -30.07 -28.31 11.25
CA ARG B 276 -30.53 -27.14 11.97
C ARG B 276 -31.78 -26.65 11.29
N PRO B 277 -32.80 -26.30 12.09
CA PRO B 277 -34.03 -25.74 11.52
C PRO B 277 -33.74 -24.49 10.69
N ALA B 278 -34.43 -24.32 9.56
CA ALA B 278 -34.18 -23.20 8.66
C ALA B 278 -34.13 -21.83 9.36
N GLN B 279 -35.04 -21.65 10.30
CA GLN B 279 -35.19 -20.37 10.96
C GLN B 279 -33.98 -20.08 11.85
N ASP B 280 -33.19 -21.10 12.15
CA ASP B 280 -31.95 -20.88 12.87
C ASP B 280 -30.96 -20.13 11.98
N LEU B 281 -30.69 -20.71 10.82
CA LEU B 281 -29.79 -20.12 9.85
C LEU B 281 -30.25 -18.71 9.53
N VAL B 282 -31.54 -18.56 9.26
CA VAL B 282 -32.07 -17.22 9.00
C VAL B 282 -31.81 -16.27 10.17
N ASP B 283 -32.10 -16.71 11.39
CA ASP B 283 -31.93 -15.87 12.58
C ASP B 283 -30.51 -15.35 12.67
N HIS B 284 -29.55 -16.19 12.35
CA HIS B 284 -28.16 -15.75 12.51
C HIS B 284 -27.48 -15.23 11.26
N GLU B 285 -28.18 -15.16 10.13
CA GLU B 285 -27.48 -14.81 8.89
C GLU B 285 -26.92 -13.40 8.82
N TRP B 286 -27.52 -12.45 9.54
CA TRP B 286 -27.08 -11.06 9.40
C TRP B 286 -25.87 -10.72 10.28
N HIS B 287 -25.41 -11.70 11.05
CA HIS B 287 -24.37 -11.47 12.06
C HIS B 287 -22.95 -11.68 11.56
N VAL B 288 -22.79 -12.19 10.34
CA VAL B 288 -21.45 -12.49 9.85
C VAL B 288 -20.85 -11.41 8.94
N LEU B 289 -21.53 -10.28 8.80
CA LEU B 289 -21.03 -9.20 7.96
C LEU B 289 -19.83 -8.47 8.60
N PRO B 290 -18.76 -8.25 7.81
CA PRO B 290 -17.46 -7.75 8.26
C PRO B 290 -17.50 -6.43 9.04
N GLN B 291 -18.22 -5.44 8.54
CA GLN B 291 -18.45 -4.21 9.29
C GLN B 291 -19.91 -3.88 9.29
N GLU B 292 -20.27 -2.79 9.97
CA GLU B 292 -21.65 -2.29 9.93
C GLU B 292 -21.87 -1.73 8.54
N SER B 293 -23.06 -1.95 7.99
CA SER B 293 -23.26 -1.56 6.62
C SER B 293 -24.73 -1.45 6.21
N ILE B 294 -24.93 -0.94 4.99
CA ILE B 294 -26.18 -1.04 4.26
C ILE B 294 -25.81 -1.42 2.83
N PHE B 295 -26.70 -2.13 2.16
CA PHE B 295 -26.48 -2.53 0.77
C PHE B 295 -25.25 -3.45 0.74
N ARG B 296 -25.24 -4.37 1.71
CA ARG B 296 -24.30 -5.46 1.83
C ARG B 296 -25.07 -6.62 2.45
N PHE B 297 -25.23 -7.74 1.73
N PHE B 297 -25.04 -7.78 1.79
CA PHE B 297 -25.78 -8.93 2.40
CA PHE B 297 -25.76 -8.95 2.26
C PHE B 297 -24.75 -10.05 2.56
C PHE B 297 -24.79 -10.14 2.46
N SER B 298 -24.96 -10.87 3.56
CA SER B 298 -24.03 -11.92 3.98
C SER B 298 -23.68 -13.03 3.00
N PHE B 299 -24.71 -13.64 2.40
CA PHE B 299 -24.52 -14.79 1.51
C PHE B 299 -24.94 -14.53 0.06
N VAL B 300 -23.94 -14.37 -0.80
CA VAL B 300 -24.14 -13.92 -2.17
C VAL B 300 -23.29 -14.79 -3.07
N PRO B 301 -23.40 -14.63 -4.41
CA PRO B 301 -22.55 -15.43 -5.29
C PRO B 301 -21.07 -15.31 -4.98
N VAL B 302 -20.33 -16.40 -5.15
CA VAL B 302 -18.92 -16.41 -4.79
C VAL B 302 -18.05 -16.68 -6.01
N VAL B 303 -16.94 -15.96 -6.11
CA VAL B 303 -15.97 -16.24 -7.17
C VAL B 303 -15.19 -17.51 -6.85
N ASP B 304 -15.69 -18.63 -7.35
CA ASP B 304 -15.20 -19.95 -6.98
C ASP B 304 -14.25 -20.51 -8.03
N GLY B 305 -14.32 -19.97 -9.24
CA GLY B 305 -13.61 -20.54 -10.37
C GLY B 305 -14.44 -21.60 -11.06
N ASP B 306 -15.69 -21.77 -10.65
CA ASP B 306 -16.57 -22.68 -11.34
C ASP B 306 -17.55 -21.85 -12.16
N PHE B 307 -18.66 -21.46 -11.53
CA PHE B 307 -19.71 -20.71 -12.21
C PHE B 307 -19.12 -19.43 -12.77
N LEU B 308 -18.29 -18.78 -11.96
CA LEU B 308 -17.52 -17.62 -12.40
C LEU B 308 -16.04 -18.00 -12.51
N SER B 309 -15.53 -18.00 -13.74
CA SER B 309 -14.14 -18.42 -14.03
C SER B 309 -13.12 -17.49 -13.41
N ASP B 310 -13.53 -16.23 -13.22
CA ASP B 310 -12.74 -15.19 -12.57
C ASP B 310 -13.75 -14.28 -11.89
N THR B 311 -13.29 -13.16 -11.35
CA THR B 311 -14.20 -12.16 -10.77
C THR B 311 -14.95 -11.46 -11.90
N PRO B 312 -16.17 -10.99 -11.63
CA PRO B 312 -16.90 -10.27 -12.67
C PRO B 312 -16.09 -9.17 -13.33
N GLU B 313 -15.39 -8.35 -12.55
CA GLU B 313 -14.64 -7.24 -13.13
C GLU B 313 -13.73 -7.79 -14.21
N ALA B 314 -12.91 -8.76 -13.81
CA ALA B 314 -11.96 -9.44 -14.69
C ALA B 314 -12.61 -10.00 -15.96
N LEU B 315 -13.83 -10.49 -15.83
CA LEU B 315 -14.54 -11.11 -16.94
C LEU B 315 -15.18 -10.09 -17.87
N ILE B 316 -15.50 -8.91 -17.37
CA ILE B 316 -16.11 -7.91 -18.22
C ILE B 316 -15.02 -7.09 -18.92
N ASN B 317 -13.85 -6.98 -18.29
CA ASN B 317 -12.77 -6.27 -18.95
C ASN B 317 -12.21 -7.03 -20.15
N THR B 318 -12.10 -8.34 -20.04
CA THR B 318 -11.50 -9.15 -21.10
C THR B 318 -12.51 -10.04 -21.83
N GLY B 319 -13.80 -9.75 -21.68
CA GLY B 319 -14.83 -10.57 -22.29
C GLY B 319 -14.83 -10.50 -23.81
N ASP B 320 -15.82 -11.15 -24.42
CA ASP B 320 -16.01 -11.05 -25.87
C ASP B 320 -17.51 -11.06 -26.17
N PHE B 321 -18.05 -9.87 -26.42
CA PHE B 321 -19.48 -9.70 -26.46
C PHE B 321 -19.99 -9.22 -27.81
N GLN B 322 -19.38 -9.70 -28.89
CA GLN B 322 -19.75 -9.25 -30.23
C GLN B 322 -21.16 -9.68 -30.65
N ASP B 323 -21.74 -10.61 -29.91
CA ASP B 323 -23.04 -11.16 -30.24
C ASP B 323 -24.02 -11.04 -29.06
N LEU B 324 -24.01 -9.88 -28.41
CA LEU B 324 -24.82 -9.70 -27.21
C LEU B 324 -25.66 -8.42 -27.25
N GLN B 325 -26.91 -8.52 -26.83
CA GLN B 325 -27.77 -7.34 -26.73
C GLN B 325 -28.22 -7.11 -25.30
N VAL B 326 -28.02 -5.89 -24.83
CA VAL B 326 -28.27 -5.57 -23.43
C VAL B 326 -29.04 -4.27 -23.26
N LEU B 327 -30.06 -4.30 -22.41
CA LEU B 327 -30.76 -3.11 -22.00
C LEU B 327 -30.56 -2.88 -20.49
N VAL B 328 -29.74 -1.89 -20.15
CA VAL B 328 -29.43 -1.61 -18.74
C VAL B 328 -29.92 -0.26 -18.31
N GLY B 329 -30.15 -0.10 -17.02
CA GLY B 329 -30.42 1.24 -16.55
C GLY B 329 -30.70 1.38 -15.09
N VAL B 330 -30.76 2.62 -14.62
CA VAL B 330 -31.01 2.85 -13.22
C VAL B 330 -32.25 3.73 -13.04
N VAL B 331 -32.68 3.90 -11.79
CA VAL B 331 -33.78 4.83 -11.50
C VAL B 331 -33.22 6.08 -10.80
N LYS B 332 -34.06 7.10 -10.64
CA LYS B 332 -33.59 8.42 -10.22
C LYS B 332 -32.87 8.47 -8.85
N ASP B 333 -33.43 7.82 -7.84
CA ASP B 333 -32.77 7.84 -6.54
C ASP B 333 -32.45 6.44 -5.99
N GLU B 334 -31.36 5.85 -6.48
CA GLU B 334 -31.04 4.47 -6.17
C GLU B 334 -30.71 4.23 -4.71
N GLY B 335 -30.12 5.23 -4.06
CA GLY B 335 -29.66 5.06 -2.68
C GLY B 335 -30.65 5.31 -1.57
N SER B 336 -31.73 6.04 -1.85
CA SER B 336 -32.60 6.56 -0.80
C SER B 336 -33.33 5.48 0.00
N TYR B 337 -33.70 4.40 -0.67
CA TYR B 337 -34.40 3.30 -0.02
C TYR B 337 -33.61 2.72 1.16
N PHE B 338 -32.30 2.66 1.00
CA PHE B 338 -31.46 1.89 1.91
C PHE B 338 -31.09 2.69 3.15
N LEU B 339 -31.31 3.98 3.10
CA LEU B 339 -30.86 4.84 4.20
C LEU B 339 -31.63 4.56 5.48
N VAL B 340 -32.89 4.18 5.33
CA VAL B 340 -33.75 3.99 6.49
C VAL B 340 -33.32 2.77 7.29
N TYR B 341 -32.65 1.84 6.60
CA TYR B 341 -32.20 0.61 7.24
C TYR B 341 -30.87 0.81 7.93
N GLY B 342 -30.83 1.67 8.94
CA GLY B 342 -29.68 1.75 9.81
C GLY B 342 -28.62 2.76 9.47
N VAL B 343 -29.00 3.80 8.72
CA VAL B 343 -28.17 4.99 8.69
C VAL B 343 -28.87 5.95 9.63
N PRO B 344 -28.35 6.05 10.86
CA PRO B 344 -28.92 6.94 11.88
C PRO B 344 -29.07 8.34 11.32
N GLY B 345 -30.31 8.76 11.13
CA GLY B 345 -30.62 10.06 10.60
C GLY B 345 -31.86 9.96 9.75
N PHE B 346 -32.03 8.83 9.09
CA PHE B 346 -33.10 8.69 8.12
C PHE B 346 -34.22 7.79 8.63
N SER B 347 -35.45 8.24 8.38
CA SER B 347 -36.64 7.51 8.69
C SER B 347 -37.62 7.78 7.57
N LYS B 348 -38.67 6.99 7.46
CA LYS B 348 -39.69 7.23 6.46
C LYS B 348 -40.73 8.18 7.03
N ASP B 349 -40.58 8.49 8.31
CA ASP B 349 -41.55 9.34 8.98
C ASP B 349 -41.30 10.82 8.68
N ASN B 350 -40.22 11.37 9.23
CA ASN B 350 -39.83 12.74 8.96
C ASN B 350 -39.15 12.89 7.59
N GLU B 351 -38.57 14.04 7.31
CA GLU B 351 -37.92 14.27 6.02
C GLU B 351 -36.39 14.18 6.11
N SER B 352 -35.91 13.59 7.20
CA SER B 352 -34.50 13.20 7.33
C SER B 352 -33.50 14.32 7.08
N LEU B 353 -33.67 15.43 7.79
CA LEU B 353 -32.76 16.56 7.65
C LEU B 353 -31.62 16.35 8.60
N ILE B 354 -30.66 15.56 8.15
CA ILE B 354 -29.60 15.05 8.99
C ILE B 354 -28.53 16.09 9.36
N SER B 355 -27.71 15.73 10.34
CA SER B 355 -26.60 16.55 10.79
C SER B 355 -25.38 16.30 9.93
N ARG B 356 -24.38 17.17 10.04
CA ARG B 356 -23.13 16.96 9.32
C ARG B 356 -22.32 15.73 9.78
N ALA B 357 -22.07 15.58 11.08
CA ALA B 357 -21.37 14.39 11.59
C ALA B 357 -22.22 13.14 11.37
N GLN B 358 -23.53 13.32 11.31
CA GLN B 358 -24.44 12.25 10.95
C GLN B 358 -24.10 11.78 9.54
N PHE B 359 -23.99 12.74 8.63
CA PHE B 359 -23.56 12.46 7.26
C PHE B 359 -22.21 11.73 7.27
N LEU B 360 -21.23 12.30 7.96
CA LEU B 360 -19.89 11.74 8.01
C LEU B 360 -19.87 10.31 8.56
N ALA B 361 -20.88 9.95 9.34
CA ALA B 361 -20.99 8.59 9.85
C ALA B 361 -21.63 7.68 8.80
N GLY B 362 -22.65 8.26 8.17
CA GLY B 362 -23.42 7.61 7.13
C GLY B 362 -22.54 7.22 5.96
N VAL B 363 -21.51 8.01 5.68
CA VAL B 363 -20.54 7.62 4.66
C VAL B 363 -19.79 6.32 5.03
N ARG B 364 -19.35 6.21 6.29
CA ARG B 364 -18.63 5.04 6.75
C ARG B 364 -19.52 3.82 6.71
N ILE B 365 -20.82 4.04 6.94
CA ILE B 365 -21.79 2.94 6.90
C ILE B 365 -22.21 2.58 5.45
N GLY B 366 -22.10 3.55 4.55
CA GLY B 366 -22.64 3.39 3.21
C GLY B 366 -21.58 2.86 2.27
N VAL B 367 -20.33 3.19 2.60
CA VAL B 367 -19.15 2.75 1.88
C VAL B 367 -18.25 1.98 2.86
N PRO B 368 -18.75 0.83 3.33
CA PRO B 368 -18.14 0.13 4.46
C PRO B 368 -16.67 -0.28 4.24
N GLN B 369 -16.28 -0.62 3.02
CA GLN B 369 -14.90 -1.07 2.78
C GLN B 369 -13.94 0.07 2.51
N ALA B 370 -14.35 1.30 2.81
CA ALA B 370 -13.50 2.43 2.53
C ALA B 370 -12.57 2.72 3.70
N SER B 371 -11.27 2.74 3.43
CA SER B 371 -10.30 3.26 4.39
C SER B 371 -10.66 4.71 4.71
N ASP B 372 -10.14 5.25 5.81
CA ASP B 372 -10.50 6.59 6.22
C ASP B 372 -10.20 7.61 5.14
N LEU B 373 -9.17 7.33 4.34
CA LEU B 373 -8.77 8.24 3.26
C LEU B 373 -9.78 8.20 2.12
N ALA B 374 -10.26 7.01 1.78
CA ALA B 374 -11.29 6.87 0.77
C ALA B 374 -12.55 7.57 1.25
N ALA B 375 -12.93 7.31 2.49
CA ALA B 375 -14.01 8.00 3.13
C ALA B 375 -13.85 9.52 3.03
N GLU B 376 -12.61 9.99 3.20
CA GLU B 376 -12.39 11.43 3.23
C GLU B 376 -12.60 11.97 1.83
N ALA B 377 -12.23 11.15 0.85
CA ALA B 377 -12.38 11.55 -0.54
C ALA B 377 -13.86 11.65 -0.88
N VAL B 378 -14.62 10.60 -0.55
CA VAL B 378 -16.05 10.59 -0.77
C VAL B 378 -16.69 11.81 -0.15
N VAL B 379 -16.24 12.11 1.07
CA VAL B 379 -16.83 13.23 1.79
C VAL B 379 -16.54 14.51 1.04
N LEU B 380 -15.29 14.69 0.60
CA LEU B 380 -14.91 15.87 -0.18
C LEU B 380 -15.72 16.02 -1.47
N HIS B 381 -15.97 14.91 -2.15
CA HIS B 381 -16.70 14.96 -3.42
C HIS B 381 -18.16 15.31 -3.23
N TYR B 382 -18.77 14.75 -2.19
CA TYR B 382 -20.20 14.90 -2.03
C TYR B 382 -20.60 16.10 -1.19
N THR B 383 -19.62 16.70 -0.54
CA THR B 383 -19.85 17.89 0.25
C THR B 383 -20.07 19.09 -0.66
N ASP B 384 -21.03 19.93 -0.33
CA ASP B 384 -21.09 21.21 -1.01
C ASP B 384 -20.33 22.21 -0.17
N TRP B 385 -19.07 22.46 -0.55
CA TRP B 385 -18.16 23.23 0.30
C TRP B 385 -18.58 24.69 0.50
N LEU B 386 -19.62 25.11 -0.21
CA LEU B 386 -20.21 26.41 0.03
C LEU B 386 -21.23 26.32 1.16
N HIS B 387 -21.89 25.16 1.29
CA HIS B 387 -22.91 24.93 2.31
C HIS B 387 -22.79 23.58 3.02
N PRO B 388 -21.70 23.40 3.79
CA PRO B 388 -21.40 22.08 4.38
C PRO B 388 -22.39 21.57 5.44
N GLU B 389 -23.11 22.47 6.12
CA GLU B 389 -24.04 22.08 7.19
C GLU B 389 -25.47 21.87 6.69
N ASP B 390 -25.75 22.39 5.50
CA ASP B 390 -27.09 22.37 4.93
C ASP B 390 -27.72 20.99 4.96
N PRO B 391 -28.69 20.79 5.86
CA PRO B 391 -29.36 19.50 6.08
C PRO B 391 -29.81 18.84 4.78
N THR B 392 -30.73 19.48 4.07
CA THR B 392 -31.28 18.97 2.82
C THR B 392 -30.21 18.44 1.84
N HIS B 393 -29.19 19.26 1.59
CA HIS B 393 -28.13 18.83 0.69
C HIS B 393 -27.33 17.63 1.21
N LEU B 394 -27.04 17.58 2.51
CA LEU B 394 -26.39 16.42 3.10
C LEU B 394 -27.23 15.15 2.93
N ARG B 395 -28.52 15.25 3.23
CA ARG B 395 -29.41 14.12 3.04
C ARG B 395 -29.32 13.61 1.59
N ASP B 396 -29.75 14.48 0.68
CA ASP B 396 -29.73 14.15 -0.74
C ASP B 396 -28.39 13.56 -1.16
N ALA B 397 -27.31 14.09 -0.57
CA ALA B 397 -25.94 13.64 -0.84
C ALA B 397 -25.67 12.24 -0.35
N MET B 398 -26.25 11.89 0.80
CA MET B 398 -26.08 10.56 1.34
C MET B 398 -26.72 9.58 0.39
N SER B 399 -27.96 9.89 0.03
CA SER B 399 -28.68 9.05 -0.92
C SER B 399 -27.88 8.89 -2.22
N ALA B 400 -27.25 9.98 -2.62
CA ALA B 400 -26.39 9.98 -3.79
C ALA B 400 -25.20 9.04 -3.64
N VAL B 401 -24.51 9.11 -2.50
CA VAL B 401 -23.34 8.26 -2.27
C VAL B 401 -23.72 6.81 -2.36
N VAL B 402 -24.80 6.43 -1.68
CA VAL B 402 -25.18 5.02 -1.67
C VAL B 402 -25.62 4.55 -3.04
N GLY B 403 -26.38 5.40 -3.71
CA GLY B 403 -26.92 5.04 -5.00
C GLY B 403 -25.85 4.92 -6.06
N ASP B 404 -24.92 5.87 -6.06
CA ASP B 404 -23.84 5.92 -7.05
C ASP B 404 -22.88 4.80 -6.81
N HIS B 405 -22.54 4.56 -5.54
CA HIS B 405 -21.50 3.60 -5.22
C HIS B 405 -22.01 2.20 -5.48
N ASN B 406 -23.27 1.98 -5.08
CA ASN B 406 -23.84 0.63 -5.08
C ASN B 406 -24.59 0.26 -6.33
N VAL B 407 -25.07 1.23 -7.09
CA VAL B 407 -25.87 0.91 -8.27
C VAL B 407 -25.40 1.64 -9.51
N VAL B 408 -25.25 2.96 -9.45
CA VAL B 408 -25.12 3.74 -10.68
C VAL B 408 -23.81 3.52 -11.40
N CYS B 409 -22.71 3.91 -10.76
CA CYS B 409 -21.40 3.68 -11.35
C CYS B 409 -21.07 2.22 -11.71
N PRO B 410 -21.60 1.25 -10.96
CA PRO B 410 -21.47 -0.13 -11.44
C PRO B 410 -22.17 -0.36 -12.80
N VAL B 411 -23.40 0.12 -12.92
CA VAL B 411 -24.11 0.08 -14.20
C VAL B 411 -23.29 0.77 -15.29
N ALA B 412 -22.78 1.95 -14.97
CA ALA B 412 -21.93 2.71 -15.88
C ALA B 412 -20.79 1.84 -16.37
N GLN B 413 -20.02 1.31 -15.44
CA GLN B 413 -18.87 0.48 -15.80
C GLN B 413 -19.30 -0.67 -16.69
N LEU B 414 -20.38 -1.34 -16.34
CA LEU B 414 -20.83 -2.45 -17.16
C LEU B 414 -21.18 -1.99 -18.57
N ALA B 415 -21.88 -0.87 -18.70
CA ALA B 415 -22.36 -0.44 -20.00
C ALA B 415 -21.17 -0.13 -20.86
N GLY B 416 -20.24 0.63 -20.29
CA GLY B 416 -19.02 1.00 -20.99
C GLY B 416 -18.24 -0.23 -21.45
N ARG B 417 -18.02 -1.15 -20.54
CA ARG B 417 -17.24 -2.35 -20.85
C ARG B 417 -17.90 -3.23 -21.91
N LEU B 418 -19.23 -3.35 -21.84
CA LEU B 418 -19.94 -4.20 -22.77
C LEU B 418 -19.97 -3.54 -24.14
N ALA B 419 -20.09 -2.21 -24.15
CA ALA B 419 -20.14 -1.48 -25.41
C ALA B 419 -18.76 -1.46 -26.05
N ALA B 420 -17.72 -1.61 -25.24
CA ALA B 420 -16.34 -1.56 -25.72
C ALA B 420 -15.83 -2.92 -26.13
N GLN B 421 -16.57 -3.96 -25.77
CA GLN B 421 -16.18 -5.33 -26.11
C GLN B 421 -16.99 -5.80 -27.31
N GLY B 422 -17.80 -4.89 -27.83
CA GLY B 422 -18.56 -5.13 -29.05
C GLY B 422 -20.01 -5.50 -28.86
N ALA B 423 -20.63 -5.06 -27.78
CA ALA B 423 -22.04 -5.39 -27.57
C ALA B 423 -22.96 -4.21 -27.82
N ARG B 424 -24.16 -4.50 -28.30
CA ARG B 424 -25.19 -3.48 -28.41
C ARG B 424 -25.76 -3.25 -27.03
N VAL B 425 -25.65 -2.01 -26.56
CA VAL B 425 -26.07 -1.66 -25.21
C VAL B 425 -26.99 -0.46 -25.30
N TYR B 426 -28.18 -0.56 -24.74
CA TYR B 426 -29.08 0.57 -24.62
C TYR B 426 -29.21 0.89 -23.15
N ALA B 427 -29.25 2.17 -22.83
CA ALA B 427 -29.23 2.58 -21.44
C ALA B 427 -30.41 3.47 -21.09
N TYR B 428 -30.80 3.47 -19.83
CA TYR B 428 -31.92 4.30 -19.42
C TYR B 428 -31.82 4.82 -17.98
N ILE B 429 -32.39 5.98 -17.74
CA ILE B 429 -32.67 6.42 -16.38
C ILE B 429 -34.18 6.61 -16.21
N PHE B 430 -34.72 6.06 -15.13
CA PHE B 430 -36.14 6.07 -14.86
C PHE B 430 -36.43 7.20 -13.86
N GLU B 431 -37.13 8.25 -14.31
CA GLU B 431 -37.33 9.43 -13.48
C GLU B 431 -38.77 9.63 -12.98
N HIS B 432 -39.64 8.66 -13.19
CA HIS B 432 -41.03 8.84 -12.76
C HIS B 432 -41.37 8.21 -11.41
N ARG B 433 -41.76 9.07 -10.47
CA ARG B 433 -42.28 8.64 -9.18
C ARG B 433 -43.76 8.30 -9.29
N ALA B 434 -44.09 7.03 -9.04
CA ALA B 434 -45.47 6.58 -9.07
C ALA B 434 -46.30 7.32 -8.04
N SER B 435 -47.53 7.64 -8.41
CA SER B 435 -48.43 8.40 -7.55
C SER B 435 -48.96 7.52 -6.42
N THR B 436 -48.73 6.21 -6.52
CA THR B 436 -49.23 5.26 -5.55
C THR B 436 -48.19 4.94 -4.47
N LEU B 437 -47.02 5.57 -4.55
CA LEU B 437 -45.89 5.30 -3.66
C LEU B 437 -46.15 5.70 -2.19
N THR B 438 -45.95 4.77 -1.27
CA THR B 438 -46.18 5.04 0.15
C THR B 438 -44.94 5.60 0.87
N TRP B 439 -43.80 5.55 0.19
CA TRP B 439 -42.54 6.09 0.72
C TRP B 439 -42.60 7.61 0.72
N PRO B 440 -41.84 8.26 1.62
CA PRO B 440 -41.89 9.72 1.81
C PRO B 440 -41.57 10.52 0.56
N LEU B 441 -41.83 11.81 0.64
CA LEU B 441 -41.57 12.72 -0.46
C LEU B 441 -40.06 12.87 -0.75
N TRP B 442 -39.23 12.70 0.27
CA TRP B 442 -37.80 12.92 0.08
C TRP B 442 -37.09 11.82 -0.70
N MET B 443 -37.57 10.58 -0.56
CA MET B 443 -36.91 9.44 -1.17
C MET B 443 -37.04 9.43 -2.69
N GLY B 444 -37.89 10.30 -3.22
CA GLY B 444 -38.05 10.46 -4.66
C GLY B 444 -38.48 9.22 -5.43
N VAL B 445 -37.67 8.83 -6.42
CA VAL B 445 -37.91 7.60 -7.16
C VAL B 445 -36.95 6.54 -6.67
N PRO B 446 -37.40 5.69 -5.75
CA PRO B 446 -36.54 4.79 -4.99
C PRO B 446 -36.19 3.53 -5.77
N HIS B 447 -35.25 2.76 -5.21
CA HIS B 447 -34.84 1.48 -5.80
C HIS B 447 -36.02 0.54 -5.99
N GLY B 448 -36.21 0.07 -7.22
CA GLY B 448 -37.18 -0.97 -7.50
C GLY B 448 -38.60 -0.48 -7.71
N TYR B 449 -38.75 0.76 -8.17
CA TYR B 449 -40.10 1.27 -8.41
C TYR B 449 -40.36 1.57 -9.87
N GLU B 450 -39.53 0.97 -10.72
CA GLU B 450 -39.81 0.95 -12.14
C GLU B 450 -40.52 -0.37 -12.47
N ILE B 451 -40.30 -1.36 -11.61
CA ILE B 451 -40.78 -2.71 -11.84
C ILE B 451 -42.28 -2.78 -12.14
N GLU B 452 -43.11 -2.22 -11.27
CA GLU B 452 -44.55 -2.23 -11.50
C GLU B 452 -44.90 -1.64 -12.87
N PHE B 453 -44.10 -0.69 -13.32
CA PHE B 453 -44.33 -0.11 -14.63
C PHE B 453 -43.87 -1.05 -15.76
N ILE B 454 -42.66 -1.60 -15.66
CA ILE B 454 -42.19 -2.56 -16.66
C ILE B 454 -43.13 -3.76 -16.76
N PHE B 455 -43.72 -4.16 -15.63
CA PHE B 455 -44.69 -5.26 -15.60
C PHE B 455 -46.13 -4.85 -15.98
N GLY B 456 -46.35 -3.55 -16.09
CA GLY B 456 -47.62 -3.04 -16.56
C GLY B 456 -48.76 -3.10 -15.57
N LEU B 457 -48.47 -2.89 -14.29
CA LEU B 457 -49.51 -2.82 -13.28
C LEU B 457 -50.57 -1.70 -13.42
N PRO B 458 -50.18 -0.51 -13.91
CA PRO B 458 -51.23 0.52 -14.04
C PRO B 458 -52.34 0.18 -15.05
N LEU B 459 -52.16 -0.85 -15.86
CA LEU B 459 -53.19 -1.33 -16.78
C LEU B 459 -54.39 -1.94 -16.05
N ASP B 460 -54.27 -2.10 -14.74
CA ASP B 460 -55.41 -2.51 -13.93
C ASP B 460 -56.01 -1.28 -13.26
N PRO B 461 -57.32 -1.07 -13.50
CA PRO B 461 -57.99 0.15 -13.02
C PRO B 461 -58.20 0.13 -11.52
N SER B 462 -58.42 -1.06 -10.96
CA SER B 462 -58.70 -1.20 -9.54
C SER B 462 -57.50 -0.86 -8.66
N LEU B 463 -56.33 -0.72 -9.30
CA LEU B 463 -55.09 -0.40 -8.61
C LEU B 463 -54.91 1.10 -8.40
N ASN B 464 -55.85 1.87 -8.94
CA ASN B 464 -55.95 3.30 -8.63
C ASN B 464 -54.73 4.09 -9.09
N TYR B 465 -54.15 3.71 -10.24
CA TYR B 465 -53.08 4.51 -10.83
C TYR B 465 -53.73 5.66 -11.59
N THR B 466 -52.94 6.39 -12.38
CA THR B 466 -53.51 7.39 -13.26
C THR B 466 -53.41 6.98 -14.73
N THR B 467 -54.21 7.62 -15.57
CA THR B 467 -54.32 7.29 -16.99
C THR B 467 -52.98 7.41 -17.75
N GLU B 468 -52.26 8.50 -17.50
CA GLU B 468 -50.97 8.72 -18.11
C GLU B 468 -49.93 7.71 -17.63
N GLU B 469 -50.07 7.25 -16.38
CA GLU B 469 -49.23 6.18 -15.88
C GLU B 469 -49.50 4.87 -16.63
N ARG B 470 -50.74 4.69 -17.09
CA ARG B 470 -51.13 3.54 -17.90
C ARG B 470 -50.54 3.64 -19.31
N ILE B 471 -50.59 4.83 -19.90
CA ILE B 471 -49.94 5.07 -21.19
C ILE B 471 -48.44 4.75 -21.07
N PHE B 472 -47.85 5.25 -19.99
CA PHE B 472 -46.45 5.01 -19.68
C PHE B 472 -46.21 3.51 -19.67
N ALA B 473 -46.95 2.80 -18.84
CA ALA B 473 -46.78 1.35 -18.69
C ALA B 473 -46.82 0.67 -20.04
N GLN B 474 -47.79 1.04 -20.87
CA GLN B 474 -47.90 0.44 -22.18
C GLN B 474 -46.62 0.70 -22.99
N ARG B 475 -46.12 1.93 -22.93
CA ARG B 475 -44.92 2.30 -23.69
C ARG B 475 -43.68 1.53 -23.23
N LEU B 476 -43.57 1.31 -21.93
CA LEU B 476 -42.46 0.56 -21.35
C LEU B 476 -42.53 -0.91 -21.75
N MET B 477 -43.72 -1.49 -21.67
CA MET B 477 -43.94 -2.86 -22.12
C MET B 477 -43.57 -2.98 -23.60
N LYS B 478 -43.90 -1.94 -24.36
CA LYS B 478 -43.53 -1.86 -25.77
C LYS B 478 -42.02 -1.91 -25.95
N TYR B 479 -41.29 -1.07 -25.21
CA TYR B 479 -39.83 -1.02 -25.29
C TYR B 479 -39.18 -2.37 -24.95
N TRP B 480 -39.61 -2.94 -23.83
CA TRP B 480 -39.06 -4.19 -23.35
C TRP B 480 -39.36 -5.36 -24.29
N THR B 481 -40.61 -5.47 -24.73
CA THR B 481 -40.99 -6.50 -25.68
C THR B 481 -40.24 -6.35 -27.01
N ASN B 482 -40.13 -5.13 -27.50
CA ASN B 482 -39.37 -4.85 -28.72
C ASN B 482 -37.91 -5.33 -28.58
N PHE B 483 -37.27 -4.99 -27.46
CA PHE B 483 -35.92 -5.49 -27.19
C PHE B 483 -35.89 -7.02 -27.20
N ALA B 484 -36.87 -7.62 -26.54
CA ALA B 484 -37.01 -9.06 -26.46
C ALA B 484 -37.03 -9.74 -27.84
N ARG B 485 -37.88 -9.27 -28.74
CA ARG B 485 -38.01 -9.91 -30.06
C ARG B 485 -36.88 -9.54 -31.02
N THR B 486 -36.65 -8.24 -31.21
CA THR B 486 -35.61 -7.78 -32.13
C THR B 486 -34.27 -7.56 -31.42
N GLY B 487 -34.28 -6.66 -30.44
CA GLY B 487 -33.06 -6.24 -29.77
C GLY B 487 -32.99 -4.72 -29.72
N ASP B 488 -33.84 -4.08 -30.51
CA ASP B 488 -33.98 -2.63 -30.49
C ASP B 488 -35.22 -2.38 -29.66
N PRO B 489 -35.13 -1.50 -28.65
CA PRO B 489 -36.31 -1.13 -27.88
C PRO B 489 -37.26 -0.26 -28.69
N ASN B 490 -36.76 0.31 -29.77
CA ASN B 490 -37.60 1.10 -30.67
C ASN B 490 -38.42 0.28 -31.65
N ASP B 491 -39.62 0.77 -31.92
CA ASP B 491 -40.42 0.21 -32.98
C ASP B 491 -39.69 0.50 -34.30
N PRO B 492 -39.68 -0.48 -35.23
CA PRO B 492 -38.95 -0.33 -36.50
C PRO B 492 -39.61 0.67 -37.46
N ARG B 493 -40.81 0.33 -37.91
CA ARG B 493 -41.55 1.08 -38.92
C ARG B 493 -41.96 2.49 -38.45
N ASP B 494 -42.04 2.68 -37.13
CA ASP B 494 -42.50 3.92 -36.54
C ASP B 494 -41.58 5.10 -36.89
N SER B 495 -42.19 6.17 -37.39
CA SER B 495 -41.47 7.34 -37.88
C SER B 495 -40.78 8.09 -36.73
N LYS B 496 -41.37 9.19 -36.29
CA LYS B 496 -40.87 9.91 -35.13
C LYS B 496 -41.12 9.08 -33.87
N SER B 497 -40.08 8.94 -33.05
CA SER B 497 -40.20 8.16 -31.83
C SER B 497 -40.10 8.98 -30.53
N PRO B 498 -38.96 9.68 -30.27
CA PRO B 498 -37.66 9.82 -30.94
C PRO B 498 -36.76 8.62 -30.68
N GLN B 499 -35.73 8.45 -31.51
CA GLN B 499 -34.92 7.24 -31.49
C GLN B 499 -34.12 7.05 -30.20
N TRP B 500 -34.05 5.80 -29.75
CA TRP B 500 -33.26 5.38 -28.60
C TRP B 500 -31.96 4.77 -29.12
N PRO B 501 -30.84 5.50 -28.96
CA PRO B 501 -29.54 5.14 -29.52
C PRO B 501 -28.71 4.20 -28.65
N PRO B 502 -27.81 3.42 -29.28
CA PRO B 502 -26.96 2.51 -28.51
C PRO B 502 -25.88 3.25 -27.70
N TYR B 503 -25.70 2.82 -26.46
CA TYR B 503 -24.64 3.38 -25.64
C TYR B 503 -23.34 2.93 -26.28
N THR B 504 -22.45 3.89 -26.53
CA THR B 504 -21.11 3.59 -27.01
C THR B 504 -20.14 4.32 -26.11
N THR B 505 -18.87 3.96 -26.17
CA THR B 505 -17.87 4.56 -25.29
C THR B 505 -17.68 6.03 -25.66
N ALA B 506 -17.95 6.34 -26.94
CA ALA B 506 -17.73 7.67 -27.49
C ALA B 506 -18.76 8.72 -27.05
N ALA B 507 -20.04 8.42 -27.28
CA ALA B 507 -21.09 9.41 -27.07
C ALA B 507 -21.79 9.23 -25.72
N GLN B 508 -21.79 8.01 -25.20
CA GLN B 508 -22.41 7.68 -23.93
C GLN B 508 -23.87 8.10 -23.86
N GLN B 509 -24.64 7.76 -24.88
CA GLN B 509 -26.04 8.18 -24.92
C GLN B 509 -26.95 7.25 -24.13
N TYR B 510 -27.81 7.84 -23.30
CA TYR B 510 -28.83 7.09 -22.58
C TYR B 510 -30.15 7.83 -22.63
N VAL B 511 -31.27 7.11 -22.52
CA VAL B 511 -32.58 7.75 -22.60
C VAL B 511 -33.22 8.00 -21.24
N SER B 512 -34.11 8.98 -21.23
CA SER B 512 -34.82 9.36 -20.02
C SER B 512 -36.25 8.83 -20.08
N LEU B 513 -36.52 7.74 -19.37
CA LEU B 513 -37.87 7.18 -19.31
C LEU B 513 -38.66 7.87 -18.22
N ASN B 514 -39.60 8.72 -18.59
CA ASN B 514 -40.39 9.40 -17.56
C ASN B 514 -41.76 9.92 -17.99
N LEU B 515 -42.18 10.94 -17.25
CA LEU B 515 -43.46 11.58 -17.42
C LEU B 515 -43.63 12.08 -18.86
N LYS B 516 -42.66 12.88 -19.30
CA LYS B 516 -42.59 13.46 -20.66
C LYS B 516 -42.19 12.39 -21.69
N PRO B 517 -42.09 12.75 -22.99
CA PRO B 517 -41.60 11.76 -23.95
C PRO B 517 -40.13 11.41 -23.85
N LEU B 518 -39.70 10.60 -24.81
CA LEU B 518 -38.34 10.09 -24.85
C LEU B 518 -37.36 11.24 -25.05
N GLU B 519 -36.38 11.34 -24.16
CA GLU B 519 -35.39 12.40 -24.22
C GLU B 519 -33.96 11.81 -24.12
N VAL B 520 -33.03 12.31 -24.92
CA VAL B 520 -31.69 11.72 -25.00
C VAL B 520 -30.64 12.52 -24.23
N ARG B 521 -29.91 11.83 -23.36
CA ARG B 521 -28.91 12.45 -22.52
C ARG B 521 -27.52 11.82 -22.68
N ARG B 522 -26.51 12.55 -22.24
CA ARG B 522 -25.12 12.24 -22.52
C ARG B 522 -24.35 12.03 -21.21
N GLY B 523 -23.63 10.92 -21.12
CA GLY B 523 -22.76 10.69 -19.98
C GLY B 523 -23.46 10.28 -18.69
N LEU B 524 -23.54 8.98 -18.46
CA LEU B 524 -24.08 8.44 -17.21
C LEU B 524 -23.07 8.71 -16.11
N ARG B 525 -23.32 9.81 -15.40
CA ARG B 525 -22.41 10.38 -14.41
C ARG B 525 -20.97 10.17 -14.85
N ALA B 526 -20.50 10.93 -15.83
CA ALA B 526 -19.15 10.73 -16.32
C ALA B 526 -18.15 11.04 -15.20
N GLN B 527 -18.19 12.29 -14.72
CA GLN B 527 -17.57 12.67 -13.46
C GLN B 527 -18.27 11.83 -12.40
N THR B 528 -17.76 11.83 -11.17
CA THR B 528 -18.35 11.02 -10.10
C THR B 528 -18.10 9.54 -10.35
N CYS B 529 -18.61 8.99 -11.44
CA CYS B 529 -18.29 7.61 -11.74
C CYS B 529 -16.86 7.45 -12.20
N ALA B 530 -16.25 8.54 -12.65
CA ALA B 530 -14.83 8.48 -12.93
C ALA B 530 -14.13 8.28 -11.60
N PHE B 531 -14.57 9.05 -10.61
CA PHE B 531 -14.12 8.93 -9.22
C PHE B 531 -14.22 7.47 -8.74
N TRP B 532 -15.43 6.95 -8.75
CA TRP B 532 -15.73 5.64 -8.19
C TRP B 532 -15.05 4.52 -8.93
N ASN B 533 -14.97 4.61 -10.26
CA ASN B 533 -14.44 3.49 -11.01
C ASN B 533 -12.94 3.51 -11.26
N ARG B 534 -12.41 4.68 -11.61
CA ARG B 534 -11.01 4.79 -11.96
C ARG B 534 -10.13 5.10 -10.74
N PHE B 535 -10.54 6.08 -9.95
CA PHE B 535 -9.68 6.65 -8.93
C PHE B 535 -9.62 5.85 -7.64
N LEU B 536 -10.79 5.66 -7.02
CA LEU B 536 -10.90 4.98 -5.73
C LEU B 536 -10.13 3.67 -5.57
N PRO B 537 -10.20 2.76 -6.55
CA PRO B 537 -9.34 1.56 -6.46
C PRO B 537 -7.85 1.86 -6.28
N LYS B 538 -7.30 2.76 -7.08
CA LYS B 538 -5.91 3.20 -6.95
C LYS B 538 -5.60 3.72 -5.54
N LEU B 539 -6.64 3.86 -4.74
CA LEU B 539 -6.58 4.47 -3.42
C LEU B 539 -6.99 3.50 -2.31
N LEU B 540 -7.65 2.41 -2.69
CA LEU B 540 -7.94 1.33 -1.74
C LEU B 540 -6.77 0.36 -1.83
N SER B 541 -6.07 0.46 -2.97
CA SER B 541 -4.71 -0.02 -3.14
C SER B 541 -3.80 1.07 -2.59
N ALA B 542 -2.49 0.96 -2.80
CA ALA B 542 -1.52 1.91 -2.24
C ALA B 542 -1.77 2.18 -0.75
N THR B 543 -2.78 3.02 -0.48
CA THR B 543 -3.14 3.38 0.90
C THR B 543 -4.56 2.94 1.32
N GLU C 4 -7.99 -43.57 63.91
CA GLU C 4 -7.31 -43.38 65.18
C GLU C 4 -5.90 -42.87 64.96
N ASP C 5 -5.42 -42.98 63.73
CA ASP C 5 -4.05 -42.59 63.39
C ASP C 5 -3.82 -41.15 63.82
N PRO C 6 -2.87 -40.93 64.74
CA PRO C 6 -2.59 -39.64 65.38
C PRO C 6 -1.76 -38.74 64.48
N GLN C 7 -1.39 -39.24 63.30
CA GLN C 7 -0.62 -38.45 62.35
C GLN C 7 -1.51 -37.86 61.24
N LEU C 8 -2.79 -38.19 61.23
CA LEU C 8 -3.63 -37.76 60.14
C LEU C 8 -4.71 -36.79 60.57
N LEU C 9 -4.74 -36.45 61.85
CA LEU C 9 -5.73 -35.50 62.33
C LEU C 9 -5.07 -34.13 62.52
N VAL C 10 -5.33 -33.21 61.59
CA VAL C 10 -4.74 -31.87 61.64
C VAL C 10 -5.82 -30.80 61.75
N ARG C 11 -5.47 -29.69 62.39
CA ARG C 11 -6.39 -28.57 62.54
C ARG C 11 -5.85 -27.38 61.76
N VAL C 12 -6.71 -26.76 60.97
CA VAL C 12 -6.36 -25.56 60.27
C VAL C 12 -7.24 -24.42 60.78
N ARG C 13 -7.36 -23.35 60.00
CA ARG C 13 -8.04 -22.16 60.45
C ARG C 13 -9.53 -22.41 60.57
N GLY C 14 -10.07 -23.15 59.62
CA GLY C 14 -11.51 -23.31 59.53
C GLY C 14 -12.06 -24.41 60.42
N GLY C 15 -11.16 -25.18 61.02
CA GLY C 15 -11.55 -26.30 61.89
C GLY C 15 -10.72 -27.54 61.69
N GLN C 16 -11.22 -28.67 62.20
CA GLN C 16 -10.48 -29.94 62.16
C GLN C 16 -10.65 -30.71 60.86
N LEU C 17 -9.63 -31.48 60.49
CA LEU C 17 -9.73 -32.40 59.37
C LEU C 17 -8.86 -33.63 59.48
N ARG C 18 -9.32 -34.72 58.86
CA ARG C 18 -8.69 -36.04 58.92
C ARG C 18 -8.23 -36.46 57.53
N GLY C 19 -6.97 -36.87 57.42
CA GLY C 19 -6.42 -37.24 56.13
C GLY C 19 -6.23 -38.74 56.06
N ILE C 20 -5.52 -39.17 55.04
CA ILE C 20 -5.35 -40.58 54.76
C ILE C 20 -3.87 -40.93 54.56
N ARG C 21 -3.47 -42.13 54.95
CA ARG C 21 -2.11 -42.57 54.70
C ARG C 21 -2.07 -43.29 53.37
N LEU C 22 -1.54 -42.65 52.33
CA LEU C 22 -1.35 -43.34 51.04
C LEU C 22 -0.04 -44.14 51.02
N LYS C 23 0.01 -45.17 50.17
CA LYS C 23 1.26 -45.89 49.92
C LYS C 23 1.97 -45.39 48.65
N ALA C 24 3.20 -44.92 48.81
CA ALA C 24 4.04 -44.57 47.67
C ALA C 24 4.97 -45.74 47.47
N PRO C 25 5.68 -45.80 46.31
CA PRO C 25 6.48 -46.99 46.08
C PRO C 25 7.58 -47.17 47.11
N GLY C 26 7.91 -46.12 47.83
CA GLY C 26 9.03 -46.16 48.74
C GLY C 26 8.67 -45.82 50.17
N GLY C 27 7.46 -46.18 50.57
CA GLY C 27 6.98 -45.83 51.89
C GLY C 27 5.80 -44.88 51.85
N PRO C 28 5.16 -44.66 52.99
CA PRO C 28 3.86 -43.99 53.02
C PRO C 28 4.02 -42.49 52.88
N VAL C 29 2.92 -41.82 52.49
CA VAL C 29 2.84 -40.38 52.55
C VAL C 29 1.51 -40.02 53.20
N SER C 30 1.38 -38.77 53.65
CA SER C 30 0.15 -38.23 54.20
C SER C 30 -0.59 -37.44 53.13
N ALA C 31 -1.84 -37.76 52.89
CA ALA C 31 -2.61 -37.04 51.90
C ALA C 31 -3.85 -36.48 52.56
N PHE C 32 -4.04 -35.18 52.41
CA PHE C 32 -5.21 -34.49 52.88
C PHE C 32 -5.85 -33.93 51.64
N LEU C 33 -6.80 -34.66 51.07
CA LEU C 33 -7.41 -34.22 49.82
C LEU C 33 -8.80 -33.65 50.02
N GLY C 34 -9.09 -32.57 49.28
CA GLY C 34 -10.45 -32.05 49.20
C GLY C 34 -10.86 -31.19 50.38
N ILE C 35 -9.97 -30.26 50.75
CA ILE C 35 -10.20 -29.29 51.80
C ILE C 35 -10.86 -28.04 51.22
N PRO C 36 -12.02 -27.62 51.75
CA PRO C 36 -12.64 -26.42 51.20
C PRO C 36 -11.80 -25.18 51.50
N PHE C 37 -11.57 -24.33 50.51
CA PHE C 37 -10.80 -23.12 50.75
C PHE C 37 -11.60 -21.90 50.45
N ALA C 38 -12.75 -22.12 49.80
CA ALA C 38 -13.74 -21.06 49.60
C ALA C 38 -15.15 -21.61 49.76
N GLU C 39 -16.09 -20.71 50.04
CA GLU C 39 -17.51 -21.04 50.00
C GLU C 39 -17.82 -21.34 48.55
N PRO C 40 -18.77 -22.26 48.30
CA PRO C 40 -18.97 -22.72 46.92
C PRO C 40 -19.58 -21.63 46.05
N PRO C 41 -18.98 -21.38 44.88
CA PRO C 41 -19.40 -20.30 43.98
C PRO C 41 -20.64 -20.68 43.19
N VAL C 42 -21.72 -20.98 43.90
CA VAL C 42 -22.91 -21.51 43.28
C VAL C 42 -24.05 -20.51 43.38
N GLY C 43 -25.02 -20.65 42.48
CA GLY C 43 -26.15 -19.74 42.42
C GLY C 43 -25.73 -18.30 42.22
N SER C 44 -26.05 -17.46 43.19
CA SER C 44 -25.70 -16.04 43.11
C SER C 44 -24.18 -15.76 43.18
N ARG C 45 -23.39 -16.77 43.54
CA ARG C 45 -21.97 -16.53 43.69
C ARG C 45 -21.28 -16.80 42.36
N ARG C 46 -22.03 -17.40 41.44
CA ARG C 46 -21.52 -17.73 40.13
C ARG C 46 -21.03 -16.46 39.44
N PHE C 47 -19.82 -16.54 38.89
CA PHE C 47 -19.12 -15.48 38.14
C PHE C 47 -18.37 -14.52 39.06
N MET C 48 -18.73 -14.56 40.34
CA MET C 48 -18.16 -13.63 41.33
C MET C 48 -16.90 -14.17 41.97
N PRO C 49 -16.09 -13.27 42.54
CA PRO C 49 -14.91 -13.63 43.31
C PRO C 49 -15.20 -14.66 44.39
N PRO C 50 -14.23 -15.53 44.68
CA PRO C 50 -14.47 -16.51 45.73
C PRO C 50 -14.55 -15.80 47.08
N GLU C 51 -15.27 -16.38 48.04
CA GLU C 51 -15.25 -15.93 49.44
C GLU C 51 -14.57 -16.97 50.29
N PRO C 52 -13.76 -16.53 51.26
CA PRO C 52 -13.02 -17.49 52.10
C PRO C 52 -13.99 -18.42 52.81
N LYS C 53 -13.61 -19.69 52.91
CA LYS C 53 -14.46 -20.73 53.47
C LYS C 53 -14.72 -20.47 54.94
N ARG C 54 -16.00 -20.36 55.29
CA ARG C 54 -16.41 -20.15 56.68
C ARG C 54 -16.14 -21.40 57.49
N PRO C 55 -15.64 -21.23 58.72
CA PRO C 55 -15.38 -22.29 59.67
C PRO C 55 -16.48 -23.34 59.74
N TRP C 56 -16.09 -24.61 59.71
CA TRP C 56 -16.99 -25.74 59.86
C TRP C 56 -16.87 -26.37 61.24
N SER C 57 -17.81 -27.22 61.60
CA SER C 57 -17.74 -27.89 62.89
C SER C 57 -17.42 -29.38 62.68
N GLY C 58 -16.83 -30.00 63.69
CA GLY C 58 -16.49 -31.41 63.64
C GLY C 58 -15.24 -31.73 62.82
N VAL C 59 -14.94 -33.02 62.62
CA VAL C 59 -13.78 -33.37 61.83
C VAL C 59 -14.10 -33.63 60.35
N LEU C 60 -13.49 -32.83 59.48
CA LEU C 60 -13.73 -32.84 58.04
C LEU C 60 -13.05 -34.00 57.34
N ASP C 61 -13.80 -34.74 56.53
CA ASP C 61 -13.21 -35.86 55.81
C ASP C 61 -12.38 -35.37 54.65
N ALA C 62 -11.06 -35.48 54.80
CA ALA C 62 -10.13 -35.11 53.74
C ALA C 62 -9.34 -36.32 53.26
N THR C 63 -10.04 -37.43 53.01
CA THR C 63 -9.36 -38.66 52.66
C THR C 63 -9.53 -39.02 51.18
N THR C 64 -10.45 -38.33 50.50
CA THR C 64 -10.62 -38.49 49.05
C THR C 64 -10.64 -37.15 48.36
N PHE C 65 -10.75 -37.16 47.03
CA PHE C 65 -10.84 -35.93 46.25
C PHE C 65 -12.25 -35.34 46.19
N GLN C 66 -12.33 -34.05 45.86
CA GLN C 66 -13.62 -33.42 45.67
C GLN C 66 -13.98 -33.28 44.19
N ASN C 67 -15.18 -32.75 43.96
CA ASN C 67 -15.69 -32.54 42.62
C ASN C 67 -14.73 -31.77 41.75
N VAL C 68 -14.80 -32.01 40.44
CA VAL C 68 -14.03 -31.24 39.46
C VAL C 68 -14.87 -30.05 39.01
N CYS C 69 -14.26 -28.86 38.96
CA CYS C 69 -14.96 -27.67 38.48
C CYS C 69 -15.70 -27.89 37.14
N TYR C 70 -16.99 -27.52 37.11
CA TYR C 70 -17.86 -27.87 36.01
C TYR C 70 -17.28 -27.38 34.71
N GLN C 71 -17.03 -28.32 33.80
CA GLN C 71 -16.25 -27.99 32.63
C GLN C 71 -16.62 -28.80 31.39
N TYR C 72 -16.08 -28.37 30.26
CA TYR C 72 -16.08 -29.11 29.00
C TYR C 72 -15.24 -30.40 29.07
N VAL C 73 -15.69 -31.41 28.32
CA VAL C 73 -15.04 -32.72 28.25
C VAL C 73 -14.63 -33.07 26.82
N ASP C 74 -13.34 -33.33 26.65
CA ASP C 74 -12.76 -33.63 25.35
C ASP C 74 -13.39 -34.88 24.76
N THR C 75 -13.95 -34.74 23.57
CA THR C 75 -14.69 -35.85 22.95
C THR C 75 -14.01 -36.30 21.65
N LEU C 76 -12.75 -35.88 21.46
CA LEU C 76 -12.07 -36.03 20.16
C LEU C 76 -11.74 -37.47 19.82
N TYR C 77 -11.35 -38.25 20.81
CA TYR C 77 -11.04 -39.63 20.54
C TYR C 77 -11.50 -40.47 21.68
N PRO C 78 -12.83 -40.72 21.77
CA PRO C 78 -13.37 -41.39 22.96
C PRO C 78 -12.70 -42.74 23.22
N GLY C 79 -12.34 -42.99 24.48
CA GLY C 79 -11.66 -44.21 24.86
C GLY C 79 -10.15 -44.20 24.66
N PHE C 80 -9.65 -43.19 23.97
CA PHE C 80 -8.22 -43.09 23.72
C PHE C 80 -7.53 -42.48 24.93
N GLU C 81 -6.62 -43.23 25.52
CA GLU C 81 -5.95 -42.80 26.73
C GLU C 81 -5.24 -41.45 26.58
N GLY C 82 -4.61 -41.21 25.44
CA GLY C 82 -3.87 -39.99 25.20
C GLY C 82 -4.65 -38.68 25.36
N THR C 83 -5.97 -38.74 25.14
CA THR C 83 -6.84 -37.60 25.43
C THR C 83 -7.58 -37.78 26.74
N GLU C 84 -7.94 -39.02 27.04
CA GLU C 84 -8.79 -39.30 28.18
C GLU C 84 -8.08 -38.97 29.48
N MET C 85 -6.77 -39.15 29.49
CA MET C 85 -5.95 -38.89 30.69
C MET C 85 -6.10 -37.47 31.20
N TRP C 86 -6.58 -36.55 30.36
CA TRP C 86 -6.78 -35.17 30.79
C TRP C 86 -8.24 -34.87 31.14
N ASN C 87 -9.13 -35.80 30.79
CA ASN C 87 -10.54 -35.67 31.14
C ASN C 87 -10.78 -35.85 32.64
N PRO C 88 -11.82 -35.17 33.17
CA PRO C 88 -12.20 -35.16 34.58
C PRO C 88 -12.31 -36.56 35.16
N ASN C 89 -11.94 -36.74 36.43
CA ASN C 89 -12.11 -38.04 37.07
C ASN C 89 -12.92 -38.03 38.35
N ARG C 90 -13.76 -37.03 38.52
CA ARG C 90 -14.66 -36.93 39.67
C ARG C 90 -15.90 -36.14 39.23
N GLU C 91 -17.04 -36.41 39.87
CA GLU C 91 -18.31 -35.73 39.58
C GLU C 91 -18.17 -34.22 39.27
N LEU C 92 -18.72 -33.77 38.15
CA LEU C 92 -18.54 -32.38 37.76
C LEU C 92 -19.50 -31.58 38.57
N SER C 93 -19.02 -30.52 39.22
CA SER C 93 -19.94 -29.61 39.88
C SER C 93 -19.40 -28.18 39.98
N GLU C 94 -20.28 -27.22 40.18
CA GLU C 94 -19.85 -25.86 40.44
C GLU C 94 -19.26 -25.75 41.85
N ASP C 95 -19.64 -26.68 42.71
CA ASP C 95 -19.08 -26.80 44.06
C ASP C 95 -17.79 -27.61 43.97
N CYS C 96 -16.66 -26.93 43.93
CA CYS C 96 -15.47 -27.54 43.41
C CYS C 96 -14.18 -26.87 43.90
N LEU C 97 -14.36 -25.73 44.57
CA LEU C 97 -13.23 -25.00 45.12
C LEU C 97 -12.72 -25.69 46.39
N TYR C 98 -11.88 -26.70 46.16
CA TYR C 98 -11.25 -27.48 47.22
C TYR C 98 -9.82 -27.63 46.82
N LEU C 99 -8.96 -27.93 47.80
CA LEU C 99 -7.54 -28.17 47.54
C LEU C 99 -7.04 -29.41 48.25
N ASN C 100 -5.83 -29.82 47.87
CA ASN C 100 -5.22 -31.06 48.33
C ASN C 100 -3.82 -30.80 48.80
N VAL C 101 -3.41 -31.48 49.88
CA VAL C 101 -2.01 -31.45 50.38
C VAL C 101 -1.38 -32.83 50.56
N TRP C 102 -0.18 -33.03 50.05
CA TRP C 102 0.60 -34.26 50.30
C TRP C 102 1.85 -33.91 51.08
N THR C 103 2.06 -34.54 52.22
CA THR C 103 3.32 -34.38 52.96
C THR C 103 3.92 -35.75 53.24
N PRO C 104 5.20 -35.80 53.65
CA PRO C 104 5.75 -37.11 54.01
C PRO C 104 5.03 -37.71 55.22
N TYR C 105 5.12 -39.04 55.38
CA TYR C 105 4.59 -39.76 56.54
C TYR C 105 5.73 -40.51 57.19
N PRO C 106 6.09 -40.14 58.42
CA PRO C 106 5.40 -39.15 59.25
C PRO C 106 5.69 -37.75 58.79
N ARG C 107 4.82 -36.83 59.20
CA ARG C 107 4.94 -35.42 58.86
C ARG C 107 6.30 -34.88 59.32
N PRO C 108 6.86 -33.92 58.54
CA PRO C 108 8.20 -33.43 58.81
C PRO C 108 8.31 -32.63 60.10
N ALA C 109 9.34 -32.90 60.90
CA ALA C 109 9.66 -32.01 61.99
C ALA C 109 10.61 -31.02 61.37
N SER C 110 10.40 -29.73 61.63
CA SER C 110 11.09 -28.62 60.91
C SER C 110 10.45 -28.28 59.55
N PRO C 111 10.25 -26.98 59.28
CA PRO C 111 9.52 -26.46 58.11
C PRO C 111 10.09 -26.90 56.77
N THR C 112 9.21 -27.16 55.81
CA THR C 112 9.60 -27.72 54.53
C THR C 112 9.08 -26.82 53.42
N PRO C 113 9.90 -26.62 52.38
CA PRO C 113 9.53 -25.83 51.20
C PRO C 113 8.31 -26.40 50.52
N VAL C 114 7.37 -25.53 50.14
CA VAL C 114 6.10 -25.95 49.59
C VAL C 114 6.07 -25.75 48.08
N LEU C 115 5.54 -26.76 47.37
CA LEU C 115 5.34 -26.68 45.94
C LEU C 115 3.86 -26.65 45.68
N ILE C 116 3.41 -25.61 44.99
CA ILE C 116 2.03 -25.51 44.59
C ILE C 116 1.90 -25.71 43.08
N TRP C 117 1.21 -26.77 42.68
CA TRP C 117 0.86 -26.98 41.28
C TRP C 117 -0.41 -26.20 40.91
N ILE C 118 -0.37 -25.52 39.77
CA ILE C 118 -1.58 -24.98 39.17
C ILE C 118 -1.71 -25.70 37.84
N TYR C 119 -2.87 -26.33 37.62
CA TYR C 119 -3.09 -27.11 36.41
C TYR C 119 -3.39 -26.24 35.21
N GLY C 120 -3.38 -26.85 34.02
CA GLY C 120 -3.63 -26.20 32.76
C GLY C 120 -4.83 -26.90 32.14
N GLY C 121 -5.10 -26.63 30.86
CA GLY C 121 -6.34 -27.06 30.23
C GLY C 121 -7.10 -25.85 29.69
N GLY C 122 -6.34 -24.90 29.15
CA GLY C 122 -6.87 -23.78 28.37
C GLY C 122 -7.87 -22.86 29.05
N PHE C 123 -7.90 -22.90 30.37
CA PHE C 123 -8.87 -22.17 31.17
C PHE C 123 -10.30 -22.66 30.93
N TYR C 124 -10.45 -23.85 30.37
CA TYR C 124 -11.77 -24.41 30.14
C TYR C 124 -11.89 -25.81 30.66
N SER C 125 -10.81 -26.31 31.26
CA SER C 125 -10.74 -27.69 31.74
C SER C 125 -9.65 -27.82 32.77
N GLY C 126 -9.39 -29.06 33.20
CA GLY C 126 -8.36 -29.34 34.19
C GLY C 126 -8.99 -29.78 35.49
N ALA C 127 -8.16 -30.10 36.47
CA ALA C 127 -8.55 -30.75 37.72
C ALA C 127 -7.29 -31.15 38.51
N ALA C 128 -7.25 -30.86 39.81
CA ALA C 128 -6.12 -31.26 40.64
C ALA C 128 -6.02 -32.78 40.81
N SER C 129 -7.12 -33.48 40.54
CA SER C 129 -7.23 -34.90 40.88
C SER C 129 -6.76 -35.85 39.81
N LEU C 130 -6.35 -35.32 38.66
CA LEU C 130 -5.74 -36.13 37.60
C LEU C 130 -4.49 -36.89 38.07
N ASP C 131 -4.33 -38.11 37.56
CA ASP C 131 -3.27 -38.98 38.06
C ASP C 131 -1.87 -38.44 37.74
N VAL C 132 -1.78 -37.63 36.69
CA VAL C 132 -0.52 -37.03 36.29
C VAL C 132 -0.02 -36.01 37.29
N TYR C 133 -0.93 -35.51 38.13
CA TYR C 133 -0.59 -34.47 39.12
C TYR C 133 -0.56 -35.02 40.55
N ASP C 134 -0.41 -36.35 40.67
CA ASP C 134 -0.31 -37.02 41.98
C ASP C 134 0.97 -36.62 42.67
N GLY C 135 0.82 -36.03 43.84
CA GLY C 135 1.92 -35.48 44.60
C GLY C 135 2.59 -36.48 45.55
N ARG C 136 2.21 -37.75 45.48
CA ARG C 136 2.79 -38.69 46.43
C ARG C 136 4.27 -38.97 46.18
N PHE C 137 4.72 -38.85 44.95
CA PHE C 137 6.13 -39.18 44.72
C PHE C 137 7.08 -38.06 45.15
N LEU C 138 6.71 -36.82 44.91
CA LEU C 138 7.56 -35.70 45.31
C LEU C 138 7.60 -35.61 46.84
N ALA C 139 6.47 -35.88 47.48
CA ALA C 139 6.43 -35.92 48.94
C ALA C 139 7.25 -37.09 49.48
N GLN C 140 7.06 -38.29 48.95
CA GLN C 140 7.79 -39.43 49.50
C GLN C 140 9.28 -39.25 49.28
N VAL C 141 9.66 -39.11 48.02
CA VAL C 141 11.06 -39.09 47.63
C VAL C 141 11.78 -37.81 47.98
N GLU C 142 11.28 -36.67 47.51
CA GLU C 142 12.02 -35.44 47.73
C GLU C 142 11.65 -34.75 49.03
N GLY C 143 10.75 -35.36 49.80
CA GLY C 143 10.29 -34.80 51.05
C GLY C 143 9.49 -33.51 50.92
N ALA C 144 8.85 -33.29 49.79
CA ALA C 144 8.15 -32.02 49.61
C ALA C 144 6.73 -31.94 50.22
N VAL C 145 6.25 -30.72 50.37
CA VAL C 145 4.88 -30.52 50.79
C VAL C 145 4.12 -29.98 49.59
N LEU C 146 3.34 -30.84 48.95
CA LEU C 146 2.74 -30.49 47.70
C LEU C 146 1.26 -30.11 47.81
N VAL C 147 0.89 -28.97 47.27
CA VAL C 147 -0.48 -28.48 47.33
C VAL C 147 -1.01 -28.27 45.93
N SER C 148 -2.21 -28.76 45.66
CA SER C 148 -2.89 -28.40 44.42
C SER C 148 -4.31 -27.91 44.67
N MET C 149 -4.78 -26.94 43.90
CA MET C 149 -6.15 -26.48 44.09
C MET C 149 -6.92 -26.63 42.81
N ASN C 150 -8.22 -26.81 42.94
CA ASN C 150 -9.10 -26.66 41.80
C ASN C 150 -9.44 -25.17 41.63
N TYR C 151 -9.60 -24.71 40.40
CA TYR C 151 -10.02 -23.34 40.19
C TYR C 151 -11.03 -23.34 39.08
N ARG C 152 -12.04 -22.47 39.19
CA ARG C 152 -13.09 -22.40 38.20
C ARG C 152 -12.56 -22.12 36.80
N VAL C 153 -12.87 -23.01 35.86
CA VAL C 153 -12.55 -22.79 34.45
C VAL C 153 -13.82 -22.47 33.66
N GLY C 154 -13.66 -22.30 32.34
CA GLY C 154 -14.77 -21.99 31.46
C GLY C 154 -15.45 -20.67 31.79
N THR C 155 -16.74 -20.56 31.49
CA THR C 155 -17.47 -19.34 31.81
C THR C 155 -17.47 -19.09 33.32
N PHE C 156 -17.67 -20.17 34.08
CA PHE C 156 -17.84 -20.07 35.52
C PHE C 156 -16.65 -19.37 36.13
N GLY C 157 -15.47 -19.66 35.57
CA GLY C 157 -14.23 -19.08 36.01
C GLY C 157 -13.81 -17.79 35.34
N PHE C 158 -14.12 -17.58 34.05
CA PHE C 158 -13.56 -16.44 33.30
C PHE C 158 -14.48 -15.57 32.44
N LEU C 159 -15.78 -15.84 32.48
CA LEU C 159 -16.71 -14.94 31.85
C LEU C 159 -16.56 -13.59 32.52
N ALA C 160 -16.53 -12.54 31.71
CA ALA C 160 -16.32 -11.20 32.21
C ALA C 160 -17.19 -10.18 31.50
N LEU C 161 -17.82 -9.30 32.27
CA LEU C 161 -18.37 -8.06 31.76
C LEU C 161 -17.56 -7.01 32.48
N PRO C 162 -16.42 -6.61 31.89
CA PRO C 162 -15.45 -5.86 32.68
C PRO C 162 -16.03 -4.58 33.23
N GLY C 163 -15.82 -4.34 34.52
CA GLY C 163 -16.34 -3.14 35.14
C GLY C 163 -17.59 -3.38 35.95
N SER C 164 -18.22 -4.53 35.77
CA SER C 164 -19.43 -4.82 36.55
C SER C 164 -19.08 -5.54 37.84
N ARG C 165 -19.96 -5.39 38.82
CA ARG C 165 -19.76 -5.97 40.13
C ARG C 165 -19.89 -7.49 40.05
N GLU C 166 -20.86 -7.98 39.27
CA GLU C 166 -21.27 -9.37 39.33
C GLU C 166 -20.53 -10.34 38.44
N ALA C 167 -19.75 -9.84 37.49
CA ALA C 167 -18.83 -10.70 36.75
C ALA C 167 -17.68 -9.85 36.33
N PRO C 168 -16.72 -9.66 37.25
CA PRO C 168 -15.61 -8.74 37.06
C PRO C 168 -14.62 -9.35 36.11
N GLY C 169 -14.73 -10.65 35.85
CA GLY C 169 -13.65 -11.37 35.20
C GLY C 169 -12.53 -11.81 36.14
N ASN C 170 -11.67 -12.69 35.61
CA ASN C 170 -10.47 -13.28 36.29
C ASN C 170 -10.71 -14.06 37.56
N VAL C 171 -11.94 -14.52 37.79
CA VAL C 171 -12.21 -15.12 39.09
C VAL C 171 -11.52 -16.49 39.31
N GLY C 172 -11.22 -17.24 38.27
CA GLY C 172 -10.48 -18.48 38.48
C GLY C 172 -9.09 -18.18 39.03
N LEU C 173 -8.51 -17.10 38.51
CA LEU C 173 -7.27 -16.55 39.02
C LEU C 173 -7.40 -16.23 40.50
N LEU C 174 -8.50 -15.58 40.87
CA LEU C 174 -8.75 -15.25 42.27
C LEU C 174 -8.90 -16.48 43.16
N ASP C 175 -9.51 -17.54 42.62
CA ASP C 175 -9.65 -18.81 43.32
C ASP C 175 -8.29 -19.29 43.67
N GLN C 176 -7.44 -19.32 42.66
CA GLN C 176 -6.04 -19.64 42.88
C GLN C 176 -5.49 -18.82 44.02
N ARG C 177 -5.47 -17.50 43.84
CA ARG C 177 -4.93 -16.60 44.84
C ARG C 177 -5.39 -16.96 46.24
N LEU C 178 -6.67 -17.29 46.36
CA LEU C 178 -7.27 -17.56 47.65
C LEU C 178 -6.66 -18.82 48.20
N ALA C 179 -6.46 -19.82 47.34
CA ALA C 179 -5.80 -21.04 47.76
C ALA C 179 -4.39 -20.72 48.28
N LEU C 180 -3.73 -19.78 47.62
CA LEU C 180 -2.40 -19.33 48.05
C LEU C 180 -2.41 -18.65 49.43
N GLN C 181 -3.44 -17.87 49.69
CA GLN C 181 -3.58 -17.24 51.00
C GLN C 181 -3.86 -18.32 52.05
N TRP C 182 -4.60 -19.33 51.62
CA TRP C 182 -4.96 -20.42 52.50
C TRP C 182 -3.69 -21.15 52.90
N VAL C 183 -2.84 -21.38 51.91
CA VAL C 183 -1.52 -21.93 52.13
C VAL C 183 -0.75 -21.05 53.11
N GLN C 184 -0.67 -19.74 52.88
CA GLN C 184 0.04 -18.86 53.83
C GLN C 184 -0.41 -19.04 55.27
N GLU C 185 -1.71 -18.92 55.55
CA GLU C 185 -2.17 -19.07 56.94
C GLU C 185 -2.00 -20.48 57.49
N ASN C 186 -2.26 -21.48 56.67
CA ASN C 186 -2.46 -22.83 57.17
C ASN C 186 -1.42 -23.90 56.92
N ILE C 187 -0.50 -23.69 55.99
CA ILE C 187 0.38 -24.78 55.54
C ILE C 187 1.31 -25.22 56.64
N ALA C 188 1.66 -24.29 57.53
CA ALA C 188 2.56 -24.60 58.63
C ALA C 188 1.99 -25.64 59.59
N ALA C 189 0.69 -25.85 59.55
CA ALA C 189 0.08 -26.91 60.34
C ALA C 189 0.49 -28.26 59.79
N PHE C 190 0.94 -28.28 58.54
CA PHE C 190 1.31 -29.52 57.88
C PHE C 190 2.82 -29.66 57.73
N GLY C 191 3.57 -28.77 58.37
CA GLY C 191 5.00 -28.77 58.23
C GLY C 191 5.45 -27.92 57.06
N GLY C 192 4.50 -27.22 56.45
CA GLY C 192 4.80 -26.32 55.37
C GLY C 192 5.54 -25.08 55.87
N ASP C 193 6.34 -24.48 55.00
CA ASP C 193 7.12 -23.31 55.33
C ASP C 193 6.66 -22.20 54.43
N PRO C 194 5.83 -21.27 54.95
CA PRO C 194 5.20 -20.33 54.02
C PRO C 194 6.23 -19.40 53.39
N MET C 195 7.28 -19.06 54.12
CA MET C 195 8.36 -18.26 53.54
C MET C 195 9.22 -18.98 52.47
N SER C 196 8.87 -20.22 52.12
CA SER C 196 9.48 -20.89 50.96
C SER C 196 8.47 -21.57 50.04
N VAL C 197 7.73 -20.78 49.25
CA VAL C 197 6.69 -21.31 48.38
C VAL C 197 7.07 -21.12 46.93
N THR C 198 7.03 -22.22 46.18
CA THR C 198 7.31 -22.20 44.75
C THR C 198 6.05 -22.58 44.02
N LEU C 199 5.58 -21.74 43.10
CA LEU C 199 4.45 -22.11 42.24
C LEU C 199 5.03 -22.82 41.04
N PHE C 200 4.29 -23.75 40.47
CA PHE C 200 4.72 -24.33 39.21
C PHE C 200 3.52 -24.89 38.49
N GLY C 201 3.48 -24.67 37.16
CA GLY C 201 2.35 -25.08 36.33
C GLY C 201 2.60 -25.08 34.84
N GLU C 202 1.82 -25.88 34.13
CA GLU C 202 2.05 -26.17 32.72
C GLU C 202 0.90 -25.66 31.83
N SER C 203 1.19 -25.26 30.58
CA SER C 203 0.18 -24.71 29.63
C SER C 203 -0.52 -23.57 30.34
N ALA C 204 -1.85 -23.59 30.44
CA ALA C 204 -2.58 -22.49 31.08
C ALA C 204 -2.06 -22.26 32.50
N GLY C 205 -1.74 -23.36 33.19
CA GLY C 205 -1.08 -23.30 34.50
C GLY C 205 0.04 -22.28 34.57
N ALA C 206 0.96 -22.37 33.61
CA ALA C 206 2.06 -21.41 33.60
C ALA C 206 1.54 -19.97 33.38
N ALA C 207 0.67 -19.77 32.39
CA ALA C 207 0.01 -18.48 32.26
C ALA C 207 -0.45 -18.01 33.64
N SER C 208 -1.13 -18.90 34.36
CA SER C 208 -1.66 -18.57 35.68
C SER C 208 -0.53 -18.14 36.59
N VAL C 209 0.51 -18.98 36.70
CA VAL C 209 1.66 -18.65 37.50
C VAL C 209 2.16 -17.29 37.07
N GLY C 210 2.34 -17.14 35.75
CA GLY C 210 2.80 -15.89 35.20
C GLY C 210 1.98 -14.71 35.70
N MET C 211 0.65 -14.85 35.64
CA MET C 211 -0.20 -13.75 36.06
C MET C 211 0.01 -13.37 37.52
N HIS C 212 0.17 -14.36 38.39
CA HIS C 212 0.53 -14.04 39.76
C HIS C 212 1.88 -13.31 39.87
N ILE C 213 2.89 -13.67 39.06
CA ILE C 213 4.10 -12.84 39.03
C ILE C 213 3.69 -11.41 38.68
N LEU C 214 2.89 -11.25 37.64
CA LEU C 214 2.54 -9.89 37.22
C LEU C 214 1.45 -9.17 38.03
N SER C 215 0.78 -9.85 38.97
CA SER C 215 -0.23 -9.19 39.80
C SER C 215 0.27 -8.97 41.22
N LEU C 216 0.13 -7.75 41.70
CA LEU C 216 0.80 -7.34 42.94
C LEU C 216 0.35 -8.04 44.24
N PRO C 217 -0.97 -8.16 44.46
CA PRO C 217 -1.41 -8.84 45.68
C PRO C 217 -0.98 -10.30 45.73
N SER C 218 -0.67 -10.89 44.59
CA SER C 218 -0.19 -12.26 44.59
C SER C 218 1.27 -12.35 44.98
N ARG C 219 2.02 -11.28 44.77
CA ARG C 219 3.48 -11.36 44.92
C ARG C 219 3.97 -11.73 46.33
N SER C 220 3.17 -11.39 47.33
CA SER C 220 3.52 -11.70 48.72
C SER C 220 3.00 -13.05 49.21
N LEU C 221 2.58 -13.88 48.26
CA LEU C 221 2.02 -15.17 48.60
C LEU C 221 2.88 -16.33 48.07
N PHE C 222 4.02 -16.01 47.47
CA PHE C 222 4.95 -17.04 46.98
C PHE C 222 6.30 -16.42 46.70
N HIS C 223 7.29 -17.25 46.38
CA HIS C 223 8.67 -16.76 46.33
C HIS C 223 9.44 -17.13 45.07
N ARG C 224 9.12 -18.29 44.51
CA ARG C 224 9.73 -18.74 43.27
C ARG C 224 8.67 -19.26 42.31
N ALA C 225 9.00 -19.29 41.02
CA ALA C 225 8.00 -19.74 40.07
C ALA C 225 8.52 -20.63 38.95
N VAL C 226 7.68 -21.54 38.47
CA VAL C 226 8.06 -22.41 37.37
C VAL C 226 6.99 -22.50 36.31
N LEU C 227 7.37 -22.03 35.13
CA LEU C 227 6.50 -21.98 33.96
C LEU C 227 6.86 -23.05 32.93
N GLN C 228 6.09 -24.12 32.92
CA GLN C 228 6.27 -25.20 31.97
C GLN C 228 5.43 -24.99 30.73
N SER C 229 6.06 -24.74 29.60
CA SER C 229 5.34 -24.61 28.32
C SER C 229 4.06 -23.74 28.40
N GLY C 230 4.24 -22.47 28.72
CA GLY C 230 3.12 -21.59 28.89
C GLY C 230 3.66 -20.30 29.47
N THR C 231 3.03 -19.19 29.12
CA THR C 231 3.44 -17.88 29.60
C THR C 231 2.18 -17.04 29.80
N PRO C 232 2.29 -15.92 30.53
CA PRO C 232 1.22 -14.91 30.62
C PRO C 232 1.08 -14.04 29.35
N ASN C 233 2.20 -13.72 28.72
CA ASN C 233 2.18 -13.06 27.44
C ASN C 233 1.75 -14.04 26.35
N GLY C 234 1.60 -13.57 25.13
CA GLY C 234 1.34 -14.49 24.04
C GLY C 234 -0.05 -14.35 23.48
N PRO C 235 -0.34 -15.11 22.42
CA PRO C 235 -1.59 -14.96 21.68
C PRO C 235 -2.85 -15.50 22.37
N TRP C 236 -2.73 -16.48 23.27
CA TRP C 236 -3.90 -17.17 23.82
C TRP C 236 -4.23 -16.88 25.29
N ALA C 237 -3.24 -16.54 26.09
CA ALA C 237 -3.44 -16.49 27.54
C ALA C 237 -4.36 -15.38 28.08
N THR C 238 -4.52 -14.29 27.33
CA THR C 238 -5.42 -13.22 27.75
C THR C 238 -6.22 -12.63 26.61
N VAL C 239 -7.36 -12.05 26.97
CA VAL C 239 -8.10 -11.21 26.04
C VAL C 239 -8.27 -9.82 26.63
N SER C 240 -8.37 -8.85 25.73
CA SER C 240 -8.74 -7.48 26.09
C SER C 240 -10.09 -7.44 26.74
N ALA C 241 -10.36 -6.35 27.45
CA ALA C 241 -11.64 -6.13 28.08
C ALA C 241 -12.73 -6.10 27.01
N GLY C 242 -12.40 -5.51 25.87
CA GLY C 242 -13.35 -5.37 24.79
C GLY C 242 -13.80 -6.71 24.25
N GLU C 243 -12.82 -7.55 23.96
CA GLU C 243 -13.08 -8.85 23.39
C GLU C 243 -13.89 -9.64 24.41
N ALA C 244 -13.43 -9.62 25.65
CA ALA C 244 -14.10 -10.38 26.69
C ALA C 244 -15.57 -9.98 26.79
N ARG C 245 -15.84 -8.68 26.74
CA ARG C 245 -17.23 -8.21 26.82
C ARG C 245 -18.06 -8.62 25.60
N ARG C 246 -17.44 -8.54 24.41
CA ARG C 246 -18.05 -9.06 23.19
C ARG C 246 -18.51 -10.50 23.43
N ARG C 247 -17.59 -11.31 23.92
CA ARG C 247 -17.83 -12.74 24.03
C ARG C 247 -18.88 -13.04 25.06
N ALA C 248 -18.71 -12.49 26.24
CA ALA C 248 -19.67 -12.68 27.32
C ALA C 248 -21.08 -12.25 26.86
N THR C 249 -21.16 -11.14 26.17
CA THR C 249 -22.44 -10.67 25.63
C THR C 249 -23.04 -11.65 24.62
N LEU C 250 -22.28 -11.99 23.59
CA LEU C 250 -22.73 -12.97 22.59
C LEU C 250 -23.20 -14.28 23.22
N LEU C 251 -22.42 -14.80 24.16
CA LEU C 251 -22.80 -16.02 24.86
C LEU C 251 -24.14 -15.83 25.55
N ALA C 252 -24.31 -14.71 26.25
CA ALA C 252 -25.64 -14.43 26.81
C ALA C 252 -26.73 -14.42 25.73
N ARG C 253 -26.41 -13.94 24.53
CA ARG C 253 -27.41 -13.95 23.47
C ARG C 253 -27.74 -15.39 23.13
N LEU C 254 -26.71 -16.20 23.02
CA LEU C 254 -26.81 -17.53 22.45
C LEU C 254 -27.60 -18.47 23.33
N VAL C 255 -27.57 -18.24 24.64
CA VAL C 255 -28.30 -19.12 25.54
C VAL C 255 -29.55 -18.41 25.98
N GLY C 256 -30.01 -17.50 25.14
CA GLY C 256 -31.34 -16.95 25.24
C GLY C 256 -31.48 -15.96 26.37
N CYS C 257 -30.37 -15.37 26.74
CA CYS C 257 -30.35 -14.47 27.87
C CYS C 257 -30.10 -13.03 27.48
N PRO C 258 -30.82 -12.51 26.48
CA PRO C 258 -30.72 -11.04 26.58
C PRO C 258 -31.46 -10.49 27.81
N PRO C 259 -32.71 -10.93 28.09
CA PRO C 259 -33.66 -11.82 27.38
C PRO C 259 -34.47 -11.10 26.29
N GLY C 260 -34.53 -11.70 25.10
CA GLY C 260 -35.37 -11.17 24.03
C GLY C 260 -34.66 -10.59 22.81
N GLY C 261 -34.02 -9.44 22.98
CA GLY C 261 -33.33 -8.76 21.89
C GLY C 261 -31.96 -8.20 22.28
N ALA C 262 -31.96 -7.17 23.11
CA ALA C 262 -30.71 -6.54 23.57
C ALA C 262 -30.40 -6.83 25.03
N GLY C 263 -30.93 -5.99 25.93
CA GLY C 263 -30.69 -6.15 27.36
C GLY C 263 -29.66 -5.16 27.88
N GLY C 264 -30.14 -4.00 28.34
CA GLY C 264 -29.28 -2.91 28.77
C GLY C 264 -28.32 -3.21 29.92
N ASN C 265 -28.86 -3.34 31.12
CA ASN C 265 -28.07 -3.61 32.33
C ASN C 265 -27.04 -4.73 32.16
N ASP C 266 -25.94 -4.64 32.90
CA ASP C 266 -25.05 -5.78 33.05
C ASP C 266 -25.58 -6.60 34.19
N THR C 267 -26.28 -5.93 35.10
CA THR C 267 -26.83 -6.61 36.23
C THR C 267 -27.92 -7.54 35.73
N GLU C 268 -28.84 -7.02 34.95
CA GLU C 268 -29.97 -7.82 34.51
C GLU C 268 -29.56 -8.81 33.44
N LEU C 269 -28.33 -8.68 32.93
CA LEU C 269 -27.83 -9.68 32.01
C LEU C 269 -27.34 -10.84 32.82
N ILE C 270 -26.31 -10.57 33.61
CA ILE C 270 -25.62 -11.59 34.39
C ILE C 270 -26.58 -12.33 35.31
N ALA C 271 -27.57 -11.62 35.83
CA ALA C 271 -28.56 -12.23 36.70
C ALA C 271 -29.20 -13.35 35.91
N CYS C 272 -29.51 -13.04 34.66
CA CYS C 272 -30.11 -14.00 33.78
C CYS C 272 -29.10 -15.12 33.47
N LEU C 273 -27.84 -14.77 33.23
CA LEU C 273 -26.82 -15.80 32.97
C LEU C 273 -26.73 -16.81 34.10
N ARG C 274 -27.06 -16.38 35.31
CA ARG C 274 -27.04 -17.29 36.46
C ARG C 274 -28.21 -18.28 36.50
N THR C 275 -29.34 -17.97 35.85
CA THR C 275 -30.45 -18.93 35.75
C THR C 275 -30.13 -20.13 34.86
N ARG C 276 -29.22 -19.95 33.93
CA ARG C 276 -28.78 -21.00 33.02
C ARG C 276 -28.13 -22.23 33.71
N PRO C 277 -28.55 -23.44 33.31
CA PRO C 277 -27.89 -24.72 33.62
C PRO C 277 -26.41 -24.75 33.22
N ALA C 278 -25.57 -25.33 34.06
CA ALA C 278 -24.12 -25.31 33.82
C ALA C 278 -23.73 -25.96 32.49
N GLN C 279 -24.31 -27.11 32.21
CA GLN C 279 -23.95 -27.81 30.99
C GLN C 279 -24.48 -27.02 29.82
N ASP C 280 -25.46 -26.15 30.03
CA ASP C 280 -25.97 -25.27 28.97
C ASP C 280 -24.90 -24.27 28.54
N LEU C 281 -24.33 -23.61 29.54
CA LEU C 281 -23.15 -22.75 29.38
C LEU C 281 -22.07 -23.50 28.64
N VAL C 282 -21.78 -24.73 29.07
CA VAL C 282 -20.69 -25.45 28.43
C VAL C 282 -21.02 -25.78 26.98
N ASP C 283 -22.22 -26.28 26.76
CA ASP C 283 -22.76 -26.57 25.43
C ASP C 283 -22.59 -25.38 24.51
N HIS C 284 -22.75 -24.17 25.03
CA HIS C 284 -22.61 -22.99 24.15
C HIS C 284 -21.29 -22.18 24.17
N GLU C 285 -20.34 -22.48 25.04
CA GLU C 285 -19.15 -21.62 25.14
C GLU C 285 -18.19 -21.51 23.95
N TRP C 286 -18.08 -22.54 23.14
CA TRP C 286 -17.07 -22.46 22.08
C TRP C 286 -17.55 -21.64 20.89
N HIS C 287 -18.82 -21.23 20.94
CA HIS C 287 -19.50 -20.63 19.81
C HIS C 287 -19.13 -19.17 19.62
N VAL C 288 -18.49 -18.59 20.63
CA VAL C 288 -18.18 -17.18 20.56
C VAL C 288 -16.77 -16.84 20.03
N LEU C 289 -15.94 -17.85 19.77
CA LEU C 289 -14.61 -17.61 19.20
C LEU C 289 -14.73 -16.95 17.82
N PRO C 290 -13.94 -15.89 17.60
CA PRO C 290 -14.08 -14.98 16.46
C PRO C 290 -13.68 -15.60 15.13
N GLN C 291 -12.67 -16.48 15.14
CA GLN C 291 -12.17 -17.09 13.92
C GLN C 291 -12.10 -18.60 14.04
N GLU C 292 -12.08 -19.27 12.89
CA GLU C 292 -11.74 -20.68 12.82
C GLU C 292 -10.30 -20.81 13.35
N SER C 293 -10.11 -21.57 14.43
CA SER C 293 -8.81 -21.52 15.13
C SER C 293 -8.45 -22.71 16.03
N ILE C 294 -7.18 -22.84 16.35
CA ILE C 294 -6.75 -23.77 17.38
C ILE C 294 -5.90 -23.04 18.39
N PHE C 295 -5.70 -23.65 19.56
CA PHE C 295 -4.94 -23.06 20.66
C PHE C 295 -5.46 -21.66 20.99
N ARG C 296 -6.79 -21.49 20.90
CA ARG C 296 -7.47 -20.32 21.44
C ARG C 296 -8.73 -20.81 22.14
N PHE C 297 -8.99 -20.32 23.36
N PHE C 297 -9.06 -20.18 23.25
CA PHE C 297 -10.26 -20.62 24.03
CA PHE C 297 -10.19 -20.59 24.08
C PHE C 297 -11.11 -19.38 24.32
C PHE C 297 -11.09 -19.39 24.44
N SER C 298 -12.41 -19.60 24.35
CA SER C 298 -13.39 -18.55 24.61
C SER C 298 -13.15 -17.62 25.80
N PHE C 299 -13.00 -18.20 26.99
CA PHE C 299 -12.94 -17.40 28.20
C PHE C 299 -11.64 -17.63 28.96
N VAL C 300 -10.87 -16.56 29.10
CA VAL C 300 -9.52 -16.63 29.64
C VAL C 300 -9.29 -15.42 30.54
N PRO C 301 -8.09 -15.29 31.13
CA PRO C 301 -7.92 -14.04 31.87
C PRO C 301 -8.09 -12.81 30.99
N VAL C 302 -8.78 -11.81 31.54
CA VAL C 302 -9.06 -10.56 30.84
C VAL C 302 -8.14 -9.48 31.39
N VAL C 303 -7.69 -8.57 30.52
CA VAL C 303 -6.85 -7.44 30.93
C VAL C 303 -7.80 -6.31 31.33
N ASP C 304 -8.05 -6.21 32.64
CA ASP C 304 -9.19 -5.48 33.18
C ASP C 304 -8.79 -4.19 33.87
N GLY C 305 -7.50 -4.07 34.17
CA GLY C 305 -6.96 -2.91 34.85
C GLY C 305 -6.94 -3.11 36.34
N ASP C 306 -7.39 -4.28 36.78
CA ASP C 306 -7.49 -4.62 38.19
C ASP C 306 -6.48 -5.70 38.55
N PHE C 307 -6.78 -6.94 38.17
CA PHE C 307 -5.86 -8.02 38.42
C PHE C 307 -4.65 -7.78 37.54
N LEU C 308 -4.91 -7.38 36.30
CA LEU C 308 -3.82 -7.01 35.41
C LEU C 308 -3.84 -5.51 35.20
N SER C 309 -2.85 -4.81 35.74
CA SER C 309 -2.82 -3.35 35.67
C SER C 309 -2.62 -2.87 34.22
N ASP C 310 -1.92 -3.68 33.44
CA ASP C 310 -1.74 -3.43 32.02
C ASP C 310 -1.67 -4.80 31.36
N THR C 311 -1.44 -4.86 30.05
CA THR C 311 -1.24 -6.14 29.37
C THR C 311 0.01 -6.81 29.92
N PRO C 312 0.08 -8.14 29.77
CA PRO C 312 1.29 -8.88 30.17
C PRO C 312 2.56 -8.35 29.52
N GLU C 313 2.51 -8.03 28.22
CA GLU C 313 3.64 -7.43 27.51
CA GLU C 313 3.68 -7.49 27.54
C GLU C 313 4.17 -6.19 28.20
N ALA C 314 3.25 -5.27 28.51
CA ALA C 314 3.63 -4.05 29.22
C ALA C 314 4.41 -4.38 30.50
N LEU C 315 3.82 -5.29 31.28
CA LEU C 315 4.28 -5.60 32.63
C LEU C 315 5.60 -6.34 32.65
N ILE C 316 5.89 -7.06 31.58
CA ILE C 316 7.16 -7.74 31.47
C ILE C 316 8.24 -6.83 30.84
N ASN C 317 7.84 -5.82 30.09
CA ASN C 317 8.84 -4.87 29.58
C ASN C 317 9.13 -3.72 30.53
N THR C 318 8.31 -3.55 31.56
CA THR C 318 8.60 -2.49 32.53
C THR C 318 8.86 -2.99 33.94
N GLY C 319 8.29 -4.14 34.28
CA GLY C 319 8.35 -4.63 35.65
C GLY C 319 9.76 -4.73 36.20
N ASP C 320 9.92 -4.62 37.51
CA ASP C 320 11.21 -4.92 38.13
C ASP C 320 11.17 -6.31 38.74
N PHE C 321 12.14 -7.14 38.39
CA PHE C 321 12.12 -8.51 38.83
C PHE C 321 13.44 -8.83 39.48
N GLN C 322 13.74 -8.15 40.57
CA GLN C 322 15.03 -8.30 41.20
C GLN C 322 15.23 -9.66 41.82
N ASP C 323 14.53 -9.95 42.90
CA ASP C 323 14.75 -11.20 43.61
C ASP C 323 13.84 -12.30 43.11
N LEU C 324 13.43 -12.18 41.85
CA LEU C 324 12.59 -13.19 41.26
C LEU C 324 13.43 -14.33 40.76
N GLN C 325 12.96 -15.55 41.02
CA GLN C 325 13.66 -16.73 40.59
C GLN C 325 12.71 -17.63 39.84
N VAL C 326 13.01 -17.82 38.56
CA VAL C 326 12.07 -18.46 37.65
C VAL C 326 12.77 -19.56 36.90
N LEU C 327 12.06 -20.67 36.75
CA LEU C 327 12.55 -21.69 35.83
C LEU C 327 11.44 -21.99 34.81
N VAL C 328 11.77 -21.81 33.52
CA VAL C 328 10.81 -21.97 32.45
C VAL C 328 11.31 -22.89 31.36
N GLY C 329 10.37 -23.43 30.59
CA GLY C 329 10.84 -24.28 29.52
C GLY C 329 9.78 -24.83 28.59
N VAL C 330 10.21 -25.58 27.59
CA VAL C 330 9.27 -26.12 26.62
C VAL C 330 9.56 -27.61 26.37
N VAL C 331 8.63 -28.32 25.73
CA VAL C 331 8.95 -29.68 25.28
C VAL C 331 9.37 -29.61 23.82
N LYS C 332 9.85 -30.73 23.28
CA LYS C 332 10.48 -30.75 21.96
C LYS C 332 9.51 -30.42 20.82
N ASP C 333 8.24 -30.77 20.99
CA ASP C 333 7.25 -30.61 19.92
C ASP C 333 5.93 -30.00 20.39
N GLU C 334 5.96 -28.75 20.82
CA GLU C 334 4.79 -28.15 21.48
C GLU C 334 3.57 -28.15 20.59
N GLY C 335 3.79 -28.03 19.28
CA GLY C 335 2.70 -27.80 18.36
C GLY C 335 1.81 -28.98 18.04
N SER C 336 2.40 -30.18 17.95
CA SER C 336 1.77 -31.29 17.28
C SER C 336 0.47 -31.77 17.89
N TYR C 337 0.33 -31.67 19.20
CA TYR C 337 -0.90 -32.11 19.86
C TYR C 337 -2.11 -31.38 19.28
N PHE C 338 -1.94 -30.09 19.02
CA PHE C 338 -3.06 -29.24 18.72
C PHE C 338 -3.50 -29.36 17.29
N LEU C 339 -2.64 -29.93 16.46
CA LEU C 339 -2.98 -30.02 15.05
C LEU C 339 -4.24 -30.84 14.85
N VAL C 340 -4.36 -31.95 15.58
CA VAL C 340 -5.46 -32.89 15.38
C VAL C 340 -6.83 -32.34 15.80
N TYR C 341 -6.83 -31.23 16.54
CA TYR C 341 -8.09 -30.61 16.98
C TYR C 341 -8.70 -29.65 15.99
N GLY C 342 -8.19 -29.59 14.77
CA GLY C 342 -8.85 -28.71 13.83
C GLY C 342 -8.12 -28.30 12.58
N VAL C 343 -6.96 -28.89 12.33
CA VAL C 343 -6.27 -28.61 11.08
C VAL C 343 -6.34 -29.84 10.18
N PRO C 344 -7.08 -29.71 9.06
CA PRO C 344 -7.35 -30.83 8.16
C PRO C 344 -6.03 -31.45 7.70
N GLY C 345 -5.96 -32.78 7.78
CA GLY C 345 -4.78 -33.50 7.36
C GLY C 345 -4.06 -34.18 8.49
N PHE C 346 -4.40 -33.80 9.71
CA PHE C 346 -3.76 -34.36 10.90
C PHE C 346 -4.72 -35.22 11.73
N SER C 347 -4.33 -36.48 11.92
CA SER C 347 -5.07 -37.41 12.75
C SER C 347 -4.07 -38.23 13.58
N LYS C 348 -4.52 -38.77 14.70
CA LYS C 348 -3.67 -39.61 15.53
C LYS C 348 -3.38 -40.93 14.84
N ASP C 349 -4.13 -41.23 13.78
CA ASP C 349 -4.19 -42.58 13.24
C ASP C 349 -3.22 -42.87 12.07
N ASN C 350 -2.86 -41.83 11.34
CA ASN C 350 -1.89 -41.97 10.26
C ASN C 350 -0.75 -41.00 10.47
N GLU C 351 0.19 -40.98 9.52
CA GLU C 351 1.34 -40.13 9.65
C GLU C 351 1.05 -38.69 9.28
N SER C 352 -0.20 -38.43 8.94
CA SER C 352 -0.65 -37.07 8.67
C SER C 352 0.30 -36.36 7.72
N LEU C 353 0.53 -36.96 6.56
CA LEU C 353 1.39 -36.38 5.54
C LEU C 353 0.57 -35.45 4.66
N ILE C 354 0.74 -34.16 4.87
CA ILE C 354 -0.14 -33.14 4.29
C ILE C 354 0.32 -32.57 2.93
N SER C 355 -0.65 -32.04 2.19
CA SER C 355 -0.39 -31.38 0.91
C SER C 355 -0.08 -29.93 1.20
N ARG C 356 0.67 -29.31 0.29
CA ARG C 356 1.06 -27.92 0.48
C ARG C 356 -0.15 -27.06 0.72
N ALA C 357 -1.25 -27.41 0.07
CA ALA C 357 -2.49 -26.66 0.17
C ALA C 357 -3.03 -26.74 1.59
N GLN C 358 -2.88 -27.90 2.21
CA GLN C 358 -3.32 -28.07 3.58
C GLN C 358 -2.38 -27.34 4.51
N PHE C 359 -1.10 -27.25 4.16
CA PHE C 359 -0.16 -26.48 4.96
C PHE C 359 -0.59 -25.03 4.98
N LEU C 360 -0.75 -24.47 3.78
CA LEU C 360 -1.26 -23.13 3.56
C LEU C 360 -2.53 -22.87 4.36
N ALA C 361 -3.54 -23.72 4.20
CA ALA C 361 -4.83 -23.49 4.87
C ALA C 361 -4.69 -23.64 6.38
N GLY C 362 -3.71 -24.41 6.80
CA GLY C 362 -3.51 -24.71 8.20
C GLY C 362 -2.84 -23.55 8.87
N VAL C 363 -2.06 -22.81 8.12
CA VAL C 363 -1.39 -21.67 8.72
C VAL C 363 -2.41 -20.66 9.18
N ARG C 364 -3.48 -20.46 8.39
CA ARG C 364 -4.56 -19.52 8.76
C ARG C 364 -5.26 -19.91 10.06
N ILE C 365 -5.58 -21.19 10.21
CA ILE C 365 -6.20 -21.74 11.42
C ILE C 365 -5.28 -21.72 12.64
N GLY C 366 -4.00 -22.08 12.42
CA GLY C 366 -2.98 -22.09 13.45
C GLY C 366 -2.60 -20.69 13.91
N VAL C 367 -2.43 -19.78 12.99
CA VAL C 367 -2.19 -18.39 13.32
C VAL C 367 -3.43 -17.53 12.97
N PRO C 368 -4.52 -17.71 13.73
CA PRO C 368 -5.88 -17.25 13.45
C PRO C 368 -6.04 -15.75 13.25
N GLN C 369 -5.23 -14.96 13.96
CA GLN C 369 -5.31 -13.51 13.96
CA GLN C 369 -5.36 -13.51 13.91
C GLN C 369 -4.42 -12.87 12.89
N ALA C 370 -3.53 -13.68 12.31
CA ALA C 370 -2.62 -13.20 11.27
C ALA C 370 -3.31 -12.68 10.00
N SER C 371 -2.84 -11.52 9.52
CA SER C 371 -3.25 -10.98 8.24
C SER C 371 -2.67 -11.80 7.10
N ASP C 372 -3.17 -11.59 5.90
CA ASP C 372 -2.71 -12.34 4.74
C ASP C 372 -1.21 -12.21 4.58
N LEU C 373 -0.73 -10.98 4.64
CA LEU C 373 0.70 -10.70 4.52
C LEU C 373 1.51 -11.39 5.62
N ALA C 374 1.00 -11.32 6.86
CA ALA C 374 1.66 -11.99 7.98
C ALA C 374 1.74 -13.48 7.71
N ALA C 375 0.63 -14.04 7.25
CA ALA C 375 0.56 -15.46 6.96
C ALA C 375 1.57 -15.82 5.88
N GLU C 376 1.69 -14.98 4.86
CA GLU C 376 2.60 -15.27 3.76
C GLU C 376 4.03 -15.20 4.24
N ALA C 377 4.27 -14.37 5.26
CA ALA C 377 5.59 -14.33 5.87
C ALA C 377 5.86 -15.66 6.58
N VAL C 378 4.95 -16.05 7.46
CA VAL C 378 5.02 -17.33 8.13
C VAL C 378 5.32 -18.50 7.18
N VAL C 379 4.56 -18.56 6.08
CA VAL C 379 4.74 -19.61 5.07
C VAL C 379 6.11 -19.52 4.43
N LEU C 380 6.54 -18.30 4.09
CA LEU C 380 7.85 -18.11 3.48
C LEU C 380 8.90 -18.68 4.40
N HIS C 381 8.73 -18.46 5.70
CA HIS C 381 9.74 -18.82 6.68
C HIS C 381 9.80 -20.32 6.93
N TYR C 382 8.64 -20.95 7.09
CA TYR C 382 8.61 -22.36 7.45
C TYR C 382 8.68 -23.32 6.26
N THR C 383 8.58 -22.79 5.04
CA THR C 383 8.71 -23.60 3.83
C THR C 383 10.16 -23.93 3.53
N ASP C 384 10.41 -25.20 3.20
CA ASP C 384 11.69 -25.59 2.61
C ASP C 384 11.63 -25.42 1.10
N TRP C 385 12.23 -24.35 0.57
CA TRP C 385 12.18 -24.07 -0.86
C TRP C 385 13.09 -24.94 -1.71
N LEU C 386 13.86 -25.82 -1.08
CA LEU C 386 14.53 -26.87 -1.84
C LEU C 386 13.46 -27.82 -2.39
N HIS C 387 12.69 -28.43 -1.49
CA HIS C 387 11.52 -29.20 -1.89
CA HIS C 387 11.54 -29.26 -1.84
C HIS C 387 10.29 -28.76 -1.09
N PRO C 388 9.56 -27.79 -1.66
CA PRO C 388 8.43 -27.16 -0.97
C PRO C 388 7.23 -28.07 -0.82
N GLU C 389 7.20 -29.15 -1.59
CA GLU C 389 6.02 -30.00 -1.71
C GLU C 389 6.07 -31.19 -0.76
N ASP C 390 7.25 -31.49 -0.21
CA ASP C 390 7.46 -32.68 0.60
C ASP C 390 6.57 -32.73 1.85
N PRO C 391 5.61 -33.67 1.88
CA PRO C 391 4.61 -33.77 2.96
C PRO C 391 5.21 -33.88 4.35
N THR C 392 6.39 -34.47 4.47
CA THR C 392 7.02 -34.60 5.78
C THR C 392 7.43 -33.23 6.33
N HIS C 393 8.25 -32.52 5.56
CA HIS C 393 8.66 -31.17 5.90
C HIS C 393 7.46 -30.32 6.23
N LEU C 394 6.39 -30.52 5.48
CA LEU C 394 5.20 -29.71 5.66
C LEU C 394 4.49 -30.01 6.98
N ARG C 395 4.32 -31.28 7.29
CA ARG C 395 3.62 -31.70 8.50
C ARG C 395 4.36 -31.18 9.72
N ASP C 396 5.65 -31.55 9.74
CA ASP C 396 6.51 -31.12 10.82
C ASP C 396 6.55 -29.60 10.94
N ALA C 397 6.56 -28.89 9.81
CA ALA C 397 6.54 -27.44 9.82
C ALA C 397 5.24 -26.89 10.40
N MET C 398 4.10 -27.52 10.15
CA MET C 398 2.85 -27.04 10.73
C MET C 398 2.91 -27.15 12.26
N SER C 399 3.34 -28.34 12.70
CA SER C 399 3.60 -28.54 14.13
C SER C 399 4.52 -27.41 14.66
N ALA C 400 5.53 -27.08 13.85
CA ALA C 400 6.55 -26.11 14.23
C ALA C 400 5.97 -24.73 14.41
N VAL C 401 5.15 -24.31 13.45
CA VAL C 401 4.45 -23.05 13.48
C VAL C 401 3.66 -22.97 14.76
N VAL C 402 2.73 -23.90 14.96
CA VAL C 402 1.84 -23.75 16.12
C VAL C 402 2.60 -23.74 17.45
N GLY C 403 3.61 -24.60 17.55
CA GLY C 403 4.42 -24.63 18.74
C GLY C 403 5.16 -23.33 18.97
N ASP C 404 5.69 -22.75 17.90
CA ASP C 404 6.55 -21.59 18.07
C ASP C 404 5.73 -20.36 18.37
N HIS C 405 4.56 -20.31 17.77
CA HIS C 405 3.73 -19.14 17.89
C HIS C 405 3.01 -19.13 19.23
N ASN C 406 2.64 -20.32 19.72
CA ASN C 406 1.87 -20.34 20.96
C ASN C 406 2.69 -20.55 22.23
N VAL C 407 3.85 -21.16 22.11
CA VAL C 407 4.59 -21.52 23.31
C VAL C 407 6.06 -21.17 23.25
N VAL C 408 6.82 -21.75 22.33
CA VAL C 408 8.27 -21.53 22.30
C VAL C 408 8.67 -20.04 22.30
N CYS C 409 8.33 -19.32 21.25
CA CYS C 409 8.65 -17.88 21.20
C CYS C 409 8.08 -16.98 22.33
N PRO C 410 6.86 -17.25 22.83
CA PRO C 410 6.48 -16.47 24.01
C PRO C 410 7.32 -16.78 25.25
N VAL C 411 7.69 -18.04 25.42
CA VAL C 411 8.64 -18.42 26.47
C VAL C 411 9.99 -17.74 26.28
N ALA C 412 10.44 -17.66 25.03
CA ALA C 412 11.72 -17.06 24.67
C ALA C 412 11.71 -15.60 25.04
N GLN C 413 10.62 -14.94 24.65
CA GLN C 413 10.39 -13.56 25.01
C GLN C 413 10.46 -13.41 26.51
N LEU C 414 9.67 -14.21 27.24
CA LEU C 414 9.54 -14.01 28.68
C LEU C 414 10.87 -14.22 29.41
N ALA C 415 11.55 -15.32 29.08
CA ALA C 415 12.91 -15.55 29.56
C ALA C 415 13.75 -14.31 29.32
N GLY C 416 13.76 -13.84 28.07
CA GLY C 416 14.45 -12.60 27.73
C GLY C 416 14.17 -11.46 28.69
N ARG C 417 12.91 -11.02 28.74
CA ARG C 417 12.54 -9.81 29.46
C ARG C 417 12.85 -9.93 30.94
N LEU C 418 12.39 -11.03 31.53
CA LEU C 418 12.68 -11.33 32.92
C LEU C 418 14.18 -11.25 33.22
N ALA C 419 15.00 -11.91 32.40
CA ALA C 419 16.43 -11.95 32.65
C ALA C 419 17.02 -10.55 32.57
N ALA C 420 16.58 -9.80 31.56
CA ALA C 420 17.05 -8.45 31.34
C ALA C 420 16.57 -7.45 32.40
N GLN C 421 15.59 -7.84 33.21
CA GLN C 421 15.19 -6.97 34.29
C GLN C 421 15.44 -7.56 35.67
N GLY C 422 16.55 -8.23 35.85
CA GLY C 422 16.98 -8.66 37.18
C GLY C 422 16.80 -10.11 37.61
N ALA C 423 15.79 -10.77 37.06
CA ALA C 423 15.42 -12.11 37.50
C ALA C 423 16.50 -13.12 37.23
N ARG C 424 16.60 -14.13 38.09
CA ARG C 424 17.47 -15.26 37.82
C ARG C 424 16.62 -16.30 37.11
N VAL C 425 17.08 -16.72 35.93
CA VAL C 425 16.27 -17.57 35.08
C VAL C 425 16.99 -18.85 34.68
N TYR C 426 16.31 -19.98 34.81
CA TYR C 426 16.82 -21.24 34.30
C TYR C 426 15.84 -21.70 33.25
N ALA C 427 16.37 -22.09 32.08
CA ALA C 427 15.53 -22.52 30.96
C ALA C 427 15.86 -23.94 30.48
N TYR C 428 14.82 -24.68 30.06
CA TYR C 428 15.03 -26.04 29.59
C TYR C 428 14.25 -26.38 28.34
N ILE C 429 14.75 -27.41 27.66
CA ILE C 429 13.98 -28.04 26.60
C ILE C 429 13.88 -29.53 26.91
N PHE C 430 12.70 -29.95 27.32
CA PHE C 430 12.40 -31.33 27.66
C PHE C 430 12.26 -32.10 26.37
N GLU C 431 13.14 -33.07 26.14
CA GLU C 431 13.26 -33.70 24.83
C GLU C 431 12.89 -35.17 24.78
N HIS C 432 12.59 -35.76 25.92
CA HIS C 432 12.40 -37.21 25.96
C HIS C 432 10.96 -37.64 25.77
N ARG C 433 10.74 -38.58 24.86
CA ARG C 433 9.39 -39.12 24.65
C ARG C 433 9.13 -40.31 25.57
N ALA C 434 8.08 -40.21 26.38
CA ALA C 434 7.67 -41.33 27.21
C ALA C 434 7.45 -42.59 26.39
N SER C 435 8.01 -43.70 26.87
CA SER C 435 7.93 -45.00 26.19
C SER C 435 6.50 -45.55 26.14
N THR C 436 5.66 -45.03 27.04
CA THR C 436 4.31 -45.50 27.22
C THR C 436 3.36 -44.50 26.59
N LEU C 437 3.90 -43.71 25.67
CA LEU C 437 3.12 -42.68 25.02
C LEU C 437 2.17 -43.30 24.01
N THR C 438 0.93 -42.81 24.03
CA THR C 438 -0.15 -43.38 23.23
C THR C 438 -0.39 -42.64 21.90
N TRP C 439 0.20 -41.46 21.75
CA TRP C 439 0.12 -40.71 20.48
C TRP C 439 1.12 -41.21 19.44
N PRO C 440 0.80 -41.03 18.15
CA PRO C 440 1.65 -41.55 17.08
C PRO C 440 3.06 -40.96 17.13
N LEU C 441 3.99 -41.60 16.40
CA LEU C 441 5.39 -41.22 16.45
C LEU C 441 5.64 -39.82 15.89
N TRP C 442 4.79 -39.39 14.96
CA TRP C 442 5.03 -38.10 14.30
C TRP C 442 4.87 -36.90 15.23
N MET C 443 4.19 -37.11 16.35
CA MET C 443 4.02 -36.05 17.34
C MET C 443 5.21 -35.84 18.28
N GLY C 444 6.28 -36.63 18.11
CA GLY C 444 7.51 -36.43 18.87
C GLY C 444 7.34 -36.45 20.38
N VAL C 445 7.70 -35.37 21.06
CA VAL C 445 7.36 -35.17 22.47
C VAL C 445 6.24 -34.15 22.60
N PRO C 446 4.99 -34.60 22.65
CA PRO C 446 3.90 -33.61 22.60
C PRO C 446 3.84 -32.68 23.83
N HIS C 447 3.15 -31.57 23.65
CA HIS C 447 2.75 -30.65 24.72
C HIS C 447 2.16 -31.44 25.90
N GLY C 448 2.70 -31.21 27.10
CA GLY C 448 2.15 -31.82 28.30
C GLY C 448 2.76 -33.11 28.80
N TYR C 449 3.65 -33.70 28.01
CA TYR C 449 4.15 -35.04 28.32
C TYR C 449 5.49 -34.99 29.03
N GLU C 450 5.82 -33.80 29.52
CA GLU C 450 6.91 -33.63 30.45
C GLU C 450 6.36 -33.81 31.86
N ILE C 451 5.06 -33.57 32.01
CA ILE C 451 4.47 -33.49 33.33
C ILE C 451 4.67 -34.79 34.13
N GLU C 452 4.23 -35.90 33.56
CA GLU C 452 4.24 -37.18 34.25
C GLU C 452 5.64 -37.54 34.76
N PHE C 453 6.66 -36.91 34.20
CA PHE C 453 8.02 -37.15 34.63
C PHE C 453 8.40 -36.31 35.84
N ILE C 454 8.30 -34.99 35.69
CA ILE C 454 8.35 -34.06 36.83
C ILE C 454 7.68 -34.62 38.09
N PHE C 455 6.43 -35.08 37.96
CA PHE C 455 5.69 -35.61 39.10
C PHE C 455 6.15 -36.97 39.58
N GLY C 456 6.96 -37.65 38.76
CA GLY C 456 7.66 -38.86 39.19
C GLY C 456 6.86 -40.13 39.05
N LEU C 457 5.86 -40.10 38.19
CA LEU C 457 5.03 -41.28 37.94
C LEU C 457 5.81 -42.50 37.52
N PRO C 458 6.92 -42.34 36.78
CA PRO C 458 7.67 -43.56 36.43
C PRO C 458 8.14 -44.38 37.62
N LEU C 459 8.07 -43.83 38.83
CA LEU C 459 8.56 -44.52 40.03
C LEU C 459 7.65 -45.70 40.41
N ASP C 460 6.41 -45.63 39.94
CA ASP C 460 5.43 -46.69 40.12
C ASP C 460 5.68 -47.80 39.12
N PRO C 461 6.16 -48.95 39.60
CA PRO C 461 6.50 -50.08 38.72
C PRO C 461 5.27 -50.59 37.97
N SER C 462 4.09 -50.36 38.55
CA SER C 462 2.83 -50.74 37.94
C SER C 462 2.56 -49.99 36.62
N LEU C 463 3.36 -48.96 36.34
CA LEU C 463 3.07 -48.11 35.20
C LEU C 463 3.84 -48.48 33.94
N ASN C 464 4.76 -49.44 34.10
CA ASN C 464 5.48 -50.06 32.99
C ASN C 464 6.44 -49.12 32.29
N TYR C 465 7.01 -48.17 33.02
CA TYR C 465 8.01 -47.28 32.45
C TYR C 465 9.33 -48.02 32.45
N THR C 466 10.27 -47.61 31.61
CA THR C 466 11.59 -48.25 31.63
C THR C 466 12.33 -47.93 32.92
N THR C 467 13.53 -48.43 33.07
CA THR C 467 14.29 -48.17 34.28
C THR C 467 14.87 -46.78 34.14
N GLU C 468 15.54 -46.59 32.99
CA GLU C 468 16.20 -45.34 32.66
C GLU C 468 15.25 -44.20 32.84
N GLU C 469 13.99 -44.45 32.51
CA GLU C 469 12.94 -43.45 32.65
C GLU C 469 12.68 -43.12 34.10
N ARG C 470 12.70 -44.14 34.96
CA ARG C 470 12.55 -43.94 36.38
C ARG C 470 13.68 -43.06 36.88
N ILE C 471 14.93 -43.43 36.59
CA ILE C 471 16.02 -42.56 37.07
C ILE C 471 15.94 -41.14 36.47
N PHE C 472 15.56 -41.02 35.20
CA PHE C 472 15.27 -39.72 34.58
C PHE C 472 14.37 -38.93 35.50
N ALA C 473 13.26 -39.55 35.87
CA ALA C 473 12.24 -38.89 36.66
C ALA C 473 12.82 -38.43 37.98
N GLN C 474 13.55 -39.34 38.64
CA GLN C 474 14.22 -39.00 39.89
C GLN C 474 15.06 -37.74 39.74
N ARG C 475 15.87 -37.73 38.67
CA ARG C 475 16.74 -36.60 38.34
C ARG C 475 15.97 -35.29 38.18
N LEU C 476 14.82 -35.37 37.52
CA LEU C 476 13.99 -34.19 37.30
C LEU C 476 13.36 -33.71 38.59
N MET C 477 12.96 -34.65 39.45
CA MET C 477 12.35 -34.29 40.72
C MET C 477 13.40 -33.61 41.58
N LYS C 478 14.64 -34.10 41.47
CA LYS C 478 15.81 -33.46 42.09
C LYS C 478 15.98 -32.02 41.61
N TYR C 479 16.09 -31.81 40.29
CA TYR C 479 16.20 -30.46 39.71
C TYR C 479 15.10 -29.53 40.21
N TRP C 480 13.85 -29.96 40.03
CA TRP C 480 12.68 -29.14 40.39
C TRP C 480 12.65 -28.79 41.87
N THR C 481 12.73 -29.80 42.73
CA THR C 481 12.66 -29.53 44.16
C THR C 481 13.85 -28.75 44.68
N ASN C 482 15.01 -28.95 44.05
CA ASN C 482 16.17 -28.11 44.34
C ASN C 482 15.84 -26.66 44.06
N PHE C 483 15.36 -26.41 42.85
CA PHE C 483 14.93 -25.07 42.50
C PHE C 483 13.96 -24.54 43.55
N ALA C 484 13.11 -25.41 44.06
CA ALA C 484 12.19 -24.98 45.08
C ALA C 484 12.90 -24.54 46.37
N ARG C 485 13.72 -25.42 46.93
CA ARG C 485 14.48 -25.16 48.16
C ARG C 485 15.32 -23.88 48.07
N THR C 486 16.09 -23.76 47.00
CA THR C 486 17.20 -22.82 46.93
C THR C 486 17.08 -21.72 45.86
N GLY C 487 16.35 -21.99 44.78
CA GLY C 487 16.30 -21.06 43.66
C GLY C 487 17.31 -21.48 42.60
N ASP C 488 17.77 -22.73 42.69
CA ASP C 488 18.80 -23.23 41.80
C ASP C 488 18.68 -24.77 41.72
N PRO C 489 18.40 -25.31 40.52
CA PRO C 489 18.24 -26.75 40.26
C PRO C 489 19.53 -27.56 40.44
N ASN C 490 20.63 -26.86 40.63
CA ASN C 490 21.91 -27.55 40.68
C ASN C 490 22.14 -28.27 41.99
N ASP C 491 22.66 -29.48 41.89
CA ASP C 491 23.02 -30.24 43.08
C ASP C 491 24.17 -29.54 43.75
N PRO C 492 23.93 -29.00 44.95
CA PRO C 492 25.09 -28.54 45.72
C PRO C 492 25.82 -29.80 46.12
N ARG C 493 27.12 -29.70 46.46
CA ARG C 493 27.94 -30.88 46.77
C ARG C 493 27.99 -31.86 45.57
N ASP C 494 28.40 -31.35 44.41
CA ASP C 494 28.41 -32.18 43.19
C ASP C 494 29.56 -31.84 42.24
N SER C 495 30.50 -32.78 42.14
CA SER C 495 31.66 -32.66 41.26
C SER C 495 31.29 -32.93 39.80
N LYS C 496 31.57 -31.96 38.94
CA LYS C 496 31.32 -32.00 37.49
C LYS C 496 30.34 -33.07 36.99
N SER C 497 29.12 -33.03 37.54
CA SER C 497 27.95 -33.56 36.84
C SER C 497 27.31 -32.28 36.34
N PRO C 498 27.24 -32.12 35.00
CA PRO C 498 27.08 -30.86 34.27
C PRO C 498 26.17 -29.83 34.94
N GLN C 499 26.67 -28.61 35.08
CA GLN C 499 25.92 -27.55 35.74
C GLN C 499 25.03 -26.85 34.73
N TRP C 500 23.79 -26.63 35.17
CA TRP C 500 22.77 -25.86 34.49
C TRP C 500 23.10 -24.38 34.73
N PRO C 501 23.40 -23.64 33.67
CA PRO C 501 23.72 -22.22 33.84
C PRO C 501 22.45 -21.37 33.76
N PRO C 502 22.47 -20.18 34.36
CA PRO C 502 21.24 -19.38 34.22
C PRO C 502 21.09 -18.83 32.81
N TYR C 503 19.85 -18.72 32.33
CA TYR C 503 19.57 -18.07 31.05
C TYR C 503 19.92 -16.61 31.21
N THR C 504 20.75 -16.09 30.32
CA THR C 504 21.11 -14.68 30.31
C THR C 504 20.73 -14.13 28.94
N THR C 505 20.72 -12.81 28.76
CA THR C 505 20.39 -12.26 27.43
C THR C 505 21.63 -12.26 26.56
N ALA C 506 22.77 -12.06 27.19
CA ALA C 506 24.05 -12.16 26.55
C ALA C 506 24.20 -13.54 25.90
N ALA C 507 24.40 -14.56 26.74
CA ALA C 507 24.79 -15.89 26.28
C ALA C 507 23.63 -16.82 25.95
N GLN C 508 22.46 -16.54 26.51
CA GLN C 508 21.24 -17.29 26.20
C GLN C 508 21.35 -18.81 26.34
N GLN C 509 21.89 -19.29 27.46
CA GLN C 509 22.02 -20.72 27.67
C GLN C 509 20.78 -21.37 28.29
N TYR C 510 20.45 -22.57 27.82
CA TYR C 510 19.40 -23.40 28.39
C TYR C 510 19.87 -24.86 28.29
N VAL C 511 19.34 -25.75 29.13
CA VAL C 511 19.82 -27.12 29.07
C VAL C 511 18.77 -27.99 28.41
N SER C 512 19.20 -29.10 27.83
CA SER C 512 18.26 -30.09 27.34
C SER C 512 18.00 -31.15 28.40
N LEU C 513 16.73 -31.41 28.68
CA LEU C 513 16.34 -32.45 29.62
C LEU C 513 15.95 -33.69 28.85
N ASN C 514 16.78 -34.73 28.97
CA ASN C 514 16.47 -35.98 28.30
C ASN C 514 17.16 -37.13 29.00
N LEU C 515 17.18 -38.28 28.34
CA LEU C 515 17.80 -39.47 28.91
C LEU C 515 19.32 -39.30 29.04
N LYS C 516 19.94 -38.75 28.00
CA LYS C 516 21.34 -38.33 28.08
C LYS C 516 21.45 -37.28 29.20
N PRO C 517 22.68 -37.06 29.70
CA PRO C 517 22.92 -36.00 30.69
C PRO C 517 22.63 -34.57 30.17
N LEU C 518 22.90 -33.59 31.03
CA LEU C 518 22.74 -32.21 30.62
C LEU C 518 23.80 -31.86 29.59
N GLU C 519 23.34 -31.33 28.46
CA GLU C 519 24.19 -30.54 27.60
C GLU C 519 23.60 -29.13 27.60
N VAL C 520 24.48 -28.13 27.63
CA VAL C 520 24.04 -26.75 27.58
C VAL C 520 23.95 -26.35 26.11
N ARG C 521 22.99 -25.49 25.79
CA ARG C 521 22.78 -25.03 24.42
C ARG C 521 22.58 -23.53 24.43
N ARG C 522 22.90 -22.90 23.31
CA ARG C 522 22.69 -21.47 23.16
C ARG C 522 21.61 -21.17 22.14
N GLY C 523 20.76 -20.21 22.48
CA GLY C 523 19.73 -19.74 21.57
C GLY C 523 18.48 -20.58 21.58
N LEU C 524 17.51 -20.16 22.39
CA LEU C 524 16.18 -20.76 22.36
C LEU C 524 15.43 -20.27 21.13
N ARG C 525 15.40 -21.09 20.08
CA ARG C 525 14.87 -20.73 18.75
C ARG C 525 15.11 -19.26 18.35
N ALA C 526 16.35 -18.80 18.43
CA ALA C 526 16.70 -17.38 18.38
C ALA C 526 16.24 -16.62 17.13
N GLN C 527 16.55 -17.14 15.94
CA GLN C 527 16.16 -16.48 14.70
C GLN C 527 14.63 -16.48 14.51
N THR C 528 14.05 -17.65 14.66
CA THR C 528 12.62 -17.84 14.44
C THR C 528 11.81 -16.98 15.41
N CYS C 529 12.27 -16.97 16.66
CA CYS C 529 11.62 -16.15 17.66
C CYS C 529 11.93 -14.68 17.45
N ALA C 530 13.02 -14.36 16.77
CA ALA C 530 13.19 -12.97 16.35
C ALA C 530 12.07 -12.63 15.37
N PHE C 531 11.77 -13.55 14.46
CA PHE C 531 10.69 -13.36 13.48
C PHE C 531 9.38 -13.06 14.21
N TRP C 532 8.93 -14.02 15.02
CA TRP C 532 7.65 -13.89 15.72
C TRP C 532 7.59 -12.72 16.69
N ASN C 533 8.66 -12.51 17.45
CA ASN C 533 8.64 -11.55 18.54
C ASN C 533 8.89 -10.10 18.12
N ARG C 534 9.80 -9.92 17.17
CA ARG C 534 10.23 -8.60 16.74
C ARG C 534 9.68 -8.19 15.38
N PHE C 535 9.54 -9.13 14.45
CA PHE C 535 9.14 -8.72 13.12
C PHE C 535 7.64 -8.75 12.92
N LEU C 536 7.05 -9.92 13.14
CA LEU C 536 5.63 -10.10 12.89
C LEU C 536 4.73 -8.99 13.42
N PRO C 537 4.98 -8.51 14.65
CA PRO C 537 4.13 -7.39 15.08
C PRO C 537 4.36 -6.14 14.25
N LYS C 538 5.60 -5.89 13.85
CA LYS C 538 5.92 -4.73 13.03
C LYS C 538 5.17 -4.81 11.70
N LEU C 539 4.90 -6.02 11.27
CA LEU C 539 4.30 -6.22 9.95
C LEU C 539 2.83 -5.84 9.96
N LEU C 540 2.08 -6.36 10.92
CA LEU C 540 0.68 -5.96 11.09
C LEU C 540 0.55 -4.64 11.87
N SER C 541 1.68 -3.96 12.06
CA SER C 541 1.70 -2.54 12.42
C SER C 541 1.81 -1.76 11.10
N ALA C 542 0.81 -0.92 10.84
CA ALA C 542 0.50 -0.41 9.50
C ALA C 542 -0.05 -1.52 8.61
N THR C 543 -1.37 -1.73 8.69
CA THR C 543 -2.11 -2.66 7.82
C THR C 543 -3.22 -1.91 7.08
N GLU D 4 51.76 -8.01 -46.68
CA GLU D 4 52.88 -8.91 -46.87
C GLU D 4 52.54 -10.33 -46.40
N ASP D 5 51.57 -10.41 -45.50
CA ASP D 5 51.05 -11.67 -45.01
C ASP D 5 49.59 -11.75 -45.42
N PRO D 6 49.22 -12.76 -46.21
CA PRO D 6 47.82 -12.89 -46.63
C PRO D 6 46.89 -13.22 -45.46
N GLN D 7 47.48 -13.72 -44.37
CA GLN D 7 46.70 -14.11 -43.19
C GLN D 7 46.25 -12.89 -42.42
N LEU D 8 46.99 -11.79 -42.56
CA LEU D 8 46.72 -10.57 -41.82
C LEU D 8 45.98 -9.55 -42.67
N LEU D 9 45.74 -9.89 -43.93
CA LEU D 9 44.97 -9.03 -44.81
C LEU D 9 43.59 -9.64 -44.99
N VAL D 10 42.54 -8.84 -44.78
CA VAL D 10 41.17 -9.38 -44.79
C VAL D 10 40.13 -8.42 -45.35
N ARG D 11 39.51 -8.79 -46.47
CA ARG D 11 38.47 -7.98 -47.06
C ARG D 11 37.14 -8.21 -46.35
N VAL D 12 36.66 -7.20 -45.64
CA VAL D 12 35.30 -7.25 -45.10
C VAL D 12 34.40 -6.43 -46.00
N ARG D 13 33.12 -6.35 -45.64
CA ARG D 13 32.10 -5.70 -46.46
C ARG D 13 32.53 -4.28 -46.83
N GLY D 14 33.03 -3.56 -45.84
CA GLY D 14 33.37 -2.15 -46.00
C GLY D 14 34.69 -1.81 -46.65
N GLY D 15 35.53 -2.81 -46.88
CA GLY D 15 36.86 -2.56 -47.41
C GLY D 15 37.85 -3.50 -46.77
N GLN D 16 39.14 -3.25 -46.94
CA GLN D 16 40.15 -4.17 -46.42
C GLN D 16 40.72 -3.75 -45.09
N LEU D 17 41.09 -4.74 -44.28
CA LEU D 17 41.75 -4.47 -43.02
C LEU D 17 43.09 -5.19 -42.98
N ARG D 18 44.04 -4.62 -42.25
CA ARG D 18 45.31 -5.29 -41.99
C ARG D 18 45.52 -5.47 -40.51
N GLY D 19 45.52 -6.72 -40.06
CA GLY D 19 45.69 -7.00 -38.64
C GLY D 19 47.13 -7.23 -38.26
N ILE D 20 47.31 -7.72 -37.04
CA ILE D 20 48.63 -7.95 -36.47
C ILE D 20 48.71 -9.34 -35.88
N ARG D 21 49.79 -10.05 -36.19
CA ARG D 21 50.02 -11.41 -35.67
C ARG D 21 50.71 -11.40 -34.31
N LEU D 22 50.05 -12.01 -33.33
CA LEU D 22 50.45 -11.92 -31.92
C LEU D 22 51.00 -13.24 -31.39
N LYS D 23 51.96 -13.12 -30.48
CA LYS D 23 52.57 -14.30 -29.88
C LYS D 23 51.87 -14.65 -28.59
N ALA D 24 51.11 -15.75 -28.61
CA ALA D 24 50.47 -16.28 -27.41
C ALA D 24 51.26 -17.49 -26.99
N PRO D 25 51.31 -17.78 -25.67
CA PRO D 25 52.11 -18.83 -25.02
C PRO D 25 52.56 -20.01 -25.89
N GLY D 26 51.63 -20.65 -26.61
CA GLY D 26 51.94 -21.83 -27.38
C GLY D 26 51.67 -21.76 -28.87
N GLY D 27 51.39 -20.56 -29.37
CA GLY D 27 51.12 -20.39 -30.79
C GLY D 27 50.76 -18.97 -31.19
N PRO D 28 50.95 -18.64 -32.46
CA PRO D 28 50.59 -17.31 -32.94
C PRO D 28 49.07 -17.18 -33.17
N VAL D 29 48.59 -15.94 -33.22
CA VAL D 29 47.17 -15.66 -33.42
C VAL D 29 46.97 -14.36 -34.18
N SER D 30 46.12 -14.37 -35.19
CA SER D 30 45.81 -13.13 -35.88
C SER D 30 44.86 -12.27 -35.04
N ALA D 31 45.13 -10.96 -34.99
CA ALA D 31 44.27 -10.04 -34.25
C ALA D 31 43.92 -8.82 -35.11
N PHE D 32 42.65 -8.48 -35.20
CA PHE D 32 42.18 -7.35 -35.97
C PHE D 32 41.42 -6.40 -35.04
N LEU D 33 42.06 -5.28 -34.69
CA LEU D 33 41.62 -4.47 -33.56
C LEU D 33 41.15 -3.07 -33.94
N GLY D 34 40.05 -2.65 -33.35
CA GLY D 34 39.56 -1.31 -33.59
C GLY D 34 38.99 -1.18 -34.98
N ILE D 35 38.30 -2.23 -35.40
CA ILE D 35 37.58 -2.22 -36.65
C ILE D 35 36.29 -1.40 -36.49
N PRO D 36 36.09 -0.38 -37.34
CA PRO D 36 34.88 0.45 -37.17
C PRO D 36 33.58 -0.26 -37.54
N PHE D 37 32.67 -0.41 -36.58
CA PHE D 37 31.40 -1.03 -36.88
C PHE D 37 30.24 -0.01 -37.06
N ALA D 38 30.51 1.24 -36.71
CA ALA D 38 29.52 2.28 -36.84
C ALA D 38 30.21 3.61 -37.09
N GLU D 39 29.49 4.51 -37.74
CA GLU D 39 29.90 5.89 -37.88
C GLU D 39 29.86 6.50 -36.49
N PRO D 40 30.96 7.19 -36.11
CA PRO D 40 31.17 7.80 -34.79
C PRO D 40 29.94 8.60 -34.34
N PRO D 41 29.35 8.19 -33.23
CA PRO D 41 28.11 8.78 -32.73
C PRO D 41 28.43 10.12 -32.12
N VAL D 42 28.95 11.03 -32.94
CA VAL D 42 29.50 12.28 -32.40
C VAL D 42 28.72 13.51 -32.83
N GLY D 43 28.97 14.62 -32.15
CA GLY D 43 28.35 15.89 -32.48
C GLY D 43 26.85 15.75 -32.37
N SER D 44 26.18 15.81 -33.50
CA SER D 44 24.73 15.78 -33.53
C SER D 44 24.21 14.35 -33.54
N ARG D 45 25.12 13.38 -33.57
CA ARG D 45 24.74 11.98 -33.47
C ARG D 45 24.84 11.49 -32.04
N ARG D 46 25.31 12.35 -31.15
CA ARG D 46 25.31 12.00 -29.74
C ARG D 46 23.88 11.78 -29.27
N PHE D 47 23.72 10.78 -28.41
CA PHE D 47 22.44 10.34 -27.83
C PHE D 47 21.59 9.57 -28.82
N MET D 48 22.14 9.28 -29.99
CA MET D 48 21.34 8.70 -31.07
C MET D 48 21.71 7.25 -31.43
N PRO D 49 20.76 6.50 -32.02
CA PRO D 49 21.07 5.11 -32.39
C PRO D 49 22.15 5.12 -33.45
N PRO D 50 23.07 4.14 -33.39
CA PRO D 50 24.26 4.09 -34.25
C PRO D 50 23.92 3.83 -35.70
N GLU D 51 24.57 4.51 -36.63
CA GLU D 51 24.43 4.18 -38.04
C GLU D 51 25.69 3.39 -38.47
N PRO D 52 25.53 2.49 -39.45
CA PRO D 52 26.66 1.64 -39.81
C PRO D 52 27.78 2.41 -40.50
N LYS D 53 29.03 2.06 -40.19
CA LYS D 53 30.22 2.70 -40.77
C LYS D 53 30.20 2.57 -42.28
N ARG D 54 30.39 3.70 -42.97
CA ARG D 54 30.39 3.71 -44.41
C ARG D 54 31.67 3.06 -44.89
N PRO D 55 31.65 2.49 -46.09
CA PRO D 55 32.82 1.77 -46.62
C PRO D 55 34.00 2.71 -46.84
N TRP D 56 35.20 2.15 -46.85
CA TRP D 56 36.41 2.96 -46.87
C TRP D 56 37.39 2.59 -47.98
N SER D 57 38.08 3.61 -48.48
CA SER D 57 39.08 3.40 -49.49
C SER D 57 40.30 2.69 -48.92
N GLY D 58 41.00 1.98 -49.80
CA GLY D 58 42.28 1.37 -49.47
C GLY D 58 42.25 0.42 -48.31
N VAL D 59 43.38 0.36 -47.59
CA VAL D 59 43.52 -0.56 -46.46
C VAL D 59 43.50 0.14 -45.09
N LEU D 60 42.58 -0.30 -44.25
CA LEU D 60 42.36 0.25 -42.94
C LEU D 60 43.19 -0.49 -41.90
N ASP D 61 43.82 0.25 -40.99
CA ASP D 61 44.70 -0.37 -40.01
C ASP D 61 43.94 -0.96 -38.83
N ALA D 62 44.19 -2.24 -38.58
CA ALA D 62 43.51 -2.98 -37.53
C ALA D 62 44.52 -3.50 -36.52
N THR D 63 45.70 -2.91 -36.51
CA THR D 63 46.81 -3.46 -35.73
C THR D 63 46.84 -2.95 -34.29
N THR D 64 45.81 -2.19 -33.90
CA THR D 64 45.82 -1.54 -32.61
C THR D 64 44.43 -1.23 -32.05
N PHE D 65 44.25 -1.40 -30.74
CA PHE D 65 42.97 -1.08 -30.08
C PHE D 65 42.66 0.39 -30.28
N GLN D 66 41.38 0.72 -30.41
CA GLN D 66 41.00 2.10 -30.57
C GLN D 66 40.71 2.73 -29.23
N ASN D 67 40.25 3.97 -29.26
CA ASN D 67 39.90 4.70 -28.04
C ASN D 67 38.74 4.07 -27.31
N VAL D 68 38.80 4.14 -25.99
CA VAL D 68 37.71 3.77 -25.10
C VAL D 68 36.57 4.81 -25.14
N CYS D 69 35.32 4.36 -25.06
CA CYS D 69 34.20 5.30 -24.92
C CYS D 69 34.36 6.19 -23.71
N TYR D 70 34.04 7.46 -23.90
CA TYR D 70 34.09 8.45 -22.83
C TYR D 70 33.36 8.01 -21.57
N GLN D 71 34.07 7.99 -20.45
CA GLN D 71 33.52 7.46 -19.23
C GLN D 71 34.14 8.05 -17.97
N TYR D 72 33.57 7.69 -16.80
CA TYR D 72 34.11 8.10 -15.52
C TYR D 72 35.29 7.21 -15.18
N VAL D 73 36.25 7.77 -14.47
CA VAL D 73 37.47 7.06 -14.19
C VAL D 73 37.63 6.88 -12.69
N ASP D 74 37.88 5.64 -12.28
CA ASP D 74 37.93 5.29 -10.86
C ASP D 74 39.08 5.95 -10.10
N THR D 75 38.75 6.89 -9.23
CA THR D 75 39.76 7.61 -8.48
C THR D 75 39.70 7.28 -7.00
N LEU D 76 38.96 6.23 -6.67
CA LEU D 76 38.79 5.79 -5.29
C LEU D 76 40.12 5.39 -4.62
N TYR D 77 40.82 4.44 -5.23
CA TYR D 77 42.09 3.98 -4.71
C TYR D 77 43.16 4.14 -5.79
N PRO D 78 43.73 5.35 -5.91
CA PRO D 78 44.62 5.67 -7.03
C PRO D 78 45.90 4.88 -6.98
N GLY D 79 46.25 4.24 -8.10
CA GLY D 79 47.49 3.51 -8.23
C GLY D 79 47.33 2.03 -7.87
N PHE D 80 46.28 1.75 -7.12
CA PHE D 80 45.95 0.41 -6.68
C PHE D 80 45.50 -0.45 -7.85
N GLU D 81 46.24 -1.51 -8.11
CA GLU D 81 46.03 -2.36 -9.28
C GLU D 81 44.60 -2.94 -9.33
N GLY D 82 44.02 -3.18 -8.17
CA GLY D 82 42.72 -3.81 -8.07
C GLY D 82 41.57 -3.02 -8.63
N THR D 83 41.62 -1.69 -8.52
CA THR D 83 40.59 -0.84 -9.13
C THR D 83 41.06 -0.28 -10.46
N GLU D 84 42.38 -0.28 -10.65
CA GLU D 84 42.99 0.33 -11.82
C GLU D 84 42.90 -0.60 -13.02
N MET D 85 42.84 -1.90 -12.77
CA MET D 85 42.74 -2.89 -13.84
C MET D 85 41.43 -2.74 -14.63
N TRP D 86 40.48 -2.01 -14.04
CA TRP D 86 39.16 -1.84 -14.65
C TRP D 86 39.05 -0.49 -15.35
N ASN D 87 40.00 0.39 -15.06
CA ASN D 87 40.06 1.74 -15.64
C ASN D 87 40.48 1.70 -17.10
N PRO D 88 40.04 2.70 -17.88
CA PRO D 88 40.41 2.80 -19.29
C PRO D 88 41.91 2.64 -19.50
N ASN D 89 42.31 1.86 -20.52
CA ASN D 89 43.73 1.68 -20.84
C ASN D 89 44.08 2.27 -22.19
N ARG D 90 43.21 3.12 -22.72
CA ARG D 90 43.46 3.89 -23.94
C ARG D 90 42.76 5.22 -23.76
N GLU D 91 43.13 6.22 -24.56
CA GLU D 91 42.52 7.56 -24.41
C GLU D 91 41.01 7.52 -24.60
N LEU D 92 40.30 8.41 -23.93
CA LEU D 92 38.84 8.45 -24.00
C LEU D 92 38.36 9.26 -25.20
N SER D 93 37.25 8.86 -25.80
CA SER D 93 36.72 9.57 -26.96
C SER D 93 35.25 9.21 -27.16
N GLU D 94 34.43 10.13 -27.65
CA GLU D 94 33.06 9.74 -27.99
C GLU D 94 33.06 8.99 -29.31
N ASP D 95 34.24 8.95 -29.95
CA ASP D 95 34.45 8.27 -31.21
C ASP D 95 35.01 6.92 -30.89
N CYS D 96 34.16 5.98 -30.52
CA CYS D 96 34.64 4.72 -29.96
C CYS D 96 33.99 3.46 -30.48
N LEU D 97 33.25 3.54 -31.57
CA LEU D 97 32.45 2.38 -31.99
C LEU D 97 33.28 1.44 -32.83
N TYR D 98 34.19 0.73 -32.16
CA TYR D 98 35.15 -0.16 -32.82
C TYR D 98 35.12 -1.52 -32.15
N LEU D 99 35.31 -2.58 -32.92
CA LEU D 99 35.39 -3.92 -32.33
C LEU D 99 36.70 -4.65 -32.66
N ASN D 100 36.95 -5.71 -31.92
CA ASN D 100 38.18 -6.46 -32.05
C ASN D 100 37.84 -7.89 -32.36
N VAL D 101 38.72 -8.54 -33.13
CA VAL D 101 38.54 -9.93 -33.52
C VAL D 101 39.85 -10.67 -33.36
N TRP D 102 39.84 -11.72 -32.56
CA TRP D 102 40.98 -12.60 -32.43
C TRP D 102 40.64 -13.92 -33.13
N THR D 103 41.54 -14.41 -33.96
CA THR D 103 41.32 -15.64 -34.70
C THR D 103 42.63 -16.46 -34.73
N PRO D 104 42.53 -17.79 -34.86
CA PRO D 104 43.78 -18.56 -34.83
C PRO D 104 44.65 -18.27 -36.04
N TYR D 105 45.97 -18.32 -35.83
CA TYR D 105 46.92 -18.18 -36.92
C TYR D 105 47.56 -19.54 -37.11
N PRO D 106 47.35 -20.16 -38.28
CA PRO D 106 46.64 -19.62 -39.44
C PRO D 106 45.14 -19.78 -39.27
N ARG D 107 44.37 -18.93 -39.96
CA ARG D 107 42.91 -19.01 -39.99
C ARG D 107 42.42 -20.45 -39.96
N PRO D 108 41.36 -20.70 -39.18
CA PRO D 108 40.86 -22.06 -38.93
C PRO D 108 40.49 -22.75 -40.23
N ALA D 109 40.54 -24.08 -40.25
CA ALA D 109 40.20 -24.85 -41.43
C ALA D 109 38.78 -24.55 -41.92
N SER D 110 37.82 -24.77 -41.02
CA SER D 110 36.41 -24.71 -41.33
C SER D 110 35.75 -23.74 -40.38
N PRO D 111 34.49 -23.34 -40.67
CA PRO D 111 33.75 -22.40 -39.83
C PRO D 111 33.74 -22.72 -38.32
N THR D 112 34.26 -21.80 -37.51
CA THR D 112 34.37 -21.98 -36.07
C THR D 112 33.28 -21.26 -35.32
N PRO D 113 32.82 -21.85 -34.20
CA PRO D 113 31.98 -21.15 -33.21
C PRO D 113 32.59 -19.83 -32.74
N VAL D 114 31.78 -18.77 -32.75
CA VAL D 114 32.23 -17.44 -32.35
C VAL D 114 31.72 -17.09 -30.97
N LEU D 115 32.61 -16.60 -30.13
CA LEU D 115 32.23 -16.09 -28.81
C LEU D 115 32.39 -14.59 -28.85
N ILE D 116 31.31 -13.88 -28.54
CA ILE D 116 31.34 -12.43 -28.54
C ILE D 116 31.22 -11.91 -27.13
N TRP D 117 32.21 -11.16 -26.68
CA TRP D 117 32.24 -10.62 -25.32
C TRP D 117 31.62 -9.21 -25.16
N ILE D 118 30.68 -9.10 -24.24
CA ILE D 118 30.16 -7.79 -23.82
C ILE D 118 30.68 -7.49 -22.41
N TYR D 119 31.33 -6.36 -22.24
CA TYR D 119 31.90 -6.04 -20.92
C TYR D 119 30.89 -5.43 -19.96
N GLY D 120 31.17 -5.57 -18.68
CA GLY D 120 30.38 -4.90 -17.68
C GLY D 120 31.05 -3.60 -17.29
N GLY D 121 30.50 -2.94 -16.28
CA GLY D 121 30.97 -1.63 -15.87
C GLY D 121 29.77 -0.78 -15.55
N GLY D 122 28.67 -1.44 -15.18
CA GLY D 122 27.46 -0.80 -14.68
C GLY D 122 26.86 0.16 -15.67
N PHE D 123 27.08 -0.12 -16.94
CA PHE D 123 26.68 0.75 -18.04
C PHE D 123 27.15 2.18 -17.81
N TYR D 124 28.20 2.36 -17.03
CA TYR D 124 28.80 3.68 -16.82
C TYR D 124 30.27 3.69 -17.19
N SER D 125 30.81 2.51 -17.52
CA SER D 125 32.22 2.37 -17.82
C SER D 125 32.56 1.07 -18.52
N GLY D 126 33.84 0.89 -18.87
CA GLY D 126 34.33 -0.35 -19.45
C GLY D 126 34.93 -0.21 -20.83
N ALA D 127 35.64 -1.26 -21.28
CA ALA D 127 36.24 -1.25 -22.61
C ALA D 127 36.78 -2.61 -23.01
N ALA D 128 36.58 -2.96 -24.28
CA ALA D 128 37.05 -4.24 -24.80
C ALA D 128 38.57 -4.33 -24.83
N SER D 129 39.25 -3.22 -24.58
CA SER D 129 40.70 -3.17 -24.69
C SER D 129 41.48 -3.61 -23.42
N LEU D 130 40.75 -3.86 -22.36
CA LEU D 130 41.33 -4.24 -21.07
C LEU D 130 41.99 -5.60 -21.11
N ASP D 131 43.11 -5.73 -20.41
CA ASP D 131 43.89 -6.95 -20.39
C ASP D 131 43.11 -8.18 -19.94
N VAL D 132 42.06 -7.95 -19.16
CA VAL D 132 41.27 -9.06 -18.64
C VAL D 132 40.45 -9.69 -19.76
N TYR D 133 40.32 -8.99 -20.87
CA TYR D 133 39.47 -9.46 -21.95
C TYR D 133 40.31 -9.87 -23.16
N ASP D 134 41.61 -10.03 -22.95
CA ASP D 134 42.51 -10.47 -24.00
C ASP D 134 41.99 -11.78 -24.58
N GLY D 135 41.52 -11.73 -25.83
CA GLY D 135 40.91 -12.90 -26.43
C GLY D 135 41.91 -13.89 -26.99
N ARG D 136 43.19 -13.52 -26.95
CA ARG D 136 44.25 -14.30 -27.60
C ARG D 136 44.35 -15.76 -27.18
N PHE D 137 44.19 -16.04 -25.89
CA PHE D 137 44.33 -17.39 -25.37
C PHE D 137 43.16 -18.27 -25.79
N LEU D 138 41.95 -17.72 -25.73
CA LEU D 138 40.81 -18.52 -26.16
C LEU D 138 40.98 -18.94 -27.62
N ALA D 139 41.39 -18.00 -28.45
CA ALA D 139 41.67 -18.26 -29.86
C ALA D 139 42.73 -19.33 -30.03
N GLN D 140 43.92 -19.05 -29.49
CA GLN D 140 45.09 -19.91 -29.64
C GLN D 140 44.78 -21.32 -29.16
N VAL D 141 44.47 -21.42 -27.89
CA VAL D 141 44.26 -22.69 -27.22
C VAL D 141 43.03 -23.45 -27.70
N GLU D 142 41.91 -22.76 -27.87
CA GLU D 142 40.64 -23.46 -28.13
C GLU D 142 40.16 -23.36 -29.57
N GLY D 143 40.89 -22.60 -30.37
CA GLY D 143 40.72 -22.63 -31.81
C GLY D 143 39.51 -21.87 -32.30
N ALA D 144 38.88 -21.12 -31.40
CA ALA D 144 37.65 -20.42 -31.76
C ALA D 144 37.92 -18.94 -31.99
N VAL D 145 37.04 -18.31 -32.77
CA VAL D 145 37.17 -16.91 -33.11
C VAL D 145 36.40 -16.09 -32.10
N LEU D 146 37.01 -15.01 -31.65
CA LEU D 146 36.50 -14.25 -30.53
C LEU D 146 36.37 -12.76 -30.85
N VAL D 147 35.19 -12.18 -30.56
CA VAL D 147 34.94 -10.79 -30.90
C VAL D 147 34.58 -10.01 -29.67
N SER D 148 35.12 -8.81 -29.51
CA SER D 148 34.66 -7.95 -28.43
C SER D 148 34.37 -6.54 -28.95
N MET D 149 33.27 -5.92 -28.53
CA MET D 149 32.97 -4.56 -29.00
C MET D 149 32.97 -3.51 -27.90
N ASN D 150 33.13 -2.24 -28.27
CA ASN D 150 32.95 -1.14 -27.32
C ASN D 150 31.56 -0.63 -27.56
N TYR D 151 30.83 -0.28 -26.49
CA TYR D 151 29.49 0.30 -26.64
C TYR D 151 29.40 1.54 -25.79
N ARG D 152 28.63 2.52 -26.23
CA ARG D 152 28.49 3.76 -25.50
C ARG D 152 27.95 3.55 -24.09
N VAL D 153 28.58 4.18 -23.09
CA VAL D 153 28.14 4.04 -21.71
C VAL D 153 27.80 5.42 -21.14
N GLY D 154 27.30 5.45 -19.91
CA GLY D 154 26.91 6.70 -19.28
C GLY D 154 25.80 7.41 -20.03
N THR D 155 25.71 8.72 -19.87
CA THR D 155 24.75 9.52 -20.61
C THR D 155 24.81 9.20 -22.10
N PHE D 156 26.03 9.21 -22.64
CA PHE D 156 26.33 8.95 -24.05
C PHE D 156 25.73 7.67 -24.55
N GLY D 157 25.55 6.73 -23.65
CA GLY D 157 25.00 5.46 -24.07
C GLY D 157 23.59 5.24 -23.61
N PHE D 158 23.12 6.01 -22.63
CA PHE D 158 21.87 5.61 -21.99
C PHE D 158 20.98 6.73 -21.50
N LEU D 159 21.41 7.99 -21.66
CA LEU D 159 20.54 9.10 -21.29
C LEU D 159 19.29 9.11 -22.18
N ALA D 160 18.11 9.16 -21.57
CA ALA D 160 16.89 9.06 -22.36
C ALA D 160 15.87 10.15 -22.11
N LEU D 161 15.30 10.65 -23.18
CA LEU D 161 13.99 11.31 -23.07
C LEU D 161 13.00 10.42 -23.80
N PRO D 162 12.42 9.47 -23.06
CA PRO D 162 11.51 8.49 -23.64
C PRO D 162 10.35 9.17 -24.38
N GLY D 163 10.08 8.73 -25.60
CA GLY D 163 9.11 9.37 -26.45
C GLY D 163 9.86 10.06 -27.57
N SER D 164 10.75 10.96 -27.19
CA SER D 164 11.58 11.71 -28.13
C SER D 164 12.42 10.82 -29.02
N ARG D 165 12.81 11.39 -30.17
CA ARG D 165 13.65 10.68 -31.12
CA ARG D 165 13.63 10.72 -31.16
C ARG D 165 15.05 11.25 -31.08
N GLU D 166 15.21 12.40 -30.43
CA GLU D 166 16.50 13.02 -30.30
C GLU D 166 17.37 12.21 -29.34
N ALA D 167 16.71 11.57 -28.37
CA ALA D 167 17.39 10.75 -27.37
C ALA D 167 16.44 9.70 -26.80
N PRO D 168 16.29 8.57 -27.51
CA PRO D 168 15.35 7.48 -27.25
C PRO D 168 15.78 6.47 -26.22
N GLY D 169 16.98 6.59 -25.69
CA GLY D 169 17.46 5.62 -24.72
C GLY D 169 17.89 4.30 -25.35
N ASN D 170 18.62 3.51 -24.56
CA ASN D 170 19.12 2.22 -24.99
C ASN D 170 20.07 2.18 -26.20
N VAL D 171 20.66 3.32 -26.55
CA VAL D 171 21.53 3.33 -27.72
C VAL D 171 22.79 2.47 -27.48
N GLY D 172 23.19 2.27 -26.23
CA GLY D 172 24.32 1.42 -25.95
C GLY D 172 24.06 -0.01 -26.41
N LEU D 173 22.88 -0.48 -26.06
CA LEU D 173 22.46 -1.80 -26.46
C LEU D 173 22.39 -1.86 -27.97
N LEU D 174 22.04 -0.74 -28.59
CA LEU D 174 21.94 -0.69 -30.04
C LEU D 174 23.29 -0.79 -30.72
N ASP D 175 24.30 -0.21 -30.06
CA ASP D 175 25.69 -0.38 -30.46
C ASP D 175 25.97 -1.86 -30.44
N GLN D 176 25.81 -2.49 -29.27
CA GLN D 176 26.08 -3.93 -29.16
C GLN D 176 25.39 -4.72 -30.29
N ARG D 177 24.12 -4.43 -30.51
CA ARG D 177 23.37 -5.10 -31.55
C ARG D 177 24.01 -4.88 -32.92
N LEU D 178 24.53 -3.68 -33.16
CA LEU D 178 25.12 -3.37 -34.46
C LEU D 178 26.42 -4.14 -34.65
N ALA D 179 27.18 -4.25 -33.57
CA ALA D 179 28.32 -5.15 -33.53
C ALA D 179 27.89 -6.57 -33.90
N LEU D 180 26.74 -6.99 -33.37
CA LEU D 180 26.23 -8.33 -33.65
C LEU D 180 25.89 -8.51 -35.12
N GLN D 181 25.23 -7.51 -35.72
CA GLN D 181 24.84 -7.60 -37.12
C GLN D 181 26.11 -7.67 -37.94
N TRP D 182 27.12 -6.93 -37.47
CA TRP D 182 28.44 -6.98 -38.07
C TRP D 182 29.04 -8.39 -38.06
N VAL D 183 29.02 -9.05 -36.90
CA VAL D 183 29.61 -10.39 -36.84
C VAL D 183 28.86 -11.29 -37.80
N GLN D 184 27.53 -11.12 -37.84
CA GLN D 184 26.71 -11.88 -38.77
C GLN D 184 27.12 -11.68 -40.23
N GLU D 185 27.36 -10.43 -40.63
CA GLU D 185 27.65 -10.12 -42.04
C GLU D 185 29.10 -10.32 -42.43
N ASN D 186 29.98 -10.48 -41.44
CA ASN D 186 31.44 -10.45 -41.72
C ASN D 186 32.36 -11.51 -41.10
N ILE D 187 31.92 -12.22 -40.07
CA ILE D 187 32.87 -13.03 -39.31
C ILE D 187 33.39 -14.20 -40.15
N ALA D 188 32.64 -14.55 -41.18
CA ALA D 188 32.98 -15.64 -42.10
C ALA D 188 34.33 -15.40 -42.74
N ALA D 189 34.68 -14.12 -42.92
CA ALA D 189 35.94 -13.75 -43.54
C ALA D 189 37.15 -14.10 -42.67
N PHE D 190 36.89 -14.43 -41.40
CA PHE D 190 37.94 -14.69 -40.42
C PHE D 190 37.96 -16.14 -39.97
N GLY D 191 37.17 -16.99 -40.63
CA GLY D 191 37.07 -18.37 -40.23
C GLY D 191 35.93 -18.66 -39.27
N GLY D 192 35.20 -17.63 -38.85
CA GLY D 192 34.13 -17.81 -37.89
C GLY D 192 32.86 -18.28 -38.55
N ASP D 193 32.09 -19.10 -37.84
CA ASP D 193 30.77 -19.52 -38.31
C ASP D 193 29.70 -18.61 -37.73
N PRO D 194 28.99 -17.87 -38.60
CA PRO D 194 27.85 -17.02 -38.24
C PRO D 194 26.78 -17.78 -37.50
N MET D 195 26.55 -19.04 -37.88
CA MET D 195 25.49 -19.87 -37.32
C MET D 195 25.88 -20.53 -35.97
N SER D 196 26.84 -19.95 -35.28
CA SER D 196 27.26 -20.47 -33.99
C SER D 196 27.94 -19.36 -33.23
N VAL D 197 27.14 -18.37 -32.85
CA VAL D 197 27.61 -17.21 -32.13
C VAL D 197 27.08 -17.30 -30.70
N THR D 198 28.02 -17.42 -29.75
CA THR D 198 27.66 -17.40 -28.34
C THR D 198 27.98 -16.03 -27.75
N LEU D 199 26.98 -15.36 -27.18
CA LEU D 199 27.22 -14.09 -26.49
C LEU D 199 27.68 -14.40 -25.09
N PHE D 200 28.64 -13.65 -24.56
CA PHE D 200 28.98 -13.82 -23.16
C PHE D 200 29.43 -12.54 -22.49
N GLY D 201 28.98 -12.32 -21.25
CA GLY D 201 29.32 -11.07 -20.58
C GLY D 201 29.32 -11.18 -19.07
N GLU D 202 29.81 -10.15 -18.40
CA GLU D 202 29.82 -10.16 -16.94
C GLU D 202 29.23 -8.85 -16.35
N SER D 203 28.65 -8.93 -15.14
CA SER D 203 28.10 -7.74 -14.48
C SER D 203 27.08 -7.10 -15.47
N ALA D 204 27.18 -5.80 -15.73
CA ALA D 204 26.25 -5.13 -16.66
C ALA D 204 26.34 -5.67 -18.07
N GLY D 205 27.46 -6.33 -18.39
CA GLY D 205 27.62 -6.97 -19.68
C GLY D 205 26.78 -8.22 -19.77
N ALA D 206 26.72 -8.98 -18.68
CA ALA D 206 25.84 -10.15 -18.60
C ALA D 206 24.39 -9.72 -18.71
N ALA D 207 24.03 -8.74 -17.87
CA ALA D 207 22.79 -8.00 -18.00
C ALA D 207 22.55 -7.76 -19.47
N SER D 208 23.56 -7.17 -20.16
CA SER D 208 23.38 -6.82 -21.57
C SER D 208 22.95 -8.04 -22.40
N VAL D 209 23.71 -9.12 -22.26
CA VAL D 209 23.40 -10.39 -22.90
C VAL D 209 21.92 -10.74 -22.71
N GLY D 210 21.47 -10.68 -21.46
CA GLY D 210 20.11 -11.04 -21.14
C GLY D 210 19.10 -10.20 -21.89
N MET D 211 19.40 -8.91 -22.05
CA MET D 211 18.50 -8.03 -22.76
C MET D 211 18.36 -8.42 -24.23
N HIS D 212 19.46 -8.87 -24.83
CA HIS D 212 19.36 -9.37 -26.20
C HIS D 212 18.47 -10.61 -26.27
N ILE D 213 18.42 -11.39 -25.20
CA ILE D 213 17.61 -12.60 -25.18
C ILE D 213 16.17 -12.16 -25.11
N LEU D 214 15.95 -11.02 -24.47
CA LEU D 214 14.60 -10.54 -24.25
C LEU D 214 14.13 -9.58 -25.31
N SER D 215 15.01 -9.25 -26.25
CA SER D 215 14.69 -8.24 -27.26
C SER D 215 14.54 -8.89 -28.63
N LEU D 216 13.43 -8.63 -29.29
CA LEU D 216 13.07 -9.43 -30.45
C LEU D 216 14.08 -9.40 -31.63
N PRO D 217 14.48 -8.20 -32.11
CA PRO D 217 15.46 -8.18 -33.20
C PRO D 217 16.79 -8.85 -32.89
N SER D 218 17.27 -8.75 -31.66
CA SER D 218 18.59 -9.29 -31.34
C SER D 218 18.66 -10.80 -31.54
N ARG D 219 17.51 -11.45 -31.45
CA ARG D 219 17.51 -12.90 -31.26
C ARG D 219 18.10 -13.69 -32.44
N SER D 220 18.10 -13.09 -33.62
CA SER D 220 18.63 -13.79 -34.79
C SER D 220 20.15 -13.65 -34.95
N LEU D 221 20.76 -12.89 -34.06
CA LEU D 221 22.16 -12.53 -34.25
C LEU D 221 23.04 -13.38 -33.35
N PHE D 222 22.40 -14.17 -32.48
CA PHE D 222 23.13 -15.08 -31.62
C PHE D 222 22.34 -16.36 -31.36
N HIS D 223 23.04 -17.39 -30.87
CA HIS D 223 22.40 -18.71 -30.67
C HIS D 223 22.46 -19.24 -29.24
N ARG D 224 23.60 -19.06 -28.56
CA ARG D 224 23.72 -19.46 -27.16
C ARG D 224 24.17 -18.27 -26.32
N ALA D 225 23.92 -18.32 -25.01
CA ALA D 225 24.27 -17.19 -24.14
C ALA D 225 24.89 -17.53 -22.78
N VAL D 226 25.78 -16.65 -22.32
CA VAL D 226 26.49 -16.83 -21.06
C VAL D 226 26.45 -15.57 -20.21
N LEU D 227 25.83 -15.69 -19.03
CA LEU D 227 25.66 -14.58 -18.11
C LEU D 227 26.47 -14.79 -16.83
N GLN D 228 27.46 -13.94 -16.66
CA GLN D 228 28.29 -14.01 -15.48
C GLN D 228 27.88 -12.90 -14.51
N SER D 229 27.43 -13.31 -13.33
CA SER D 229 27.17 -12.41 -12.19
C SER D 229 26.47 -11.16 -12.63
N GLY D 230 25.31 -11.33 -13.27
CA GLY D 230 24.58 -10.22 -13.83
C GLY D 230 23.42 -10.74 -14.66
N THR D 231 22.30 -10.04 -14.57
CA THR D 231 21.05 -10.45 -15.19
C THR D 231 20.31 -9.19 -15.67
N PRO D 232 19.36 -9.34 -16.60
CA PRO D 232 18.52 -8.22 -17.08
C PRO D 232 17.44 -7.83 -16.10
N ASN D 233 16.91 -8.82 -15.39
CA ASN D 233 16.06 -8.51 -14.26
C ASN D 233 16.97 -8.10 -13.12
N GLY D 234 16.36 -7.70 -12.00
CA GLY D 234 17.12 -7.19 -10.87
C GLY D 234 16.95 -5.69 -10.65
N PRO D 235 17.45 -5.20 -9.52
CA PRO D 235 17.23 -3.81 -9.10
C PRO D 235 18.02 -2.76 -9.86
N TRP D 236 19.21 -3.11 -10.34
CA TRP D 236 20.11 -2.09 -10.87
C TRP D 236 20.18 -2.01 -12.40
N ALA D 237 19.73 -3.06 -13.10
CA ALA D 237 19.98 -3.22 -14.52
C ALA D 237 19.14 -2.39 -15.49
N THR D 238 18.02 -1.84 -15.02
CA THR D 238 17.12 -1.07 -15.88
C THR D 238 16.38 -0.04 -15.03
N VAL D 239 15.86 0.99 -15.69
CA VAL D 239 15.03 2.02 -15.05
C VAL D 239 13.73 2.21 -15.83
N SER D 240 12.75 2.82 -15.19
CA SER D 240 11.46 3.05 -15.86
C SER D 240 11.62 4.29 -16.71
N ALA D 241 10.76 4.43 -17.72
CA ALA D 241 10.85 5.58 -18.60
C ALA D 241 10.82 6.85 -17.77
N GLY D 242 9.91 6.87 -16.79
CA GLY D 242 9.73 8.01 -15.92
C GLY D 242 10.97 8.40 -15.14
N GLU D 243 11.63 7.40 -14.58
CA GLU D 243 12.83 7.69 -13.83
C GLU D 243 13.95 8.16 -14.77
N ALA D 244 14.00 7.58 -15.97
CA ALA D 244 15.02 7.98 -16.91
C ALA D 244 14.81 9.44 -17.29
N ARG D 245 13.55 9.84 -17.45
CA ARG D 245 13.26 11.22 -17.81
C ARG D 245 13.67 12.12 -16.67
N ARG D 246 13.29 11.75 -15.46
CA ARG D 246 13.68 12.50 -14.27
C ARG D 246 15.20 12.73 -14.19
N ARG D 247 15.96 11.66 -14.46
CA ARG D 247 17.42 11.70 -14.39
C ARG D 247 18.07 12.51 -15.54
N ALA D 248 17.50 12.38 -16.73
CA ALA D 248 17.99 13.09 -17.90
C ALA D 248 17.76 14.58 -17.76
N THR D 249 16.58 14.96 -17.30
CA THR D 249 16.23 16.33 -17.07
C THR D 249 17.11 16.93 -16.00
N LEU D 250 17.18 16.26 -14.85
CA LEU D 250 18.04 16.75 -13.78
C LEU D 250 19.50 16.94 -14.23
N LEU D 251 20.07 15.95 -14.94
CA LEU D 251 21.40 16.14 -15.47
C LEU D 251 21.50 17.34 -16.43
N ALA D 252 20.56 17.42 -17.38
CA ALA D 252 20.52 18.55 -18.30
C ALA D 252 20.35 19.88 -17.58
N ARG D 253 19.96 19.83 -16.32
CA ARG D 253 19.88 21.04 -15.52
C ARG D 253 21.18 21.34 -14.80
N LEU D 254 21.85 20.30 -14.30
CA LEU D 254 23.15 20.54 -13.65
C LEU D 254 24.22 21.03 -14.61
N VAL D 255 24.10 20.69 -15.90
CA VAL D 255 25.03 21.25 -16.88
C VAL D 255 24.39 22.46 -17.50
N GLY D 256 23.32 22.91 -16.86
CA GLY D 256 22.77 24.22 -17.14
C GLY D 256 22.25 24.34 -18.54
N CYS D 257 21.50 23.36 -18.99
CA CYS D 257 20.66 23.59 -20.14
C CYS D 257 19.24 23.08 -20.04
N PRO D 258 18.41 23.82 -19.32
CA PRO D 258 17.24 24.19 -20.09
C PRO D 258 17.69 25.34 -21.01
N PRO D 259 18.41 26.40 -20.51
CA PRO D 259 18.85 26.85 -19.18
C PRO D 259 18.04 28.08 -18.68
N GLY D 260 18.02 28.28 -17.37
CA GLY D 260 17.31 29.41 -16.79
C GLY D 260 15.84 29.48 -17.14
N GLY D 261 15.00 28.90 -16.30
CA GLY D 261 13.55 28.95 -16.43
C GLY D 261 12.92 28.90 -17.81
N ALA D 262 13.58 28.24 -18.75
CA ALA D 262 13.15 28.19 -20.15
C ALA D 262 12.31 26.96 -20.46
N GLY D 263 12.93 25.79 -20.41
CA GLY D 263 12.23 24.53 -20.55
C GLY D 263 11.38 24.34 -21.79
N GLY D 264 10.54 23.30 -21.77
CA GLY D 264 9.65 23.01 -22.87
C GLY D 264 10.19 21.96 -23.83
N ASN D 265 10.79 22.44 -24.92
CA ASN D 265 11.27 21.58 -25.99
C ASN D 265 12.27 20.48 -25.57
N ASP D 266 11.85 19.23 -25.75
CA ASP D 266 12.75 18.11 -25.55
C ASP D 266 13.93 18.20 -26.54
N THR D 267 13.63 18.73 -27.73
CA THR D 267 14.62 18.85 -28.77
C THR D 267 15.57 20.00 -28.44
N GLU D 268 15.03 21.10 -27.93
CA GLU D 268 15.93 22.18 -27.52
C GLU D 268 16.86 21.67 -26.41
N LEU D 269 16.30 20.89 -25.47
CA LEU D 269 17.07 20.31 -24.37
C LEU D 269 18.20 19.41 -24.87
N ILE D 270 17.83 18.42 -25.68
CA ILE D 270 18.82 17.52 -26.26
C ILE D 270 19.89 18.29 -27.04
N ALA D 271 19.49 19.37 -27.69
CA ALA D 271 20.42 20.21 -28.42
C ALA D 271 21.46 20.85 -27.50
N CYS D 272 20.96 21.57 -26.50
CA CYS D 272 21.83 22.22 -25.54
C CYS D 272 22.77 21.19 -24.96
N LEU D 273 22.25 20.02 -24.59
CA LEU D 273 23.10 18.92 -24.14
C LEU D 273 24.19 18.59 -25.16
N ARG D 274 23.81 18.58 -26.44
CA ARG D 274 24.74 18.16 -27.49
C ARG D 274 25.84 19.18 -27.69
N THR D 275 25.63 20.39 -27.17
CA THR D 275 26.74 21.34 -27.22
C THR D 275 27.77 21.25 -26.06
N ARG D 276 27.47 20.53 -24.99
CA ARG D 276 28.41 20.47 -23.87
C ARG D 276 29.53 19.46 -24.08
N PRO D 277 30.77 19.84 -23.75
CA PRO D 277 31.94 18.96 -23.80
C PRO D 277 31.69 17.71 -22.95
N ALA D 278 32.08 16.53 -23.42
CA ALA D 278 31.70 15.29 -22.74
C ALA D 278 32.02 15.29 -21.24
N GLN D 279 33.09 15.96 -20.89
CA GLN D 279 33.51 15.86 -19.50
C GLN D 279 32.54 16.55 -18.57
N ASP D 280 31.76 17.51 -19.07
CA ASP D 280 30.78 18.21 -18.22
C ASP D 280 29.69 17.23 -17.79
N LEU D 281 29.19 16.49 -18.78
CA LEU D 281 28.26 15.41 -18.56
C LEU D 281 28.83 14.44 -17.53
N VAL D 282 30.00 13.87 -17.82
CA VAL D 282 30.60 12.89 -16.89
C VAL D 282 30.80 13.47 -15.48
N ASP D 283 31.12 14.76 -15.41
CA ASP D 283 31.26 15.49 -14.17
C ASP D 283 29.97 15.48 -13.36
N HIS D 284 28.83 15.66 -14.02
CA HIS D 284 27.57 15.63 -13.25
C HIS D 284 26.78 14.32 -13.29
N GLU D 285 27.40 13.25 -13.80
CA GLU D 285 26.63 12.00 -13.97
C GLU D 285 26.28 11.27 -12.68
N TRP D 286 27.08 11.47 -11.64
CA TRP D 286 26.79 10.76 -10.40
C TRP D 286 25.84 11.48 -9.46
N HIS D 287 25.42 12.69 -9.84
CA HIS D 287 24.61 13.51 -8.94
C HIS D 287 23.09 13.37 -9.10
N VAL D 288 22.62 12.38 -9.82
CA VAL D 288 21.19 12.34 -10.10
C VAL D 288 20.49 11.14 -9.48
N LEU D 289 21.27 10.22 -8.92
CA LEU D 289 20.70 9.06 -8.23
C LEU D 289 19.83 9.53 -7.08
N PRO D 290 18.64 8.92 -6.93
CA PRO D 290 17.63 9.39 -5.96
C PRO D 290 17.96 9.02 -4.53
N GLN D 291 19.04 8.24 -4.35
CA GLN D 291 19.36 7.67 -3.05
C GLN D 291 20.86 7.67 -2.82
N GLU D 292 21.28 7.66 -1.56
CA GLU D 292 22.66 7.32 -1.27
C GLU D 292 22.71 5.81 -1.41
N SER D 293 23.24 5.34 -2.53
CA SER D 293 23.20 3.93 -2.85
C SER D 293 24.57 3.38 -3.23
N ILE D 294 24.70 2.06 -3.21
CA ILE D 294 25.80 1.36 -3.89
C ILE D 294 25.23 0.30 -4.80
N PHE D 295 26.02 -0.09 -5.80
CA PHE D 295 25.52 -0.98 -6.84
C PHE D 295 24.27 -0.36 -7.48
N ARG D 296 24.35 0.93 -7.78
CA ARG D 296 23.39 1.61 -8.65
C ARG D 296 24.16 2.55 -9.56
N PHE D 297 23.78 2.63 -10.83
N PHE D 297 23.63 2.74 -10.76
CA PHE D 297 24.24 3.75 -11.65
CA PHE D 297 24.22 3.61 -11.78
C PHE D 297 23.06 4.51 -12.22
C PHE D 297 23.10 4.45 -12.41
N SER D 298 23.32 5.75 -12.60
CA SER D 298 22.28 6.69 -13.02
C SER D 298 21.72 6.45 -14.40
N PHE D 299 22.58 6.06 -15.34
CA PHE D 299 22.18 5.86 -16.73
C PHE D 299 22.37 4.44 -17.22
N VAL D 300 21.25 3.76 -17.45
CA VAL D 300 21.21 2.33 -17.71
C VAL D 300 20.05 2.06 -18.64
N PRO D 301 19.91 0.82 -19.14
CA PRO D 301 18.78 0.52 -20.04
C PRO D 301 17.44 0.97 -19.48
N VAL D 302 16.56 1.41 -20.36
CA VAL D 302 15.29 1.96 -19.93
C VAL D 302 14.17 1.15 -20.54
N VAL D 303 13.13 0.90 -19.76
CA VAL D 303 11.98 0.14 -20.23
C VAL D 303 11.16 1.09 -21.09
N ASP D 304 11.24 0.91 -22.41
CA ASP D 304 10.82 1.96 -23.35
C ASP D 304 9.72 1.50 -24.28
N GLY D 305 9.23 0.28 -24.10
CA GLY D 305 8.22 -0.27 -24.98
C GLY D 305 8.74 -0.52 -26.38
N ASP D 306 10.01 -0.19 -26.62
CA ASP D 306 10.65 -0.45 -27.90
C ASP D 306 11.65 -1.61 -27.76
N PHE D 307 12.85 -1.33 -27.27
CA PHE D 307 13.89 -2.35 -27.18
C PHE D 307 13.45 -3.45 -26.25
N LEU D 308 12.97 -3.07 -25.09
CA LEU D 308 12.33 -3.99 -24.16
C LEU D 308 10.86 -3.68 -24.22
N SER D 309 10.06 -4.67 -24.57
CA SER D 309 8.62 -4.47 -24.79
C SER D 309 7.85 -4.41 -23.49
N ASP D 310 8.41 -5.02 -22.45
CA ASP D 310 7.92 -4.93 -21.08
C ASP D 310 9.11 -4.96 -20.15
N THR D 311 8.84 -4.89 -18.84
CA THR D 311 9.88 -5.03 -17.85
C THR D 311 10.52 -6.38 -18.03
N PRO D 312 11.83 -6.48 -17.75
CA PRO D 312 12.50 -7.77 -17.93
C PRO D 312 11.88 -8.82 -17.02
N GLU D 313 11.38 -8.40 -15.87
CA GLU D 313 10.77 -9.36 -14.96
C GLU D 313 9.58 -9.99 -15.67
N ALA D 314 8.81 -9.16 -16.36
CA ALA D 314 7.63 -9.62 -17.08
C ALA D 314 8.03 -10.48 -18.26
N LEU D 315 9.00 -10.00 -19.00
CA LEU D 315 9.40 -10.69 -20.22
C LEU D 315 9.95 -12.07 -19.93
N ILE D 316 10.66 -12.25 -18.82
CA ILE D 316 11.16 -13.58 -18.45
C ILE D 316 10.06 -14.39 -17.79
N ASN D 317 9.11 -13.69 -17.15
CA ASN D 317 7.92 -14.36 -16.62
C ASN D 317 7.19 -15.11 -17.71
N THR D 318 7.01 -14.46 -18.86
CA THR D 318 6.14 -15.00 -19.92
C THR D 318 6.81 -15.35 -21.25
N GLY D 319 8.13 -15.37 -21.31
CA GLY D 319 8.79 -15.71 -22.55
C GLY D 319 8.65 -17.18 -22.93
N ASP D 320 8.79 -17.48 -24.21
CA ASP D 320 8.94 -18.88 -24.64
C ASP D 320 10.40 -19.08 -24.97
N PHE D 321 11.16 -19.48 -23.96
CA PHE D 321 12.60 -19.61 -24.12
C PHE D 321 12.96 -21.05 -24.45
N GLN D 322 11.99 -21.74 -25.07
CA GLN D 322 12.19 -23.08 -25.60
C GLN D 322 13.32 -23.02 -26.61
N ASP D 323 14.10 -24.11 -26.69
CA ASP D 323 15.35 -24.13 -27.45
C ASP D 323 16.17 -22.81 -27.40
N LEU D 324 16.68 -22.54 -26.21
CA LEU D 324 17.62 -21.48 -25.94
C LEU D 324 18.56 -22.09 -24.94
N GLN D 325 19.84 -21.85 -25.09
CA GLN D 325 20.79 -22.50 -24.18
C GLN D 325 21.60 -21.49 -23.38
N VAL D 326 21.48 -21.57 -22.06
CA VAL D 326 22.06 -20.54 -21.23
C VAL D 326 22.93 -21.09 -20.13
N LEU D 327 24.17 -20.61 -20.09
CA LEU D 327 25.03 -20.87 -18.96
C LEU D 327 25.09 -19.60 -18.09
N VAL D 328 24.72 -19.74 -16.81
CA VAL D 328 24.73 -18.59 -15.89
C VAL D 328 25.40 -18.93 -14.57
N GLY D 329 25.96 -17.93 -13.92
CA GLY D 329 26.55 -18.23 -12.63
C GLY D 329 27.13 -17.08 -11.84
N VAL D 330 27.39 -17.31 -10.55
CA VAL D 330 27.94 -16.24 -9.75
C VAL D 330 29.30 -16.62 -9.20
N VAL D 331 30.04 -15.63 -8.69
CA VAL D 331 31.24 -15.89 -7.91
C VAL D 331 30.83 -15.91 -6.46
N LYS D 332 31.72 -16.34 -5.58
CA LYS D 332 31.37 -16.56 -4.18
C LYS D 332 30.79 -15.30 -3.50
N ASP D 333 31.58 -14.21 -3.45
CA ASP D 333 31.20 -13.02 -2.69
C ASP D 333 30.91 -11.83 -3.57
N GLU D 334 29.72 -11.82 -4.14
CA GLU D 334 29.38 -10.82 -5.15
C GLU D 334 29.23 -9.43 -4.59
N GLY D 335 29.08 -9.32 -3.28
CA GLY D 335 28.84 -8.02 -2.69
C GLY D 335 30.11 -7.32 -2.23
N SER D 336 31.14 -8.10 -1.90
CA SER D 336 32.30 -7.56 -1.19
C SER D 336 32.90 -6.35 -1.89
N TYR D 337 33.01 -6.41 -3.21
CA TYR D 337 33.63 -5.32 -3.97
C TYR D 337 32.93 -3.98 -3.72
N PHE D 338 31.61 -3.98 -3.73
CA PHE D 338 30.87 -2.74 -3.71
C PHE D 338 30.85 -2.04 -2.34
N LEU D 339 31.34 -2.73 -1.32
CA LEU D 339 31.21 -2.23 0.04
C LEU D 339 32.14 -1.07 0.32
N VAL D 340 33.33 -1.08 -0.29
CA VAL D 340 34.30 0.00 -0.10
C VAL D 340 33.97 1.29 -0.85
N TYR D 341 32.98 1.22 -1.74
CA TYR D 341 32.57 2.38 -2.52
C TYR D 341 31.50 3.24 -1.86
N GLY D 342 31.23 3.03 -0.58
CA GLY D 342 30.30 3.93 0.07
C GLY D 342 29.58 3.46 1.31
N VAL D 343 29.88 2.26 1.77
CA VAL D 343 29.30 1.82 3.03
C VAL D 343 30.27 2.09 4.15
N PRO D 344 29.98 3.11 4.96
CA PRO D 344 30.82 3.55 6.07
C PRO D 344 31.24 2.38 6.94
N GLY D 345 32.56 2.18 7.04
CA GLY D 345 33.15 1.11 7.85
C GLY D 345 34.04 0.16 7.06
N PHE D 346 33.86 0.16 5.74
CA PHE D 346 34.54 -0.80 4.88
C PHE D 346 35.73 -0.19 4.13
N SER D 347 36.80 -0.96 4.01
CA SER D 347 38.02 -0.47 3.39
C SER D 347 38.92 -1.62 2.91
N LYS D 348 39.69 -1.36 1.85
CA LYS D 348 40.62 -2.35 1.35
C LYS D 348 41.81 -2.48 2.30
N ASP D 349 41.93 -1.53 3.22
CA ASP D 349 43.11 -1.50 4.07
C ASP D 349 42.93 -2.32 5.34
N ASN D 350 42.10 -1.85 6.28
CA ASN D 350 41.78 -2.66 7.45
C ASN D 350 40.82 -3.80 7.13
N GLU D 351 40.66 -4.71 8.08
CA GLU D 351 39.83 -5.88 7.87
C GLU D 351 38.34 -5.58 7.99
N SER D 352 38.00 -4.29 7.98
CA SER D 352 36.62 -3.82 7.92
C SER D 352 35.73 -4.55 8.92
N LEU D 353 36.07 -4.49 10.20
CA LEU D 353 35.26 -5.15 11.21
C LEU D 353 34.22 -4.19 11.79
N ILE D 354 33.20 -3.91 11.00
CA ILE D 354 32.19 -2.92 11.32
C ILE D 354 31.38 -3.24 12.57
N SER D 355 30.60 -2.27 13.00
CA SER D 355 29.74 -2.41 14.16
C SER D 355 28.29 -2.55 13.73
N ARG D 356 27.41 -2.89 14.65
CA ARG D 356 26.01 -3.08 14.33
C ARG D 356 25.39 -1.77 13.83
N ALA D 357 25.80 -0.67 14.44
CA ALA D 357 25.33 0.65 14.05
C ALA D 357 25.68 0.93 12.60
N GLN D 358 26.91 0.58 12.21
CA GLN D 358 27.33 0.67 10.82
C GLN D 358 26.55 -0.31 9.95
N PHE D 359 26.24 -1.48 10.50
CA PHE D 359 25.49 -2.48 9.76
C PHE D 359 24.11 -2.03 9.35
N LEU D 360 23.39 -1.34 10.23
CA LEU D 360 22.03 -0.89 9.90
C LEU D 360 21.96 0.18 8.81
N ALA D 361 22.76 1.24 8.95
CA ALA D 361 22.91 2.23 7.89
C ALA D 361 23.46 1.60 6.61
N GLY D 362 24.25 0.55 6.79
CA GLY D 362 24.76 -0.21 5.66
C GLY D 362 23.62 -0.84 4.89
N VAL D 363 22.80 -1.62 5.58
CA VAL D 363 21.63 -2.22 4.97
C VAL D 363 20.79 -1.15 4.28
N ARG D 364 20.71 0.03 4.88
CA ARG D 364 20.02 1.15 4.23
C ARG D 364 20.65 1.61 2.91
N ILE D 365 21.98 1.60 2.82
CA ILE D 365 22.67 2.01 1.59
C ILE D 365 22.65 0.93 0.49
N GLY D 366 22.82 -0.33 0.88
CA GLY D 366 22.89 -1.42 -0.07
C GLY D 366 21.54 -1.81 -0.66
N VAL D 367 20.48 -1.56 0.10
CA VAL D 367 19.11 -1.79 -0.36
C VAL D 367 18.32 -0.48 -0.35
N PRO D 368 18.66 0.44 -1.27
CA PRO D 368 18.20 1.82 -1.12
C PRO D 368 16.72 1.99 -1.48
N GLN D 369 16.21 1.07 -2.29
CA GLN D 369 14.82 1.08 -2.71
C GLN D 369 13.90 0.62 -1.57
N ALA D 370 14.50 0.13 -0.49
CA ALA D 370 13.75 -0.53 0.55
C ALA D 370 13.16 0.42 1.54
N SER D 371 11.86 0.29 1.78
CA SER D 371 11.16 1.02 2.83
C SER D 371 11.73 0.65 4.19
N ASP D 372 11.41 1.46 5.21
CA ASP D 372 11.88 1.20 6.58
C ASP D 372 11.51 -0.22 6.97
N LEU D 373 10.36 -0.68 6.50
CA LEU D 373 9.84 -1.99 6.90
C LEU D 373 10.63 -3.10 6.25
N ALA D 374 10.85 -2.98 4.94
CA ALA D 374 11.64 -3.96 4.22
C ALA D 374 13.05 -3.97 4.77
N ALA D 375 13.55 -2.78 5.12
CA ALA D 375 14.88 -2.66 5.69
C ALA D 375 14.95 -3.45 6.98
N GLU D 376 13.93 -3.25 7.81
CA GLU D 376 13.81 -3.97 9.06
C GLU D 376 13.83 -5.47 8.77
N ALA D 377 13.12 -5.89 7.73
CA ALA D 377 13.05 -7.29 7.35
C ALA D 377 14.42 -7.86 7.00
N VAL D 378 15.17 -7.13 6.18
CA VAL D 378 16.50 -7.55 5.76
C VAL D 378 17.40 -7.67 6.97
N VAL D 379 17.33 -6.69 7.85
CA VAL D 379 18.16 -6.73 9.05
C VAL D 379 17.81 -7.93 9.91
N LEU D 380 16.52 -8.18 10.05
CA LEU D 380 16.05 -9.22 10.94
C LEU D 380 16.28 -10.58 10.30
N HIS D 381 16.57 -10.59 9.01
CA HIS D 381 16.95 -11.82 8.32
C HIS D 381 18.43 -12.12 8.47
N TYR D 382 19.25 -11.11 8.21
CA TYR D 382 20.68 -11.30 8.08
C TYR D 382 21.48 -11.21 9.40
N THR D 383 20.82 -10.79 10.49
CA THR D 383 21.47 -10.74 11.80
C THR D 383 21.58 -12.14 12.39
N ASP D 384 22.67 -12.41 13.10
CA ASP D 384 22.69 -13.60 13.93
C ASP D 384 22.31 -13.20 15.34
N TRP D 385 21.09 -13.57 15.73
CA TRP D 385 20.53 -13.12 17.00
C TRP D 385 21.14 -13.81 18.20
N LEU D 386 22.02 -14.77 17.96
CA LEU D 386 22.88 -15.24 19.02
C LEU D 386 24.00 -14.21 19.24
N HIS D 387 24.66 -13.79 18.16
CA HIS D 387 25.75 -12.81 18.23
C HIS D 387 25.49 -11.58 17.37
N PRO D 388 24.56 -10.72 17.80
CA PRO D 388 24.14 -9.61 16.93
C PRO D 388 25.19 -8.51 16.84
N GLU D 389 26.16 -8.51 17.76
CA GLU D 389 27.20 -7.49 17.81
C GLU D 389 28.47 -7.88 17.08
N ASP D 390 28.58 -9.17 16.76
CA ASP D 390 29.80 -9.76 16.19
C ASP D 390 30.24 -9.08 14.90
N PRO D 391 31.32 -8.31 14.96
CA PRO D 391 31.81 -7.49 13.85
C PRO D 391 32.08 -8.30 12.60
N THR D 392 32.60 -9.49 12.75
CA THR D 392 32.83 -10.36 11.60
C THR D 392 31.54 -10.73 10.90
N HIS D 393 30.62 -11.31 11.66
CA HIS D 393 29.35 -11.71 11.09
C HIS D 393 28.67 -10.50 10.47
N LEU D 394 28.85 -9.31 11.06
CA LEU D 394 28.22 -8.13 10.55
C LEU D 394 28.77 -7.75 9.18
N ARG D 395 30.10 -7.69 9.11
CA ARG D 395 30.79 -7.44 7.84
C ARG D 395 30.31 -8.41 6.74
N ASP D 396 30.45 -9.69 7.01
CA ASP D 396 30.08 -10.72 6.05
C ASP D 396 28.60 -10.68 5.67
N ALA D 397 27.75 -10.28 6.61
CA ALA D 397 26.32 -10.18 6.37
C ALA D 397 26.03 -9.00 5.47
N MET D 398 26.80 -7.93 5.62
CA MET D 398 26.67 -6.80 4.71
C MET D 398 26.99 -7.24 3.28
N SER D 399 28.19 -7.82 3.12
CA SER D 399 28.61 -8.37 1.82
C SER D 399 27.54 -9.25 1.22
N ALA D 400 27.00 -10.13 2.04
CA ALA D 400 25.95 -11.01 1.58
C ALA D 400 24.66 -10.28 1.17
N VAL D 401 24.21 -9.28 1.94
CA VAL D 401 23.00 -8.54 1.57
C VAL D 401 23.20 -7.95 0.18
N VAL D 402 24.29 -7.22 0.00
CA VAL D 402 24.50 -6.59 -1.29
C VAL D 402 24.59 -7.62 -2.43
N GLY D 403 25.27 -8.72 -2.14
CA GLY D 403 25.45 -9.78 -3.12
C GLY D 403 24.18 -10.48 -3.55
N ASP D 404 23.48 -11.10 -2.60
CA ASP D 404 22.19 -11.70 -2.86
C ASP D 404 21.21 -10.71 -3.51
N HIS D 405 21.22 -9.48 -3.03
CA HIS D 405 20.24 -8.53 -3.52
C HIS D 405 20.45 -8.16 -4.97
N ASN D 406 21.69 -7.86 -5.36
CA ASN D 406 21.89 -7.38 -6.72
C ASN D 406 22.25 -8.41 -7.78
N VAL D 407 22.69 -9.57 -7.35
CA VAL D 407 23.23 -10.56 -8.27
C VAL D 407 22.58 -11.90 -8.05
N VAL D 408 22.85 -12.52 -6.91
CA VAL D 408 22.53 -13.92 -6.70
C VAL D 408 21.03 -14.18 -6.81
N CYS D 409 20.21 -13.43 -6.10
CA CYS D 409 18.79 -13.72 -6.18
C CYS D 409 18.16 -13.35 -7.52
N PRO D 410 18.59 -12.22 -8.11
CA PRO D 410 18.31 -12.02 -9.53
C PRO D 410 18.73 -13.20 -10.42
N VAL D 411 19.95 -13.70 -10.27
CA VAL D 411 20.39 -14.82 -11.11
C VAL D 411 19.49 -16.02 -10.90
N ALA D 412 19.27 -16.39 -9.66
CA ALA D 412 18.54 -17.60 -9.36
C ALA D 412 17.17 -17.50 -9.97
N GLN D 413 16.57 -16.31 -9.83
CA GLN D 413 15.27 -16.03 -10.44
C GLN D 413 15.31 -16.23 -11.97
N LEU D 414 16.35 -15.69 -12.61
CA LEU D 414 16.48 -15.85 -14.06
C LEU D 414 16.60 -17.32 -14.45
N ALA D 415 17.40 -18.07 -13.71
CA ALA D 415 17.66 -19.46 -14.03
C ALA D 415 16.38 -20.23 -13.90
N GLY D 416 15.64 -19.95 -12.84
CA GLY D 416 14.39 -20.62 -12.57
C GLY D 416 13.35 -20.35 -13.65
N ARG D 417 13.18 -19.10 -14.03
CA ARG D 417 12.16 -18.77 -15.03
CA ARG D 417 12.16 -18.78 -15.02
C ARG D 417 12.54 -19.25 -16.42
N LEU D 418 13.81 -19.10 -16.79
CA LEU D 418 14.31 -19.64 -18.06
C LEU D 418 14.14 -21.16 -18.11
N ALA D 419 14.35 -21.80 -16.97
CA ALA D 419 14.25 -23.25 -16.93
C ALA D 419 12.80 -23.67 -17.12
N ALA D 420 11.90 -23.01 -16.40
CA ALA D 420 10.46 -23.25 -16.55
C ALA D 420 9.98 -23.02 -17.98
N GLN D 421 10.28 -21.86 -18.56
CA GLN D 421 9.80 -21.53 -19.90
C GLN D 421 10.35 -22.47 -20.97
N GLY D 422 11.39 -23.23 -20.63
CA GLY D 422 11.82 -24.34 -21.47
C GLY D 422 13.23 -24.34 -21.99
N ALA D 423 14.09 -23.51 -21.42
CA ALA D 423 15.50 -23.48 -21.83
C ALA D 423 16.32 -24.52 -21.10
N ARG D 424 17.50 -24.82 -21.66
CA ARG D 424 18.49 -25.69 -21.07
C ARG D 424 19.41 -24.77 -20.29
N VAL D 425 19.52 -25.00 -18.99
CA VAL D 425 20.26 -24.07 -18.17
C VAL D 425 21.36 -24.75 -17.39
N TYR D 426 22.59 -24.27 -17.51
CA TYR D 426 23.66 -24.78 -16.68
C TYR D 426 24.11 -23.67 -15.73
N ALA D 427 24.13 -23.95 -14.43
CA ALA D 427 24.47 -22.89 -13.46
C ALA D 427 25.73 -23.22 -12.68
N TYR D 428 26.49 -22.17 -12.31
CA TYR D 428 27.76 -22.36 -11.62
C TYR D 428 28.02 -21.40 -10.44
N ILE D 429 28.91 -21.80 -9.55
CA ILE D 429 29.46 -20.86 -8.58
C ILE D 429 31.00 -20.91 -8.54
N PHE D 430 31.62 -19.76 -8.75
CA PHE D 430 33.06 -19.63 -8.87
C PHE D 430 33.59 -19.37 -7.48
N GLU D 431 34.32 -20.33 -6.93
CA GLU D 431 34.81 -20.23 -5.55
C GLU D 431 36.33 -20.05 -5.38
N HIS D 432 37.03 -19.80 -6.49
CA HIS D 432 38.47 -19.62 -6.40
C HIS D 432 38.95 -18.17 -6.36
N ARG D 433 39.56 -17.78 -5.24
CA ARG D 433 40.29 -16.52 -5.16
C ARG D 433 41.64 -16.67 -5.85
N ALA D 434 41.99 -15.70 -6.69
CA ALA D 434 43.26 -15.75 -7.40
C ALA D 434 44.44 -15.57 -6.47
N SER D 435 45.53 -16.25 -6.79
CA SER D 435 46.73 -16.19 -5.98
C SER D 435 47.36 -14.81 -6.11
N THR D 436 47.01 -14.14 -7.21
CA THR D 436 47.55 -12.85 -7.55
C THR D 436 46.61 -11.73 -7.12
N LEU D 437 45.52 -12.09 -6.43
CA LEU D 437 44.50 -11.11 -6.07
C LEU D 437 45.03 -10.04 -5.15
N THR D 438 44.70 -8.80 -5.46
CA THR D 438 45.30 -7.64 -4.83
C THR D 438 44.43 -7.05 -3.71
N TRP D 439 43.16 -7.44 -3.70
CA TRP D 439 42.20 -7.04 -2.68
C TRP D 439 42.49 -7.79 -1.37
N PRO D 440 41.93 -7.30 -0.25
CA PRO D 440 42.24 -7.94 1.03
C PRO D 440 41.64 -9.33 1.14
N LEU D 441 41.91 -9.99 2.25
CA LEU D 441 41.45 -11.35 2.47
C LEU D 441 39.95 -11.39 2.79
N TRP D 442 39.46 -10.37 3.49
CA TRP D 442 38.06 -10.40 3.91
C TRP D 442 37.06 -10.33 2.76
N MET D 443 37.54 -10.05 1.55
CA MET D 443 36.65 -9.87 0.41
C MET D 443 36.31 -11.16 -0.34
N GLY D 444 37.04 -12.24 -0.05
CA GLY D 444 36.76 -13.54 -0.64
C GLY D 444 37.14 -13.59 -2.10
N VAL D 445 36.21 -14.11 -2.92
CA VAL D 445 36.32 -14.08 -4.38
C VAL D 445 35.39 -12.98 -4.89
N PRO D 446 35.91 -11.77 -5.10
CA PRO D 446 35.05 -10.61 -5.38
C PRO D 446 34.48 -10.59 -6.78
N HIS D 447 33.41 -9.81 -6.92
CA HIS D 447 32.69 -9.61 -8.18
C HIS D 447 33.65 -9.33 -9.34
N GLY D 448 33.50 -10.10 -10.41
CA GLY D 448 34.31 -9.88 -11.59
C GLY D 448 35.67 -10.53 -11.61
N TYR D 449 35.98 -11.36 -10.63
CA TYR D 449 37.32 -11.94 -10.60
C TYR D 449 37.37 -13.40 -11.03
N GLU D 450 36.57 -13.73 -12.03
CA GLU D 450 36.61 -15.04 -12.67
C GLU D 450 37.05 -14.80 -14.09
N ILE D 451 36.76 -13.59 -14.58
CA ILE D 451 37.00 -13.23 -15.97
C ILE D 451 38.42 -13.59 -16.36
N GLU D 452 39.39 -13.22 -15.53
CA GLU D 452 40.77 -13.52 -15.87
C GLU D 452 41.02 -15.02 -16.06
N PHE D 453 40.18 -15.84 -15.44
CA PHE D 453 40.32 -17.30 -15.59
C PHE D 453 39.60 -17.82 -16.81
N ILE D 454 38.40 -17.31 -17.08
CA ILE D 454 37.70 -17.72 -18.29
C ILE D 454 38.55 -17.36 -19.50
N PHE D 455 39.02 -16.13 -19.53
CA PHE D 455 39.74 -15.62 -20.68
C PHE D 455 41.11 -16.26 -20.91
N GLY D 456 41.66 -16.88 -19.88
CA GLY D 456 42.86 -17.70 -20.04
C GLY D 456 44.20 -17.17 -19.56
N LEU D 457 44.20 -16.00 -18.92
CA LEU D 457 45.43 -15.35 -18.49
C LEU D 457 46.48 -16.19 -17.77
N PRO D 458 46.07 -17.07 -16.83
CA PRO D 458 47.05 -17.94 -16.17
C PRO D 458 48.00 -18.70 -17.10
N LEU D 459 47.66 -18.76 -18.39
CA LEU D 459 48.49 -19.44 -19.38
C LEU D 459 49.76 -18.63 -19.73
N ASP D 460 49.70 -17.32 -19.57
CA ASP D 460 50.89 -16.48 -19.69
C ASP D 460 51.67 -16.68 -18.41
N PRO D 461 52.88 -17.23 -18.52
CA PRO D 461 53.68 -17.53 -17.33
C PRO D 461 54.22 -16.27 -16.70
N SER D 462 54.22 -15.17 -17.47
CA SER D 462 54.79 -13.91 -17.00
C SER D 462 53.93 -13.22 -15.93
N LEU D 463 52.86 -13.89 -15.50
CA LEU D 463 51.89 -13.28 -14.59
C LEU D 463 51.94 -13.88 -13.19
N ASN D 464 52.82 -14.86 -12.99
CA ASN D 464 53.02 -15.48 -11.69
C ASN D 464 51.78 -16.17 -11.12
N TYR D 465 51.01 -16.82 -11.99
CA TYR D 465 49.91 -17.67 -11.53
C TYR D 465 50.46 -19.02 -11.05
N THR D 466 49.72 -19.71 -10.19
CA THR D 466 50.12 -21.05 -9.77
C THR D 466 49.91 -21.99 -10.94
N THR D 467 50.64 -23.10 -10.94
CA THR D 467 50.55 -24.08 -12.02
C THR D 467 49.13 -24.67 -12.12
N GLU D 468 48.60 -25.10 -10.97
CA GLU D 468 47.25 -25.66 -10.98
C GLU D 468 46.18 -24.59 -11.28
N GLU D 469 46.55 -23.32 -11.14
CA GLU D 469 45.69 -22.24 -11.60
C GLU D 469 45.66 -22.20 -13.12
N ARG D 470 46.82 -22.40 -13.74
CA ARG D 470 46.87 -22.60 -15.19
C ARG D 470 45.94 -23.77 -15.56
N ILE D 471 46.07 -24.89 -14.86
CA ILE D 471 45.26 -26.08 -15.20
C ILE D 471 43.77 -25.76 -15.11
N PHE D 472 43.42 -25.05 -14.05
CA PHE D 472 42.06 -24.59 -13.74
C PHE D 472 41.50 -23.72 -14.86
N ALA D 473 42.33 -22.77 -15.30
CA ALA D 473 42.01 -21.91 -16.42
C ALA D 473 41.73 -22.73 -17.67
N GLN D 474 42.65 -23.63 -18.02
CA GLN D 474 42.46 -24.55 -19.15
C GLN D 474 41.08 -25.24 -19.06
N ARG D 475 40.75 -25.76 -17.87
CA ARG D 475 39.46 -26.44 -17.71
C ARG D 475 38.26 -25.50 -17.92
N LEU D 476 38.39 -24.27 -17.43
CA LEU D 476 37.32 -23.31 -17.62
C LEU D 476 37.11 -22.95 -19.09
N MET D 477 38.21 -22.74 -19.81
CA MET D 477 38.13 -22.41 -21.24
C MET D 477 37.50 -23.57 -22.00
N LYS D 478 37.84 -24.78 -21.56
CA LYS D 478 37.23 -25.97 -22.12
C LYS D 478 35.72 -25.96 -21.91
N TYR D 479 35.28 -25.68 -20.68
CA TYR D 479 33.83 -25.65 -20.38
C TYR D 479 33.14 -24.64 -21.27
N TRP D 480 33.67 -23.42 -21.27
CA TRP D 480 33.07 -22.32 -22.02
C TRP D 480 32.95 -22.60 -23.53
N THR D 481 34.06 -22.98 -24.15
CA THR D 481 34.04 -23.29 -25.58
C THR D 481 33.21 -24.53 -25.92
N ASN D 482 33.13 -25.49 -24.99
CA ASN D 482 32.25 -26.64 -25.15
C ASN D 482 30.79 -26.19 -25.16
N PHE D 483 30.43 -25.28 -24.26
CA PHE D 483 29.10 -24.69 -24.28
C PHE D 483 28.85 -23.91 -25.57
N ALA D 484 29.88 -23.25 -26.10
CA ALA D 484 29.69 -22.47 -27.32
C ALA D 484 29.49 -23.38 -28.52
N ARG D 485 30.26 -24.45 -28.59
CA ARG D 485 30.13 -25.42 -29.68
C ARG D 485 28.79 -26.17 -29.63
N THR D 486 28.53 -26.81 -28.50
CA THR D 486 27.46 -27.80 -28.40
C THR D 486 26.20 -27.31 -27.67
N GLY D 487 26.37 -26.48 -26.65
CA GLY D 487 25.28 -26.09 -25.78
C GLY D 487 25.30 -26.90 -24.49
N ASP D 488 26.42 -27.58 -24.26
CA ASP D 488 26.63 -28.43 -23.10
C ASP D 488 28.10 -28.25 -22.77
N PRO D 489 28.40 -27.76 -21.57
CA PRO D 489 29.79 -27.49 -21.15
C PRO D 489 30.62 -28.74 -20.99
N ASN D 490 29.94 -29.89 -20.99
CA ASN D 490 30.61 -31.17 -20.73
C ASN D 490 31.35 -31.68 -21.94
N ASP D 491 32.38 -32.49 -21.66
CA ASP D 491 33.15 -33.14 -22.70
C ASP D 491 32.29 -34.19 -23.39
N PRO D 492 32.47 -34.33 -24.70
CA PRO D 492 31.83 -35.43 -25.44
C PRO D 492 32.45 -36.76 -25.02
N ARG D 493 31.68 -37.85 -25.11
CA ARG D 493 32.19 -39.21 -24.94
C ARG D 493 32.72 -39.52 -23.53
N ASP D 494 33.53 -38.61 -22.98
CA ASP D 494 34.11 -38.79 -21.65
C ASP D 494 33.03 -38.76 -20.58
N SER D 495 33.11 -39.69 -19.62
CA SER D 495 32.15 -39.72 -18.50
C SER D 495 32.83 -39.89 -17.14
N LYS D 496 33.72 -38.95 -16.83
CA LYS D 496 34.31 -38.82 -15.50
C LYS D 496 34.81 -37.39 -15.29
N SER D 497 34.40 -36.79 -14.18
CA SER D 497 34.69 -35.40 -13.83
C SER D 497 34.02 -34.91 -12.55
N PRO D 498 32.69 -35.11 -12.39
CA PRO D 498 31.73 -35.84 -13.23
C PRO D 498 30.95 -34.91 -14.16
N GLN D 499 29.72 -35.29 -14.45
CA GLN D 499 28.87 -34.51 -15.32
C GLN D 499 28.42 -33.23 -14.63
N TRP D 500 28.22 -32.19 -15.43
CA TRP D 500 27.65 -30.94 -14.97
C TRP D 500 26.22 -30.98 -15.48
N PRO D 501 25.28 -31.22 -14.56
CA PRO D 501 23.83 -31.33 -14.78
C PRO D 501 23.10 -30.01 -15.01
N PRO D 502 22.10 -30.02 -15.90
CA PRO D 502 21.25 -28.86 -16.14
C PRO D 502 20.48 -28.40 -14.90
N TYR D 503 20.50 -27.10 -14.65
CA TYR D 503 19.61 -26.48 -13.66
C TYR D 503 18.17 -26.73 -14.10
N THR D 504 17.32 -27.10 -13.15
CA THR D 504 15.92 -27.42 -13.41
C THR D 504 15.09 -27.01 -12.22
N THR D 505 13.82 -26.69 -12.43
CA THR D 505 13.02 -26.12 -11.33
C THR D 505 12.92 -26.99 -10.09
N ALA D 506 12.82 -28.32 -10.28
CA ALA D 506 12.63 -29.23 -9.15
C ALA D 506 13.96 -29.68 -8.52
N ALA D 507 14.95 -29.92 -9.36
CA ALA D 507 16.25 -30.34 -8.89
C ALA D 507 17.09 -29.17 -8.38
N GLN D 508 17.21 -28.13 -9.21
CA GLN D 508 17.96 -26.92 -8.90
C GLN D 508 19.47 -27.16 -8.73
N GLN D 509 20.07 -27.79 -9.73
CA GLN D 509 21.46 -28.18 -9.63
C GLN D 509 22.44 -27.19 -10.26
N TYR D 510 23.49 -26.89 -9.52
CA TYR D 510 24.59 -26.11 -10.07
C TYR D 510 25.93 -26.76 -9.67
N VAL D 511 27.03 -26.30 -10.25
CA VAL D 511 28.33 -26.87 -9.87
C VAL D 511 29.26 -25.83 -9.24
N SER D 512 30.18 -26.31 -8.40
CA SER D 512 31.21 -25.44 -7.86
C SER D 512 32.43 -25.53 -8.76
N LEU D 513 32.87 -24.37 -9.24
CA LEU D 513 34.08 -24.29 -10.04
C LEU D 513 35.21 -23.86 -9.13
N ASN D 514 35.90 -24.82 -8.54
CA ASN D 514 37.11 -24.51 -7.78
C ASN D 514 38.25 -25.34 -8.32
N LEU D 515 39.39 -25.30 -7.64
CA LEU D 515 40.57 -26.01 -8.10
C LEU D 515 40.32 -27.51 -8.08
N LYS D 516 39.67 -27.97 -7.01
CA LYS D 516 39.21 -29.35 -6.91
C LYS D 516 38.18 -29.64 -8.00
N PRO D 517 37.94 -30.93 -8.29
CA PRO D 517 36.95 -31.33 -9.31
C PRO D 517 35.57 -30.72 -9.13
N LEU D 518 34.74 -30.84 -10.16
CA LEU D 518 33.34 -30.41 -10.09
C LEU D 518 32.63 -31.02 -8.88
N GLU D 519 31.76 -30.23 -8.25
CA GLU D 519 30.91 -30.71 -7.19
C GLU D 519 29.49 -30.25 -7.51
N VAL D 520 28.56 -31.20 -7.59
CA VAL D 520 27.17 -30.82 -7.86
C VAL D 520 26.45 -30.48 -6.57
N ARG D 521 25.98 -29.25 -6.47
CA ARG D 521 25.21 -28.78 -5.32
C ARG D 521 23.77 -28.46 -5.71
N ARG D 522 22.88 -28.44 -4.72
CA ARG D 522 21.48 -28.20 -5.00
CA ARG D 522 21.46 -28.22 -4.98
C ARG D 522 20.94 -26.97 -4.26
N GLY D 523 20.39 -26.02 -5.02
CA GLY D 523 19.78 -24.84 -4.44
C GLY D 523 20.64 -23.62 -4.26
N LEU D 524 20.51 -22.65 -5.18
CA LEU D 524 21.17 -21.36 -5.09
C LEU D 524 20.47 -20.47 -4.09
N ARG D 525 21.09 -20.29 -2.92
CA ARG D 525 20.52 -19.50 -1.84
CA ARG D 525 20.53 -19.52 -1.82
C ARG D 525 19.00 -19.61 -1.80
N ALA D 526 18.50 -20.84 -1.74
CA ALA D 526 17.07 -21.13 -1.84
C ALA D 526 16.17 -20.31 -0.90
N GLN D 527 16.41 -20.45 0.40
CA GLN D 527 15.62 -19.78 1.42
C GLN D 527 15.71 -18.26 1.32
N THR D 528 16.95 -17.79 1.30
CA THR D 528 17.24 -16.37 1.26
C THR D 528 16.64 -15.75 -0.01
N CYS D 529 16.88 -16.38 -1.15
CA CYS D 529 16.41 -15.83 -2.40
C CYS D 529 14.91 -15.92 -2.50
N ALA D 530 14.31 -16.84 -1.76
CA ALA D 530 12.85 -16.84 -1.66
C ALA D 530 12.44 -15.59 -0.94
N PHE D 531 13.15 -15.27 0.14
CA PHE D 531 12.90 -14.00 0.84
C PHE D 531 12.94 -12.81 -0.14
N TRP D 532 13.99 -12.76 -0.96
CA TRP D 532 14.20 -11.61 -1.84
C TRP D 532 13.24 -11.53 -3.02
N ASN D 533 12.95 -12.68 -3.64
CA ASN D 533 12.21 -12.72 -4.90
C ASN D 533 10.73 -12.85 -4.70
N ARG D 534 10.34 -13.50 -3.62
CA ARG D 534 8.93 -13.83 -3.38
C ARG D 534 8.25 -12.86 -2.42
N PHE D 535 8.77 -12.77 -1.20
CA PHE D 535 8.09 -12.04 -0.13
C PHE D 535 8.32 -10.53 -0.18
N LEU D 536 9.60 -10.16 -0.22
CA LEU D 536 10.03 -8.78 -0.22
C LEU D 536 9.29 -7.89 -1.24
N PRO D 537 8.97 -8.42 -2.44
CA PRO D 537 8.06 -7.65 -3.30
C PRO D 537 6.72 -7.30 -2.65
N LYS D 538 6.02 -8.29 -2.10
CA LYS D 538 4.71 -8.10 -1.46
C LYS D 538 4.84 -7.13 -0.31
N LEU D 539 6.00 -7.14 0.33
CA LEU D 539 6.24 -6.31 1.48
C LEU D 539 6.43 -4.87 1.07
N LEU D 540 7.50 -4.67 0.30
CA LEU D 540 7.90 -3.40 -0.28
C LEU D 540 6.72 -2.67 -0.95
N SER D 541 5.83 -3.43 -1.59
CA SER D 541 4.70 -2.82 -2.30
C SER D 541 3.61 -2.21 -1.38
N ALA D 542 3.17 -2.98 -0.37
CA ALA D 542 2.14 -2.50 0.58
C ALA D 542 2.72 -1.63 1.70
N THR D 543 3.76 -0.85 1.38
CA THR D 543 4.43 0.08 2.31
C THR D 543 5.38 1.08 1.61
P TQV E . 5.58 36.39 -10.18
C1 TQV E . 5.14 37.83 -12.55
C2 TQV E . 4.83 36.77 -13.39
O1P TQV E . 5.71 35.18 -11.16
C3 TQV E . 4.46 37.00 -14.71
O2P TQV E . 5.56 37.62 -11.22
C4 TQV E . 4.45 38.29 -15.22
C5 TQV E . 4.81 39.36 -14.39
C6 TQV E . 5.20 39.12 -13.08
C7 TQV E . 5.53 40.32 -12.24
C8 TQV E . 6.94 34.69 -11.68
C9 TQV E . 7.33 33.53 -11.03
O3P TQV E . 6.71 36.42 -9.27
C10 TQV E . 6.84 33.25 -9.75
C11 TQV E . 7.24 32.08 -9.12
C12 TQV E . 8.12 31.20 -9.75
C13 TQV E . 8.61 31.49 -11.02
C14 TQV E . 8.21 32.65 -11.67
O15 TQV E . 8.63 32.99 -12.92
C1 NAG F . 36.38 27.25 8.93
C2 NAG F . 36.77 28.20 10.07
C3 NAG F . 38.09 28.91 9.79
C4 NAG F . 39.17 27.93 9.37
C5 NAG F . 38.71 26.99 8.26
C6 NAG F . 39.75 25.90 7.97
C7 NAG F . 35.07 29.29 11.47
C8 NAG F . 34.15 30.48 11.63
N2 NAG F . 35.71 29.19 10.31
O3 NAG F . 38.52 29.63 10.93
O4 NAG F . 40.33 28.65 8.96
O5 NAG F . 37.46 26.38 8.60
O6 NAG F . 39.52 25.25 6.74
O7 NAG F . 35.21 28.48 12.39
CL CL G . 31.20 42.13 9.10
S SO4 H . -15.73 25.16 -8.23
O1 SO4 H . -15.40 24.14 -9.24
O2 SO4 H . -14.95 24.88 -7.03
O3 SO4 H . -17.16 25.11 -7.91
O4 SO4 H . -15.44 26.49 -8.77
S SO4 I . -8.07 25.68 5.19
O1 SO4 I . -8.48 26.77 4.32
O2 SO4 I . -7.45 24.63 4.39
O3 SO4 I . -9.25 25.13 5.87
O4 SO4 I . -7.11 26.17 6.19
S SO4 J . -13.36 15.30 -7.08
O1 SO4 J . -14.01 14.15 -7.72
O2 SO4 J . -12.67 14.85 -5.88
O3 SO4 J . -14.31 16.37 -6.74
O4 SO4 J . -12.39 15.83 -8.02
S SO4 K . -15.11 43.08 -19.89
O1 SO4 K . -14.98 43.62 -21.24
O2 SO4 K . -14.91 41.64 -19.91
O3 SO4 K . -16.45 43.36 -19.33
O4 SO4 K . -14.09 43.68 -19.04
S SO4 L . 8.05 62.41 -18.28
O1 SO4 L . 8.47 61.09 -17.79
O2 SO4 L . 6.80 62.85 -17.67
O3 SO4 L . 9.06 63.41 -17.97
O4 SO4 L . 7.85 62.33 -19.72
S SO4 M . 30.93 41.61 -10.25
O1 SO4 M . 31.25 40.79 -9.09
O2 SO4 M . 30.29 42.85 -9.82
O3 SO4 M . 32.17 41.88 -10.97
O4 SO4 M . 30.02 40.89 -11.14
CL CL N . -10.10 31.14 -22.49
CL CL O . -5.96 8.92 -19.32
P TQV P . -32.03 -5.78 -4.26
C1 TQV P . -34.54 -4.77 -3.60
C2 TQV P . -34.20 -3.60 -2.94
O1P TQV P . -31.66 -5.05 -2.92
C3 TQV P . -35.18 -2.73 -2.47
O2P TQV P . -33.62 -5.72 -4.07
C4 TQV P . -36.52 -3.06 -2.61
C5 TQV P . -36.86 -4.25 -3.23
C6 TQV P . -35.88 -5.13 -3.69
C7 TQV P . -36.27 -6.41 -4.37
C8 TQV P . -31.71 -5.79 -1.71
C9 TQV P . -30.58 -5.65 -0.92
O3P TQV P . -31.53 -7.14 -4.27
C10 TQV P . -29.31 -5.94 -1.41
C11 TQV P . -28.20 -5.80 -0.58
C12 TQV P . -28.37 -5.38 0.73
C13 TQV P . -29.64 -5.08 1.23
C14 TQV P . -30.75 -5.21 0.40
O15 TQV P . -32.03 -4.95 0.79
C1 NAG Q . -14.39 -36.74 7.42
C2 NAG Q . -13.58 -37.52 6.36
C3 NAG Q . -14.55 -38.39 5.56
C4 NAG Q . -15.29 -39.33 6.49
C5 NAG Q . -15.99 -38.54 7.59
C6 NAG Q . -16.64 -39.48 8.61
C7 NAG Q . -12.97 -35.73 4.67
C8 NAG Q . -12.06 -34.53 4.60
N2 NAG Q . -12.67 -36.65 5.60
O3 NAG Q . -13.87 -39.16 4.59
O4 NAG Q . -16.21 -40.13 5.76
O5 NAG Q . -15.10 -37.65 8.25
O6 NAG Q . -17.69 -40.24 8.02
O7 NAG Q . -13.92 -35.79 3.88
C1 NAG R . -36.32 11.40 12.00
C2 NAG R . -35.40 12.18 12.94
C3 NAG R . -34.22 11.29 13.34
C4 NAG R . -34.78 10.10 14.15
C5 NAG R . -35.97 9.39 13.46
C6 NAG R . -36.85 8.68 14.50
C7 NAG R . -35.63 14.62 12.61
C8 NAG R . -36.39 14.73 13.90
N2 NAG R . -34.99 13.46 12.36
O3 NAG R . -33.25 11.97 14.10
O4 NAG R . -33.72 9.19 14.42
O5 NAG R . -36.80 10.22 12.65
O6 NAG R . -38.17 8.44 14.07
O7 NAG R . -35.63 15.56 11.83
CL CL S . -15.92 18.32 7.85
S SO4 T . -21.63 14.21 -13.08
O1 SO4 T . -21.09 13.16 -13.95
O2 SO4 T . -21.06 14.09 -11.75
O3 SO4 T . -23.08 14.11 -12.99
O4 SO4 T . -21.28 15.50 -13.65
S SO4 U . -24.06 26.38 5.91
O1 SO4 U . -23.55 25.05 5.63
O2 SO4 U . -23.60 26.78 7.25
O3 SO4 U . -25.52 26.35 5.86
O4 SO4 U . -23.56 27.32 4.92
S SO4 V . -13.90 1.39 -16.32
O1 SO4 V . -13.52 0.06 -15.84
O2 SO4 V . -12.71 2.19 -16.61
O3 SO4 V . -14.69 2.07 -15.31
O4 SO4 V . -14.72 1.22 -17.53
P TQV W . -3.24 -26.25 27.73
C1 TQV W . -3.62 -28.93 28.15
C2 TQV W . -4.52 -29.19 27.12
O1P TQV W . -3.20 -26.39 26.21
C3 TQV W . -5.09 -30.43 26.92
O2P TQV W . -2.98 -27.70 28.31
C4 TQV W . -4.71 -31.48 27.75
C5 TQV W . -3.77 -31.25 28.76
C6 TQV W . -3.18 -30.00 28.92
C7 TQV W . -2.20 -29.79 30.05
C8 TQV W . -4.46 -26.58 25.53
C9 TQV W . -5.15 -25.45 25.10
O3P TQV W . -4.49 -25.69 28.17
C10 TQV W . -4.68 -24.15 25.30
C11 TQV W . -5.41 -23.08 24.83
C12 TQV W . -6.62 -23.28 24.17
C13 TQV W . -7.09 -24.57 23.96
C14 TQV W . -6.36 -25.65 24.43
O15 TQV W . -6.76 -26.95 24.27
C1 NAG X . -31.29 -2.50 35.46
C2 NAG X . -31.34 -1.34 36.47
C3 NAG X . -32.30 -1.63 37.63
C4 NAG X . -33.68 -1.99 37.08
C5 NAG X . -33.59 -3.13 36.06
C6 NAG X . -34.96 -3.37 35.41
C7 NAG X . -29.25 -0.05 36.42
C8 NAG X . -29.94 0.96 35.54
N2 NAG X . -30.00 -1.03 36.96
O3 NAG X . -32.43 -0.51 38.49
O4 NAG X . -34.56 -2.34 38.15
O5 NAG X . -32.61 -2.89 35.05
O6 NAG X . -36.01 -2.97 36.26
O7 NAG X . -28.04 0.03 36.64
CL CL Y . -9.28 -42.68 40.86
CL CL Z . -27.15 -26.80 36.63
CL CL AA . 23.95 -25.14 20.65
S SO4 BA . 16.50 -20.83 14.95
O1 SO4 BA . 15.62 -20.65 13.79
O2 SO4 BA . 15.88 -21.79 15.86
O3 SO4 BA . 16.66 -19.55 15.64
O4 SO4 BA . 17.81 -21.32 14.55
S SO4 CA . 12.75 -14.88 7.21
O1 SO4 CA . 13.26 -16.18 6.73
O2 SO4 CA . 12.93 -14.73 8.65
O3 SO4 CA . 11.34 -14.71 6.84
O4 SO4 CA . 13.45 -13.78 6.55
S SO4 DA . -28.34 -18.69 45.96
O1 SO4 DA . -28.96 -19.22 44.75
O2 SO4 DA . -27.89 -19.79 46.81
O3 SO4 DA . -29.32 -17.86 46.69
O4 SO4 DA . -27.19 -17.87 45.62
CL CL EA . -13.10 -37.34 66.16
P TQV FA . 29.66 -4.32 -13.04
C1 TQV FA . 32.33 -4.60 -12.56
C2 TQV FA . 32.28 -4.63 -11.17
O1P TQV FA . 29.52 -3.39 -11.80
C3 TQV FA . 33.45 -4.86 -10.43
O2P TQV FA . 31.23 -4.34 -13.36
C4 TQV FA . 34.67 -4.99 -11.08
C5 TQV FA . 34.71 -4.91 -12.47
C6 TQV FA . 33.55 -4.66 -13.19
C7 TQV FA . 33.56 -4.61 -14.69
C8 TQV FA . 29.59 -2.00 -11.96
C9 TQV FA . 28.62 -1.31 -11.23
O3P TQV FA . 28.76 -4.10 -14.15
C10 TQV FA . 27.26 -1.56 -11.45
C11 TQV FA . 26.32 -0.83 -10.74
C12 TQV FA . 26.75 0.12 -9.82
C13 TQV FA . 28.09 0.36 -9.59
C14 TQV FA . 29.04 -0.35 -10.31
O15 TQV FA . 30.40 -0.18 -10.16
C1 NAG GA . 11.67 23.06 -30.53
C2 NAG GA . 10.36 23.17 -31.33
C3 NAG GA . 10.69 23.31 -32.81
C4 NAG GA . 11.45 24.63 -32.98
C5 NAG GA . 12.71 24.71 -32.10
C6 NAG GA . 13.16 26.16 -31.94
C7 NAG GA . 8.30 22.30 -30.35
C8 NAG GA . 7.55 21.11 -29.83
N2 NAG GA . 9.43 22.08 -31.03
O3 NAG GA . 9.53 23.32 -33.61
O4 NAG GA . 11.80 24.83 -34.33
O5 NAG GA . 12.56 24.14 -30.79
O6 NAG GA . 13.11 26.86 -33.17
O7 NAG GA . 7.88 23.44 -30.13
C1 NAG HA . 38.96 1.14 8.17
C2 NAG HA . 38.35 1.65 9.49
C3 NAG HA . 37.16 2.56 9.19
C4 NAG HA . 37.60 3.75 8.32
C5 NAG HA . 38.47 3.34 7.11
C6 NAG HA . 39.27 4.54 6.54
C7 NAG HA . 38.68 0.11 11.41
C8 NAG HA . 39.61 1.08 12.09
N2 NAG HA . 37.94 0.55 10.37
O3 NAG HA . 36.56 3.00 10.39
O4 NAG HA . 36.44 4.41 7.85
O5 NAG HA . 39.34 2.24 7.34
O6 NAG HA . 40.60 4.68 7.01
O7 NAG HA . 38.61 -1.06 11.81
C1 NAG IA . 56.48 -12.13 -10.76
C2 NAG IA . 56.54 -10.59 -10.64
C3 NAG IA . 57.93 -10.07 -11.08
C4 NAG IA . 59.03 -10.68 -10.21
C5 NAG IA . 58.79 -12.17 -9.98
C6 NAG IA . 58.46 -12.51 -8.51
C7 NAG IA . 54.32 -10.40 -11.71
C8 NAG IA . 53.22 -10.54 -10.68
N2 NAG IA . 55.46 -9.87 -11.32
O3 NAG IA . 57.99 -8.66 -10.99
O4 NAG IA . 60.28 -10.48 -10.83
O5 NAG IA . 57.80 -12.65 -10.88
O6 NAG IA . 59.44 -11.96 -7.65
O7 NAG IA . 54.11 -10.76 -12.86
CL CL JA . 40.39 -9.48 -52.26
S SO4 KA . 20.15 -20.49 2.10
O1 SO4 KA . 19.20 -20.96 1.07
O2 SO4 KA . 19.96 -21.29 3.30
O3 SO4 KA . 19.91 -19.10 2.43
O4 SO4 KA . 21.51 -20.66 1.63
S SO4 LA . 45.38 3.67 -41.52
O1 SO4 LA . 44.53 4.74 -42.04
O2 SO4 LA . 44.82 2.41 -41.98
O3 SO4 LA . 45.39 3.74 -40.06
O4 SO4 LA . 46.74 3.82 -42.03
S SO4 MA . 40.01 -23.48 -4.37
O1 SO4 MA . 40.39 -24.88 -4.21
O2 SO4 MA . 41.16 -22.62 -4.04
O3 SO4 MA . 39.63 -23.26 -5.76
O4 SO4 MA . 38.90 -23.15 -3.50
CL CL NA . 52.29 -7.98 -26.46
CL CL OA . 31.94 14.77 -7.03
#